data_4V1V
#
_entry.id   4V1V
#
_cell.length_a   65.920
_cell.length_b   152.870
_cell.length_c   182.510
_cell.angle_alpha   90.00
_cell.angle_beta   90.00
_cell.angle_gamma   90.00
#
_symmetry.space_group_name_H-M   'P 21 21 21'
#
loop_
_entity.id
_entity.type
_entity.pdbx_description
1 polymer LYND
2 polymer LYND
3 non-polymer 'ZINC ION'
4 non-polymer 'PHOSPHOAMINOPHOSPHONIC ACID-ADENYLATE ESTER'
5 non-polymer 'MAGNESIUM ION'
#
loop_
_entity_poly.entity_id
_entity_poly.type
_entity_poly.pdbx_seq_one_letter_code
_entity_poly.pdbx_strand_id
1 'polypeptide(L)'
;MQSTPLLQIQPHFHVEVIEPKQVYLLGEQANHALTGQLYCQILPLLNGQYTLEQIVEKLDGEVPPEYIDYVLERLAEKGY
LTEAAPELSSEVAAFWSELGIAPPVAAEALRQPVTLTPVGNISEVTVAALTTALRDIGISVQTPTEAGSPTALNVVLTDD
YLQPELAKINKQALESQQTWLLVKPVGSVLWLGPVFVPGKTGCWDCLAHRLRGNREVEASVLRQKQAQQQRNGQSGSVIG
CLPTARATLPSTLQTGLQFAATEIAKWIVKYHVNATAPGTVFFPTLDGKIITLNHSILDLKSHILIKRSQCPTCGDPKIL
QHRGFEPLKLESRPKQFTSDGGHRGTTPEQTVQKYQHLISPVTGVVTELVRITDPANPLVHTYRAGHSFGSATSLRGLRN
TLKHKSSGKGKTDSQSKASGLCEAVERYSGIFQGDEPRKRATLAELGDLAIHPEQCLCFSDGQYANRETLNEQATVAHDW
IPQRFDASQAIEWTPVWSLTEQTHKYLPTALCYYHYPLPPEHRFARGDSNGNAAGNTLEEAILQGFMELVERDGVALWWY
NRLRRPAVDLGSFNEPYFVQLQQFYRENDRDLWVLDLTADLGIPAFAGVSNRKTGSSERLILGFGAHLDPTIAILRAVTE
VNQIGLELDKVPDENLKSDATDWLITEKLADHPYLLPDTTQPLKTAQDYPKRWSDDIYTDVMTCVNIAQQAGLETLVIDQ
TRPDIGLNVVKVTVPGMRHFWSRFGEGRLYDVPVKLGWLDEPLTEAQMNPTPMPF
;
A,B
2 'polypeptide(L)' MDKKNILPQQGQPVIRLTAGQLSSQLAELSEEALGDAGLEASKITACITFAAYDGELEHHHHHH C,D
#
# COMPACT_ATOMS: atom_id res chain seq x y z
N THR A 4 -9.79 53.01 0.05
CA THR A 4 -10.51 51.86 -0.54
C THR A 4 -9.61 50.62 -0.54
N PRO A 5 -10.13 49.45 -0.92
CA PRO A 5 -9.32 48.25 -0.87
C PRO A 5 -8.79 47.84 -2.23
N LEU A 6 -7.52 47.47 -2.30
CA LEU A 6 -6.97 46.90 -3.52
C LEU A 6 -7.71 45.62 -3.89
N LEU A 7 -7.86 45.40 -5.18
CA LEU A 7 -8.43 44.16 -5.69
C LEU A 7 -7.29 43.34 -6.28
N GLN A 8 -7.21 42.08 -5.88
CA GLN A 8 -6.24 41.16 -6.46
C GLN A 8 -6.81 39.77 -6.66
N ILE A 9 -6.33 39.09 -7.69
CA ILE A 9 -6.63 37.68 -7.89
C ILE A 9 -5.94 36.93 -6.77
N GLN A 10 -6.42 35.73 -6.48
CA GLN A 10 -5.86 34.92 -5.39
C GLN A 10 -4.33 34.96 -5.45
N PRO A 11 -3.68 35.30 -4.31
CA PRO A 11 -2.23 35.50 -4.32
C PRO A 11 -1.38 34.29 -4.69
N HIS A 12 -1.83 33.08 -4.41
CA HIS A 12 -1.02 31.89 -4.75
C HIS A 12 -0.90 31.67 -6.27
N PHE A 13 -1.88 32.15 -7.02
CA PHE A 13 -1.90 31.99 -8.47
C PHE A 13 -0.91 32.91 -9.18
N HIS A 14 -0.17 32.34 -10.11
CA HIS A 14 0.68 33.12 -11.01
C HIS A 14 -0.03 33.35 -12.33
N VAL A 15 -0.15 34.62 -12.72
CA VAL A 15 -0.94 34.99 -13.88
C VAL A 15 -0.09 34.99 -15.14
N GLU A 16 -0.60 34.35 -16.18
CA GLU A 16 0.05 34.33 -17.48
C GLU A 16 -1.00 34.47 -18.57
N VAL A 17 -0.90 35.56 -19.34
CA VAL A 17 -1.86 35.85 -20.40
C VAL A 17 -1.41 35.26 -21.74
N ILE A 18 -2.29 34.49 -22.36
CA ILE A 18 -2.11 34.05 -23.74
C ILE A 18 -3.12 34.83 -24.56
N GLU A 19 -2.61 35.86 -25.23
CA GLU A 19 -3.37 37.05 -25.65
C GLU A 19 -4.77 36.88 -26.26
N PRO A 20 -4.90 36.08 -27.33
CA PRO A 20 -6.18 36.19 -28.04
C PRO A 20 -7.41 35.91 -27.17
N LYS A 21 -7.41 34.83 -26.40
CA LYS A 21 -8.61 34.42 -25.66
C LYS A 21 -8.39 33.83 -24.26
N GLN A 22 -7.20 33.32 -23.95
CA GLN A 22 -6.98 32.61 -22.69
C GLN A 22 -6.04 33.32 -21.72
N VAL A 23 -6.25 33.07 -20.43
CA VAL A 23 -5.35 33.53 -19.37
C VAL A 23 -5.24 32.45 -18.29
N TYR A 24 -4.04 31.92 -18.12
CA TYR A 24 -3.81 30.79 -17.21
C TYR A 24 -3.41 31.25 -15.82
N LEU A 25 -4.09 30.70 -14.82
CA LEU A 25 -3.77 30.93 -13.42
C LEU A 25 -3.04 29.70 -12.90
N LEU A 26 -1.71 29.78 -12.89
CA LEU A 26 -0.87 28.66 -12.47
C LEU A 26 -0.57 28.69 -10.98
N GLY A 27 -0.83 27.58 -10.30
CA GLY A 27 -0.57 27.44 -8.88
C GLY A 27 0.29 26.23 -8.61
N GLU A 28 0.78 26.11 -7.38
CA GLU A 28 1.67 25.02 -7.02
C GLU A 28 0.95 23.66 -6.94
N GLN A 29 -0.31 23.68 -6.49
CA GLN A 29 -1.08 22.45 -6.30
C GLN A 29 -2.33 22.39 -7.17
N ALA A 30 -2.64 23.50 -7.85
CA ALA A 30 -3.83 23.59 -8.70
C ALA A 30 -3.58 24.58 -9.82
N ASN A 31 -4.10 24.27 -11.00
CA ASN A 31 -4.03 25.18 -12.14
C ASN A 31 -5.40 25.46 -12.72
N HIS A 32 -5.63 26.70 -13.14
CA HIS A 32 -6.90 27.10 -13.71
C HIS A 32 -6.70 27.86 -15.02
N ALA A 33 -7.74 27.86 -15.84
CA ALA A 33 -7.71 28.53 -17.14
C ALA A 33 -8.96 29.35 -17.33
N LEU A 34 -8.77 30.60 -17.74
CA LEU A 34 -9.89 31.49 -18.01
C LEU A 34 -9.98 31.77 -19.50
N THR A 35 -11.19 32.00 -19.97
CA THR A 35 -11.44 32.22 -21.38
C THR A 35 -12.23 33.51 -21.57
N GLY A 36 -11.88 34.27 -22.61
CA GLY A 36 -12.59 35.50 -22.93
C GLY A 36 -11.66 36.71 -23.02
N GLN A 37 -11.89 37.55 -24.03
CA GLN A 37 -11.10 38.76 -24.24
C GLN A 37 -10.92 39.55 -22.96
N LEU A 38 -12.04 39.77 -22.30
CA LEU A 38 -12.12 40.68 -21.16
C LEU A 38 -11.14 40.29 -20.07
N TYR A 39 -10.95 38.98 -19.89
CA TYR A 39 -10.00 38.51 -18.91
C TYR A 39 -8.59 38.96 -19.27
N CYS A 40 -8.19 38.75 -20.52
CA CYS A 40 -6.87 39.14 -20.97
C CYS A 40 -6.65 40.62 -20.78
N GLN A 41 -7.70 41.41 -20.98
CA GLN A 41 -7.61 42.85 -20.82
C GLN A 41 -7.62 43.26 -19.34
N ILE A 42 -8.47 42.60 -18.55
CA ILE A 42 -8.76 43.05 -17.19
C ILE A 42 -7.84 42.47 -16.13
N LEU A 43 -7.50 41.20 -16.26
CA LEU A 43 -6.76 40.50 -15.20
C LEU A 43 -5.36 41.04 -14.91
N PRO A 44 -4.65 41.56 -15.94
CA PRO A 44 -3.31 42.05 -15.62
C PRO A 44 -3.33 43.19 -14.60
N LEU A 45 -4.49 43.76 -14.36
CA LEU A 45 -4.65 44.82 -13.36
C LEU A 45 -5.17 44.28 -12.04
N LEU A 46 -5.35 42.96 -11.96
CA LEU A 46 -5.80 42.31 -10.74
C LEU A 46 -4.62 41.68 -9.99
N ASN A 47 -3.47 42.34 -10.04
CA ASN A 47 -2.29 41.89 -9.31
C ASN A 47 -2.17 42.59 -7.96
N GLY A 48 -3.22 43.31 -7.57
CA GLY A 48 -3.24 43.97 -6.27
C GLY A 48 -2.43 45.24 -6.23
N GLN A 49 -2.67 46.12 -7.20
CA GLN A 49 -2.05 47.45 -7.22
C GLN A 49 -3.02 48.53 -7.66
N TYR A 50 -4.30 48.16 -7.78
CA TYR A 50 -5.33 49.06 -8.30
C TYR A 50 -6.58 48.95 -7.46
N THR A 51 -7.28 50.07 -7.31
CA THR A 51 -8.60 50.09 -6.68
C THR A 51 -9.65 50.07 -7.79
N LEU A 52 -10.85 49.59 -7.49
CA LEU A 52 -11.91 49.53 -8.48
C LEU A 52 -12.24 50.93 -9.03
N GLU A 53 -12.12 51.95 -8.18
CA GLU A 53 -12.26 53.31 -8.67
C GLU A 53 -11.11 53.64 -9.63
N GLN A 54 -9.94 53.09 -9.34
CA GLN A 54 -8.75 53.33 -10.13
C GLN A 54 -8.74 52.53 -11.44
N ILE A 55 -9.33 51.33 -11.41
CA ILE A 55 -9.25 50.42 -12.55
C ILE A 55 -9.92 51.00 -13.79
N VAL A 56 -11.02 51.71 -13.60
CA VAL A 56 -11.82 52.17 -14.73
C VAL A 56 -10.97 53.04 -15.64
N GLU A 57 -10.26 53.99 -15.05
CA GLU A 57 -9.55 55.00 -15.84
C GLU A 57 -8.54 54.42 -16.82
N LYS A 58 -7.83 53.39 -16.40
CA LYS A 58 -6.75 52.83 -17.21
C LYS A 58 -7.29 52.19 -18.48
N LEU A 59 -8.45 51.57 -18.37
CA LEU A 59 -9.10 50.92 -19.51
C LEU A 59 -10.35 51.69 -19.96
N ASP A 60 -10.68 52.79 -19.27
CA ASP A 60 -11.82 53.63 -19.64
C ASP A 60 -11.68 54.09 -21.09
N GLY A 61 -12.73 53.88 -21.88
CA GLY A 61 -12.66 54.06 -23.31
C GLY A 61 -12.41 52.75 -24.04
N GLU A 62 -12.03 51.72 -23.28
CA GLU A 62 -11.76 50.39 -23.84
C GLU A 62 -12.76 49.36 -23.33
N VAL A 63 -13.13 49.45 -22.06
CA VAL A 63 -14.14 48.59 -21.46
C VAL A 63 -15.10 49.41 -20.58
N PRO A 64 -16.42 49.21 -20.76
CA PRO A 64 -17.39 49.93 -19.90
C PRO A 64 -17.30 49.50 -18.44
N PRO A 65 -17.67 50.37 -17.50
CA PRO A 65 -17.66 50.00 -16.08
C PRO A 65 -18.62 48.85 -15.73
N GLU A 66 -19.81 48.88 -16.31
CA GLU A 66 -20.82 47.84 -16.06
C GLU A 66 -20.25 46.48 -16.45
N TYR A 67 -19.58 46.43 -17.60
CA TYR A 67 -18.89 45.23 -18.04
C TYR A 67 -17.93 44.74 -16.95
N ILE A 68 -17.05 45.63 -16.52
CA ILE A 68 -16.06 45.28 -15.51
C ILE A 68 -16.72 44.62 -14.30
N ASP A 69 -17.74 45.27 -13.77
CA ASP A 69 -18.43 44.78 -12.58
C ASP A 69 -18.88 43.34 -12.79
N TYR A 70 -19.45 43.06 -13.96
CA TYR A 70 -19.91 41.72 -14.30
C TYR A 70 -18.75 40.72 -14.31
N VAL A 71 -17.60 41.16 -14.81
CA VAL A 71 -16.41 40.31 -14.85
C VAL A 71 -15.93 40.01 -13.43
N LEU A 72 -15.78 41.05 -12.63
CA LEU A 72 -15.39 40.90 -11.23
C LEU A 72 -16.48 40.18 -10.43
N GLU A 73 -17.73 40.35 -10.84
CA GLU A 73 -18.86 39.66 -10.22
C GLU A 73 -18.72 38.14 -10.38
N ARG A 74 -18.49 37.69 -11.61
CA ARG A 74 -18.36 36.27 -11.87
C ARG A 74 -17.09 35.71 -11.22
N LEU A 75 -16.05 36.53 -11.15
CA LEU A 75 -14.81 36.12 -10.50
C LEU A 75 -14.97 35.94 -9.00
N ALA A 76 -15.77 36.81 -8.39
CA ALA A 76 -16.06 36.74 -6.96
C ALA A 76 -16.89 35.49 -6.62
N GLU A 77 -17.96 35.27 -7.39
CA GLU A 77 -18.83 34.12 -7.20
C GLU A 77 -18.06 32.81 -7.24
N LYS A 78 -17.14 32.70 -8.19
CA LYS A 78 -16.42 31.46 -8.44
C LYS A 78 -15.12 31.38 -7.66
N GLY A 79 -14.81 32.41 -6.89
CA GLY A 79 -13.75 32.35 -5.88
C GLY A 79 -12.32 32.58 -6.33
N TYR A 80 -12.13 33.15 -7.52
CA TYR A 80 -10.80 33.54 -7.97
C TYR A 80 -10.42 34.94 -7.51
N LEU A 81 -11.41 35.69 -7.03
CA LEU A 81 -11.22 37.10 -6.72
C LEU A 81 -11.28 37.35 -5.22
N THR A 82 -10.36 38.17 -4.74
CA THR A 82 -10.30 38.54 -3.34
C THR A 82 -9.87 39.98 -3.17
N GLU A 83 -9.89 40.44 -1.94
CA GLU A 83 -9.34 41.73 -1.56
C GLU A 83 -8.09 41.47 -0.73
N ALA A 84 -7.05 42.25 -0.98
CA ALA A 84 -5.80 42.10 -0.25
C ALA A 84 -5.99 42.45 1.23
N ALA A 85 -5.14 41.86 2.07
CA ALA A 85 -5.16 42.15 3.51
C ALA A 85 -3.87 42.89 3.89
N PRO A 86 -4.01 44.11 4.46
CA PRO A 86 -2.78 44.87 4.78
C PRO A 86 -1.89 44.18 5.84
N GLU A 87 -2.51 43.50 6.80
CA GLU A 87 -1.80 42.85 7.90
C GLU A 87 -0.82 41.78 7.43
N LEU A 88 -1.11 41.16 6.28
CA LEU A 88 -0.37 39.99 5.83
C LEU A 88 0.59 40.29 4.70
N SER A 89 1.74 39.62 4.72
CA SER A 89 2.69 39.69 3.62
C SER A 89 2.12 38.92 2.44
N SER A 90 2.68 39.13 1.26
CA SER A 90 2.18 38.47 0.05
C SER A 90 2.35 36.97 0.14
N GLU A 91 3.52 36.51 0.60
CA GLU A 91 3.79 35.08 0.73
C GLU A 91 2.84 34.39 1.71
N VAL A 92 2.57 35.03 2.84
CA VAL A 92 1.64 34.52 3.82
C VAL A 92 0.23 34.43 3.23
N ALA A 93 -0.23 35.54 2.65
CA ALA A 93 -1.54 35.59 2.02
C ALA A 93 -1.71 34.44 1.03
N ALA A 94 -0.62 34.11 0.33
CA ALA A 94 -0.65 33.06 -0.67
C ALA A 94 -0.86 31.69 -0.05
N PHE A 95 -0.39 31.50 1.17
CA PHE A 95 -0.50 30.20 1.82
C PHE A 95 -1.95 29.87 2.16
N TRP A 96 -2.69 30.84 2.68
CA TRP A 96 -4.06 30.61 3.11
C TRP A 96 -5.04 30.62 1.94
N SER A 97 -4.77 31.46 0.95
CA SER A 97 -5.59 31.53 -0.26
C SER A 97 -5.47 30.25 -1.07
N GLU A 98 -4.30 29.61 -0.99
CA GLU A 98 -4.10 28.34 -1.66
C GLU A 98 -4.89 27.22 -0.99
N LEU A 99 -5.19 27.41 0.30
CA LEU A 99 -6.08 26.49 0.99
C LEU A 99 -7.52 26.80 0.63
N GLY A 100 -7.79 28.03 0.21
CA GLY A 100 -9.12 28.46 -0.19
C GLY A 100 -9.66 29.57 0.70
N ILE A 101 -8.78 30.13 1.53
CA ILE A 101 -9.15 31.12 2.53
C ILE A 101 -8.70 32.50 2.09
N ALA A 102 -9.67 33.38 1.86
CA ALA A 102 -9.38 34.77 1.53
C ALA A 102 -8.53 35.37 2.65
N PRO A 103 -7.47 36.11 2.27
CA PRO A 103 -6.52 36.62 3.28
C PRO A 103 -7.16 37.38 4.44
N PRO A 104 -8.17 38.24 4.18
CA PRO A 104 -8.68 39.00 5.33
C PRO A 104 -9.34 38.13 6.41
N VAL A 105 -9.90 36.99 6.04
CA VAL A 105 -10.51 36.09 7.03
C VAL A 105 -9.43 35.44 7.88
N ALA A 106 -8.31 35.08 7.24
CA ALA A 106 -7.17 34.50 7.95
C ALA A 106 -6.60 35.48 8.98
N ALA A 107 -6.46 36.73 8.58
CA ALA A 107 -5.94 37.77 9.47
C ALA A 107 -6.75 37.87 10.76
N GLU A 108 -8.07 37.73 10.63
CA GLU A 108 -8.94 37.71 11.80
C GLU A 108 -8.78 36.38 12.55
N ALA A 109 -8.60 35.30 11.80
CA ALA A 109 -8.45 33.98 12.39
C ALA A 109 -7.20 33.87 13.26
N LEU A 110 -6.08 34.36 12.73
CA LEU A 110 -4.80 34.30 13.43
C LEU A 110 -4.79 35.11 14.72
N ARG A 111 -5.78 35.98 14.87
CA ARG A 111 -5.79 36.95 15.96
C ARG A 111 -6.08 36.33 17.33
N GLN A 112 -6.65 35.13 17.34
CA GLN A 112 -6.93 34.41 18.58
C GLN A 112 -5.65 33.96 19.27
N PRO A 113 -5.51 34.28 20.57
CA PRO A 113 -4.30 33.85 21.27
C PRO A 113 -4.25 32.35 21.56
N VAL A 114 -3.15 31.93 22.18
CA VAL A 114 -2.87 30.54 22.48
C VAL A 114 -2.05 30.49 23.77
N THR A 115 -2.14 29.40 24.51
CA THR A 115 -1.26 29.19 25.65
C THR A 115 -0.34 28.01 25.40
N LEU A 116 0.90 28.11 25.88
CA LEU A 116 1.83 26.99 25.86
C LEU A 116 2.01 26.45 27.27
N THR A 117 2.21 25.13 27.35
CA THR A 117 2.47 24.49 28.62
C THR A 117 3.57 23.45 28.42
N PRO A 118 4.70 23.60 29.14
CA PRO A 118 5.69 22.53 29.13
C PRO A 118 5.35 21.48 30.19
N VAL A 119 5.60 20.22 29.86
CA VAL A 119 5.40 19.10 30.77
C VAL A 119 6.60 18.18 30.63
N GLY A 120 7.08 17.65 31.74
CA GLY A 120 8.25 16.79 31.71
C GLY A 120 9.51 17.60 31.62
N ASN A 121 10.49 17.11 30.86
CA ASN A 121 11.83 17.69 30.85
C ASN A 121 12.02 18.69 29.72
N ILE A 122 10.95 19.41 29.38
CA ILE A 122 10.97 20.39 28.29
C ILE A 122 11.40 21.76 28.80
N SER A 123 12.38 22.35 28.12
CA SER A 123 13.00 23.60 28.57
C SER A 123 12.15 24.83 28.31
N GLU A 124 12.16 25.78 29.24
CA GLU A 124 11.50 27.07 29.05
C GLU A 124 12.10 27.82 27.86
N VAL A 125 13.38 27.53 27.58
CA VAL A 125 14.04 28.00 26.38
C VAL A 125 13.35 27.45 25.16
N THR A 126 13.07 26.15 25.19
CA THR A 126 12.41 25.46 24.09
C THR A 126 10.99 25.99 23.89
N VAL A 127 10.30 26.31 24.99
CA VAL A 127 8.96 26.88 24.91
C VAL A 127 9.02 28.19 24.15
N ALA A 128 9.94 29.06 24.57
CA ALA A 128 10.13 30.36 23.92
C ALA A 128 10.45 30.18 22.46
N ALA A 129 11.26 29.16 22.13
CA ALA A 129 11.62 28.88 20.75
C ALA A 129 10.38 28.67 19.90
N LEU A 130 9.39 27.97 20.45
CA LEU A 130 8.13 27.76 19.76
C LEU A 130 7.36 29.08 19.74
N THR A 131 7.37 29.80 20.85
CA THR A 131 6.66 31.08 20.95
C THR A 131 7.10 32.00 19.82
N THR A 132 8.42 32.06 19.62
CA THR A 132 9.01 32.83 18.53
C THR A 132 8.48 32.32 17.20
N ALA A 133 8.53 31.01 17.01
CA ALA A 133 8.12 30.42 15.75
C ALA A 133 6.67 30.77 15.43
N LEU A 134 5.81 30.72 16.44
CA LEU A 134 4.38 31.00 16.28
C LEU A 134 4.13 32.47 16.02
N ARG A 135 4.82 33.31 16.79
CA ARG A 135 4.69 34.74 16.69
C ARG A 135 5.05 35.24 15.29
N ASP A 136 6.06 34.63 14.68
CA ASP A 136 6.54 35.02 13.35
C ASP A 136 5.54 34.76 12.23
N ILE A 137 4.50 33.99 12.52
CA ILE A 137 3.38 33.81 11.57
C ILE A 137 2.09 34.41 12.11
N GLY A 138 2.21 35.33 13.05
CA GLY A 138 1.09 36.17 13.45
C GLY A 138 0.13 35.54 14.45
N ILE A 139 0.68 34.87 15.45
CA ILE A 139 -0.15 34.23 16.47
C ILE A 139 0.23 34.68 17.86
N SER A 140 -0.61 35.52 18.45
CA SER A 140 -0.42 35.96 19.83
C SER A 140 -0.35 34.73 20.75
N VAL A 141 0.44 34.83 21.81
CA VAL A 141 0.58 33.75 22.77
C VAL A 141 0.36 34.28 24.18
N GLN A 142 -0.65 33.75 24.86
CA GLN A 142 -1.02 34.25 26.18
C GLN A 142 -0.20 33.68 27.32
N THR A 143 0.12 34.57 28.25
CA THR A 143 0.84 34.25 29.48
C THR A 143 0.43 32.91 30.09
N THR A 151 -8.45 30.19 26.78
CA THR A 151 -7.91 30.28 25.42
C THR A 151 -8.67 29.44 24.41
N ALA A 152 -8.39 29.68 23.14
CA ALA A 152 -8.98 28.92 22.06
C ALA A 152 -8.19 27.64 21.79
N LEU A 153 -7.00 27.55 22.39
CA LEU A 153 -6.14 26.38 22.20
C LEU A 153 -5.00 26.38 23.20
N ASN A 154 -4.82 25.26 23.89
CA ASN A 154 -3.65 25.06 24.74
C ASN A 154 -2.71 24.06 24.08
N VAL A 155 -1.46 24.44 23.93
CA VAL A 155 -0.45 23.58 23.32
C VAL A 155 0.46 23.03 24.39
N VAL A 156 0.54 21.71 24.49
CA VAL A 156 1.37 21.06 25.49
C VAL A 156 2.61 20.44 24.85
N LEU A 157 3.77 20.76 25.42
CA LEU A 157 5.05 20.21 24.96
C LEU A 157 5.55 19.16 25.94
N THR A 158 5.82 17.96 25.45
CA THR A 158 6.31 16.88 26.29
C THR A 158 7.55 16.23 25.70
N ASP A 159 8.26 15.48 26.54
CA ASP A 159 9.36 14.62 26.08
C ASP A 159 8.89 13.18 25.94
N ASP A 160 7.62 12.95 26.26
CA ASP A 160 7.04 11.63 26.29
C ASP A 160 5.55 11.74 26.51
N TYR A 161 4.78 11.08 25.64
CA TYR A 161 3.33 11.16 25.67
C TYR A 161 2.67 10.47 26.87
N LEU A 162 3.45 9.76 27.69
CA LEU A 162 2.93 9.08 28.88
C LEU A 162 3.36 9.76 30.19
N GLN A 163 3.68 11.05 30.14
CA GLN A 163 4.03 11.77 31.36
C GLN A 163 2.78 11.89 32.25
N PRO A 164 2.90 11.53 33.54
CA PRO A 164 1.71 11.56 34.41
C PRO A 164 1.02 12.92 34.50
N GLU A 165 1.78 13.99 34.33
CA GLU A 165 1.23 15.33 34.42
C GLU A 165 0.13 15.55 33.39
N LEU A 166 0.20 14.81 32.28
CA LEU A 166 -0.77 14.94 31.19
C LEU A 166 -2.15 14.48 31.59
N ALA A 167 -2.22 13.49 32.47
CA ALA A 167 -3.50 13.02 32.96
C ALA A 167 -4.28 14.17 33.60
N LYS A 168 -3.59 14.91 34.45
CA LYS A 168 -4.22 16.01 35.20
C LYS A 168 -4.73 17.09 34.26
N ILE A 169 -3.97 17.32 33.19
CA ILE A 169 -4.33 18.30 32.18
C ILE A 169 -5.56 17.86 31.43
N ASN A 170 -5.54 16.61 30.96
CA ASN A 170 -6.65 16.05 30.21
C ASN A 170 -7.97 16.21 30.94
N LYS A 171 -7.97 15.87 32.23
CA LYS A 171 -9.17 15.97 33.04
C LYS A 171 -9.58 17.44 33.14
N GLN A 172 -8.60 18.31 33.27
CA GLN A 172 -8.86 19.74 33.32
C GLN A 172 -9.48 20.21 32.01
N ALA A 173 -8.97 19.71 30.89
CA ALA A 173 -9.50 20.02 29.57
C ALA A 173 -10.95 19.58 29.45
N LEU A 174 -11.21 18.35 29.87
CA LEU A 174 -12.55 17.77 29.79
C LEU A 174 -13.56 18.54 30.63
N GLU A 175 -13.19 18.87 31.87
CA GLU A 175 -14.07 19.63 32.76
C GLU A 175 -14.38 21.01 32.20
N SER A 176 -13.37 21.67 31.62
CA SER A 176 -13.54 23.02 31.09
C SER A 176 -13.85 23.04 29.59
N GLN A 177 -13.96 21.85 28.99
CA GLN A 177 -14.30 21.72 27.57
C GLN A 177 -13.29 22.47 26.71
N GLN A 178 -12.02 22.38 27.10
CA GLN A 178 -10.93 23.12 26.49
C GLN A 178 -10.22 22.28 25.44
N THR A 179 -10.20 22.76 24.20
CA THR A 179 -9.44 22.09 23.14
C THR A 179 -7.96 22.28 23.41
N TRP A 180 -7.15 21.30 23.05
CA TRP A 180 -5.71 21.40 23.24
C TRP A 180 -4.92 20.50 22.31
N LEU A 181 -3.61 20.74 22.25
CA LEU A 181 -2.71 20.04 21.34
C LEU A 181 -1.50 19.49 22.09
N LEU A 182 -1.00 18.33 21.63
CA LEU A 182 0.17 17.71 22.22
C LEU A 182 1.29 17.62 21.19
N VAL A 183 2.51 17.97 21.60
CA VAL A 183 3.70 17.90 20.75
C VAL A 183 4.91 17.35 21.49
N LYS A 184 5.71 16.53 20.81
CA LYS A 184 6.99 16.07 21.33
C LYS A 184 8.08 16.33 20.28
N PRO A 185 8.77 17.48 20.39
CA PRO A 185 9.79 17.84 19.41
C PRO A 185 11.17 17.24 19.65
N VAL A 186 11.45 16.89 20.90
CA VAL A 186 12.73 16.28 21.28
C VAL A 186 12.74 14.80 20.94
N GLY A 187 13.93 14.22 20.90
CA GLY A 187 14.07 12.84 20.51
C GLY A 187 14.25 12.74 19.01
N SER A 188 14.47 11.52 18.52
CA SER A 188 14.72 11.27 17.12
C SER A 188 13.44 11.02 16.35
N VAL A 189 12.32 11.05 17.05
CA VAL A 189 11.02 10.91 16.41
C VAL A 189 10.07 12.00 16.87
N LEU A 190 9.79 12.94 15.99
CA LEU A 190 8.82 14.00 16.26
C LEU A 190 7.44 13.39 16.37
N TRP A 191 6.73 13.67 17.47
CA TRP A 191 5.31 13.39 17.57
C TRP A 191 4.56 14.69 17.54
N LEU A 192 3.64 14.82 16.59
CA LEU A 192 2.87 16.03 16.40
C LEU A 192 1.38 15.68 16.42
N GLY A 193 0.67 16.20 17.42
CA GLY A 193 -0.75 15.91 17.58
C GLY A 193 -1.04 14.87 18.65
N PRO A 194 -2.33 14.63 18.93
CA PRO A 194 -3.49 15.19 18.23
C PRO A 194 -4.02 16.48 18.83
N VAL A 195 -4.99 17.08 18.16
CA VAL A 195 -5.79 18.13 18.77
C VAL A 195 -6.97 17.46 19.47
N PHE A 196 -6.95 17.46 20.80
CA PHE A 196 -8.04 16.89 21.58
C PHE A 196 -9.18 17.90 21.63
N VAL A 197 -10.35 17.49 21.16
CA VAL A 197 -11.55 18.29 21.31
C VAL A 197 -12.55 17.56 22.21
N PRO A 198 -12.66 17.98 23.48
CA PRO A 198 -13.57 17.33 24.42
C PRO A 198 -14.97 17.10 23.86
N GLY A 199 -15.51 15.91 24.10
CA GLY A 199 -16.84 15.55 23.64
C GLY A 199 -16.93 15.27 22.17
N LYS A 200 -15.79 15.27 21.48
CA LYS A 200 -15.75 15.09 20.02
C LYS A 200 -14.71 14.05 19.64
N THR A 201 -13.43 14.36 19.83
CA THR A 201 -12.36 13.41 19.55
C THR A 201 -12.13 12.48 20.74
N GLY A 202 -11.04 11.72 20.66
CA GLY A 202 -10.59 10.95 21.80
C GLY A 202 -9.98 11.90 22.81
N CYS A 203 -9.61 11.36 23.97
CA CYS A 203 -8.89 12.11 24.98
C CYS A 203 -7.52 11.48 25.17
N TRP A 204 -6.75 12.03 26.11
CA TRP A 204 -5.39 11.55 26.30
C TRP A 204 -5.41 10.10 26.78
N ASP A 205 -6.35 9.80 27.66
CA ASP A 205 -6.45 8.48 28.26
C ASP A 205 -6.74 7.43 27.20
N CYS A 206 -7.59 7.77 26.24
CA CYS A 206 -7.88 6.90 25.09
C CYS A 206 -6.61 6.63 24.29
N LEU A 207 -5.80 7.66 24.05
CA LEU A 207 -4.48 7.50 23.43
C LEU A 207 -3.59 6.66 24.35
N ALA A 208 -3.58 7.00 25.62
CA ALA A 208 -2.70 6.36 26.60
C ALA A 208 -2.93 4.86 26.67
N HIS A 209 -4.19 4.46 26.54
CA HIS A 209 -4.55 3.05 26.63
C HIS A 209 -3.88 2.24 25.53
N ARG A 210 -3.83 2.80 24.34
CA ARG A 210 -3.14 2.16 23.24
C ARG A 210 -1.62 2.22 23.43
N LEU A 211 -1.11 3.36 23.90
CA LEU A 211 0.34 3.52 24.07
C LEU A 211 0.91 2.53 25.05
N ARG A 212 0.28 2.42 26.21
CA ARG A 212 0.77 1.54 27.26
C ARG A 212 0.94 0.11 26.72
N GLY A 213 0.08 -0.29 25.80
CA GLY A 213 0.17 -1.61 25.20
C GLY A 213 1.32 -1.75 24.21
N ASN A 214 1.65 -0.65 23.53
CA ASN A 214 2.69 -0.67 22.51
C ASN A 214 4.08 -0.36 23.04
N ARG A 215 4.17 -0.02 24.33
CA ARG A 215 5.45 0.23 24.99
C ARG A 215 5.69 -0.90 25.99
N GLU A 216 5.98 -2.09 25.46
CA GLU A 216 5.95 -3.30 26.28
C GLU A 216 7.15 -3.48 27.21
N VAL A 217 8.35 -3.37 26.67
CA VAL A 217 9.54 -3.52 27.51
C VAL A 217 9.52 -2.48 28.61
N GLU A 218 9.19 -1.25 28.24
CA GLU A 218 9.10 -0.15 29.19
C GLU A 218 8.06 -0.45 30.26
N ALA A 219 6.96 -1.07 29.84
CA ALA A 219 5.88 -1.42 30.75
C ALA A 219 6.34 -2.42 31.79
N SER A 220 7.12 -3.42 31.38
CA SER A 220 7.66 -4.40 32.32
C SER A 220 8.76 -3.80 33.19
N VAL A 221 9.67 -3.04 32.58
CA VAL A 221 10.78 -2.43 33.33
C VAL A 221 10.26 -1.55 34.45
N LEU A 222 9.13 -0.88 34.21
CA LEU A 222 8.49 -0.09 35.27
C LEU A 222 7.86 -0.99 36.32
N ARG A 223 7.38 -2.17 35.89
CA ARG A 223 6.87 -3.17 36.84
C ARG A 223 7.99 -3.71 37.72
N GLN A 224 9.06 -4.19 37.09
CA GLN A 224 10.19 -4.78 37.80
C GLN A 224 10.78 -3.80 38.80
N LYS A 225 10.86 -2.54 38.41
CA LYS A 225 11.48 -1.51 39.22
C LYS A 225 10.68 -1.16 40.47
N GLN A 226 9.38 -0.96 40.30
CA GLN A 226 8.52 -0.55 41.41
C GLN A 226 8.25 -1.71 42.37
N ALA A 227 8.50 -2.94 41.90
CA ALA A 227 8.47 -4.10 42.78
C ALA A 227 9.58 -4.03 43.81
N GLN A 228 10.76 -3.59 43.38
CA GLN A 228 11.94 -3.51 44.23
C GLN A 228 12.34 -2.05 44.48
N GLY A 240 6.49 6.57 36.35
CA GLY A 240 5.35 6.48 35.43
C GLY A 240 5.76 6.29 33.99
N CYS A 241 6.86 6.92 33.58
CA CYS A 241 7.42 6.75 32.23
C CYS A 241 8.92 7.04 32.25
N LEU A 242 9.60 6.73 31.15
CA LEU A 242 11.05 6.84 31.07
C LEU A 242 11.50 7.72 29.88
N PRO A 243 12.68 8.34 30.00
CA PRO A 243 13.17 9.23 28.94
C PRO A 243 13.88 8.49 27.81
N THR A 244 13.14 8.15 26.76
CA THR A 244 13.74 7.64 25.54
C THR A 244 14.25 8.81 24.68
N ALA A 245 13.80 10.02 24.99
CA ALA A 245 14.09 11.20 24.20
C ALA A 245 15.43 11.82 24.56
N ARG A 246 16.48 11.28 23.97
CA ARG A 246 17.84 11.75 24.22
C ARG A 246 18.47 12.28 22.94
N ALA A 247 18.26 11.58 21.83
CA ALA A 247 18.83 11.97 20.54
C ALA A 247 18.15 13.21 19.96
N THR A 248 18.80 14.36 20.07
CA THR A 248 18.23 15.60 19.56
C THR A 248 19.28 16.53 18.98
N LEU A 249 19.18 16.83 17.70
CA LEU A 249 19.97 17.91 17.12
C LEU A 249 19.21 19.20 17.33
N PRO A 250 19.92 20.34 17.41
CA PRO A 250 19.15 21.58 17.47
C PRO A 250 18.35 21.82 16.20
N SER A 251 18.70 21.12 15.12
CA SER A 251 17.96 21.21 13.86
C SER A 251 16.67 20.38 13.90
N THR A 252 16.77 19.12 14.32
CA THR A 252 15.58 18.29 14.45
C THR A 252 14.62 18.84 15.50
N LEU A 253 15.16 19.63 16.42
CA LEU A 253 14.35 20.29 17.43
C LEU A 253 13.59 21.47 16.82
N GLN A 254 14.32 22.31 16.08
CA GLN A 254 13.73 23.48 15.46
C GLN A 254 12.76 23.05 14.36
N THR A 255 13.07 21.92 13.71
CA THR A 255 12.21 21.36 12.69
C THR A 255 10.83 21.02 13.26
N GLY A 256 10.82 20.38 14.42
CA GLY A 256 9.57 19.99 15.05
C GLY A 256 8.75 21.18 15.51
N LEU A 257 9.39 22.14 16.16
CA LEU A 257 8.69 23.30 16.70
C LEU A 257 8.05 24.13 15.60
N GLN A 258 8.80 24.32 14.54
CA GLN A 258 8.33 25.10 13.40
C GLN A 258 7.18 24.38 12.70
N PHE A 259 7.37 23.08 12.49
CA PHE A 259 6.37 22.21 11.91
C PHE A 259 5.10 22.23 12.78
N ALA A 260 5.29 22.20 14.09
CA ALA A 260 4.17 22.31 15.02
C ALA A 260 3.42 23.63 14.84
N ALA A 261 4.17 24.72 14.70
CA ALA A 261 3.59 26.03 14.53
C ALA A 261 2.71 26.10 13.27
N THR A 262 3.22 25.55 12.18
CA THR A 262 2.46 25.52 10.94
C THR A 262 1.12 24.85 11.16
N GLU A 263 1.16 23.69 11.81
CA GLU A 263 -0.07 22.92 12.05
C GLU A 263 -0.99 23.59 13.05
N ILE A 264 -0.42 24.23 14.07
CA ILE A 264 -1.24 24.99 15.00
C ILE A 264 -2.02 26.05 14.23
N ALA A 265 -1.33 26.81 13.40
CA ALA A 265 -1.97 27.86 12.60
C ALA A 265 -3.10 27.29 11.74
N LYS A 266 -2.85 26.13 11.13
CA LYS A 266 -3.85 25.47 10.29
C LYS A 266 -5.10 25.10 11.07
N TRP A 267 -4.91 24.72 12.32
CA TRP A 267 -6.04 24.41 13.18
C TRP A 267 -6.87 25.65 13.42
N ILE A 268 -6.21 26.74 13.84
CA ILE A 268 -6.91 27.98 14.16
C ILE A 268 -7.71 28.47 12.98
N VAL A 269 -7.06 28.51 11.82
CA VAL A 269 -7.65 29.08 10.63
C VAL A 269 -8.80 28.22 10.10
N LYS A 270 -8.61 26.90 10.07
CA LYS A 270 -9.69 25.98 9.69
C LYS A 270 -10.89 26.18 10.59
N TYR A 271 -10.64 26.17 11.90
CA TYR A 271 -11.70 26.30 12.90
C TYR A 271 -12.51 27.56 12.63
N HIS A 272 -11.80 28.64 12.33
CA HIS A 272 -12.43 29.92 12.07
C HIS A 272 -13.32 29.90 10.83
N VAL A 273 -12.79 29.38 9.73
CA VAL A 273 -13.45 29.49 8.43
C VAL A 273 -14.59 28.50 8.26
N ASN A 274 -14.46 27.30 8.79
CA ASN A 274 -15.53 26.32 8.68
C ASN A 274 -16.82 26.79 9.34
N ALA A 275 -16.71 27.72 10.28
CA ALA A 275 -17.87 28.38 10.86
C ALA A 275 -18.27 29.62 10.06
N THR A 276 -17.29 30.47 9.81
CA THR A 276 -17.52 31.72 9.08
C THR A 276 -17.96 31.45 7.64
N ALA A 277 -17.40 30.41 7.03
CA ALA A 277 -17.68 30.04 5.64
C ALA A 277 -17.68 28.51 5.48
N PRO A 278 -18.74 27.85 5.94
CA PRO A 278 -18.79 26.38 5.98
C PRO A 278 -18.89 25.73 4.61
N GLY A 279 -18.24 24.59 4.45
CA GLY A 279 -18.40 23.78 3.25
C GLY A 279 -17.68 24.32 2.03
N THR A 280 -17.00 25.46 2.19
CA THR A 280 -16.32 26.11 1.06
C THR A 280 -14.87 25.66 0.98
N VAL A 281 -14.30 25.21 2.09
CA VAL A 281 -12.88 24.81 2.13
C VAL A 281 -12.58 23.70 3.14
N PHE A 282 -12.04 22.59 2.65
CA PHE A 282 -11.67 21.45 3.50
C PHE A 282 -10.23 20.98 3.27
N PHE A 283 -9.41 21.12 4.30
CA PHE A 283 -8.05 20.57 4.33
C PHE A 283 -7.83 19.94 5.70
N PRO A 284 -6.93 18.94 5.79
CA PRO A 284 -6.77 18.20 7.04
C PRO A 284 -5.98 18.92 8.16
N THR A 285 -6.47 18.80 9.38
CA THR A 285 -5.82 19.30 10.56
C THR A 285 -5.39 18.11 11.43
N LEU A 286 -4.78 18.37 12.59
CA LEU A 286 -4.29 17.29 13.46
C LEU A 286 -5.37 16.68 14.37
N ASP A 287 -6.62 17.14 14.26
CA ASP A 287 -7.68 16.68 15.16
C ASP A 287 -7.88 15.18 15.08
N GLY A 288 -7.75 14.52 16.21
CA GLY A 288 -7.87 13.06 16.28
C GLY A 288 -6.82 12.32 15.46
N LYS A 289 -5.71 12.99 15.18
CA LYS A 289 -4.62 12.38 14.42
C LYS A 289 -3.30 12.61 15.11
N ILE A 290 -2.41 11.63 15.04
CA ILE A 290 -1.03 11.80 15.45
C ILE A 290 -0.11 11.64 14.24
N ILE A 291 0.83 12.57 14.10
CA ILE A 291 1.84 12.50 13.03
C ILE A 291 3.20 12.22 13.62
N THR A 292 3.87 11.18 13.12
CA THR A 292 5.23 10.89 13.57
C THR A 292 6.21 11.06 12.43
N LEU A 293 7.24 11.87 12.70
CA LEU A 293 8.32 12.08 11.76
C LEU A 293 9.59 11.52 12.37
N ASN A 294 10.17 10.54 11.70
CA ASN A 294 11.40 9.91 12.15
C ASN A 294 12.60 10.60 11.50
N HIS A 295 13.38 11.30 12.32
CA HIS A 295 14.50 12.08 11.80
C HIS A 295 15.64 11.19 11.31
N SER A 296 15.75 10.00 11.88
CA SER A 296 16.87 9.09 11.58
C SER A 296 16.72 8.35 10.25
N ILE A 297 15.55 7.77 10.04
CA ILE A 297 15.28 6.98 8.83
C ILE A 297 14.39 7.72 7.84
N LEU A 298 13.86 8.86 8.26
CA LEU A 298 13.11 9.74 7.36
C LEU A 298 11.82 9.10 6.86
N ASP A 299 10.79 9.13 7.70
CA ASP A 299 9.48 8.59 7.35
C ASP A 299 8.39 9.30 8.16
N LEU A 300 7.38 9.82 7.45
CA LEU A 300 6.24 10.46 8.08
C LEU A 300 5.05 9.50 8.03
N LYS A 301 4.38 9.31 9.16
CA LYS A 301 3.24 8.41 9.23
C LYS A 301 2.10 9.05 9.99
N SER A 302 0.90 8.93 9.43
CA SER A 302 -0.31 9.40 10.10
C SER A 302 -0.91 8.27 10.93
N HIS A 303 -1.36 8.60 12.15
CA HIS A 303 -1.95 7.64 13.08
C HIS A 303 -3.29 8.15 13.60
N ILE A 304 -4.33 7.32 13.54
CA ILE A 304 -5.68 7.77 13.91
C ILE A 304 -6.07 7.41 15.34
N LEU A 305 -6.41 8.43 16.14
CA LEU A 305 -6.88 8.23 17.52
C LEU A 305 -8.39 8.01 17.58
N ILE A 306 -8.81 6.81 17.96
CA ILE A 306 -10.24 6.50 18.08
C ILE A 306 -10.76 6.85 19.47
N LYS A 307 -11.93 7.49 19.52
CA LYS A 307 -12.57 7.79 20.79
C LYS A 307 -13.17 6.52 21.38
N ARG A 308 -12.82 6.23 22.64
CA ARG A 308 -13.28 5.02 23.32
C ARG A 308 -14.54 5.28 24.15
N SER A 309 -15.67 4.75 23.67
CA SER A 309 -16.94 4.84 24.42
C SER A 309 -16.80 4.19 25.79
N GLN A 310 -15.76 3.37 25.93
CA GLN A 310 -15.53 2.60 27.14
C GLN A 310 -14.66 3.28 28.23
N CYS A 311 -13.74 4.18 27.90
CA CYS A 311 -12.72 4.54 28.90
C CYS A 311 -13.34 5.30 30.09
N PRO A 312 -12.74 5.16 31.28
CA PRO A 312 -13.29 5.77 32.50
C PRO A 312 -13.20 7.30 32.56
N THR A 313 -12.23 7.87 31.84
CA THR A 313 -11.94 9.28 31.93
C THR A 313 -12.95 10.14 31.16
N CYS A 314 -13.59 9.58 30.15
CA CYS A 314 -14.47 10.36 29.27
C CYS A 314 -15.68 9.61 28.73
N GLY A 315 -15.63 8.27 28.73
CA GLY A 315 -16.75 7.47 28.26
C GLY A 315 -17.53 6.80 29.38
N ASP A 316 -17.85 5.53 29.16
CA ASP A 316 -18.67 4.75 30.08
C ASP A 316 -18.07 3.36 30.21
N PRO A 317 -17.28 3.11 31.27
CA PRO A 317 -16.59 1.82 31.42
C PRO A 317 -17.50 0.64 31.67
N LYS A 318 -18.75 0.92 32.03
CA LYS A 318 -19.70 -0.12 32.36
C LYS A 318 -20.34 -0.76 31.12
N ILE A 319 -19.86 -0.43 29.93
CA ILE A 319 -20.48 -0.91 28.70
C ILE A 319 -20.34 -2.42 28.56
N LEU A 320 -19.12 -2.93 28.67
CA LEU A 320 -18.88 -4.37 28.52
C LEU A 320 -19.50 -5.15 29.67
N GLN A 321 -19.54 -4.55 30.85
CA GLN A 321 -20.21 -5.14 32.00
C GLN A 321 -21.65 -5.45 31.65
N HIS A 322 -22.35 -4.48 31.10
CA HIS A 322 -23.77 -4.65 30.79
C HIS A 322 -24.01 -5.60 29.65
N ARG A 323 -23.21 -5.50 28.60
CA ARG A 323 -23.37 -6.36 27.43
C ARG A 323 -23.32 -7.83 27.86
N GLY A 324 -22.33 -8.17 28.68
CA GLY A 324 -22.13 -9.54 29.11
C GLY A 324 -23.31 -10.15 29.84
N PHE A 325 -23.99 -9.32 30.63
CA PHE A 325 -25.12 -9.79 31.44
C PHE A 325 -26.46 -9.65 30.73
N GLU A 326 -26.43 -9.14 29.50
CA GLU A 326 -27.64 -9.09 28.66
C GLU A 326 -27.59 -10.19 27.62
N PRO A 327 -28.78 -10.73 27.24
CA PRO A 327 -28.83 -11.86 26.32
C PRO A 327 -28.12 -11.59 25.01
N LEU A 328 -27.48 -12.61 24.46
CA LEU A 328 -26.90 -12.51 23.14
C LEU A 328 -28.04 -12.54 22.13
N LYS A 329 -27.96 -11.68 21.13
CA LYS A 329 -28.95 -11.64 20.06
C LYS A 329 -28.26 -11.87 18.73
N LEU A 330 -28.53 -13.02 18.11
CA LEU A 330 -28.00 -13.34 16.80
C LEU A 330 -29.04 -13.07 15.72
N GLU A 331 -28.62 -13.13 14.46
CA GLU A 331 -29.50 -12.79 13.35
C GLU A 331 -28.95 -13.33 12.03
N SER A 332 -29.80 -13.37 11.02
CA SER A 332 -29.44 -13.94 9.73
C SER A 332 -28.28 -13.20 9.06
N ARG A 333 -27.38 -13.96 8.44
CA ARG A 333 -26.25 -13.40 7.70
C ARG A 333 -26.03 -14.16 6.38
N PRO A 334 -26.74 -13.78 5.32
CA PRO A 334 -26.56 -14.40 4.01
C PRO A 334 -25.11 -14.34 3.51
N LYS A 335 -24.67 -15.38 2.82
CA LYS A 335 -23.28 -15.48 2.34
C LYS A 335 -23.12 -14.91 0.93
N GLN A 336 -21.86 -14.80 0.49
CA GLN A 336 -21.54 -14.26 -0.83
C GLN A 336 -20.32 -14.97 -1.41
N GLY A 342 -14.33 -18.24 2.52
CA GLY A 342 -15.20 -18.16 1.36
C GLY A 342 -16.68 -18.25 1.67
N HIS A 343 -17.02 -18.39 2.95
CA HIS A 343 -18.41 -18.42 3.40
C HIS A 343 -18.77 -17.14 4.16
N ARG A 344 -17.80 -16.24 4.28
CA ARG A 344 -17.99 -15.01 5.05
C ARG A 344 -19.01 -14.07 4.40
N GLY A 345 -19.25 -12.94 5.06
CA GLY A 345 -20.25 -11.98 4.61
C GLY A 345 -19.67 -10.81 3.84
N THR A 346 -18.33 -10.74 3.79
CA THR A 346 -17.66 -9.65 3.08
C THR A 346 -16.36 -10.16 2.45
N THR A 347 -15.75 -9.32 1.63
CA THR A 347 -14.49 -9.66 0.97
C THR A 347 -13.32 -9.33 1.91
N PRO A 348 -12.16 -9.94 1.68
CA PRO A 348 -10.98 -9.57 2.48
C PRO A 348 -10.51 -8.16 2.18
N GLU A 349 -10.53 -7.78 0.91
CA GLU A 349 -10.14 -6.43 0.50
C GLU A 349 -10.98 -5.38 1.24
N GLN A 350 -12.24 -5.72 1.50
CA GLN A 350 -13.15 -4.82 2.22
C GLN A 350 -12.82 -4.80 3.71
N THR A 351 -12.69 -5.98 4.30
CA THR A 351 -12.42 -6.10 5.73
C THR A 351 -11.13 -5.36 6.10
N VAL A 352 -10.08 -5.59 5.32
CA VAL A 352 -8.82 -4.88 5.54
C VAL A 352 -9.07 -3.38 5.51
N GLN A 353 -9.78 -2.93 4.48
CA GLN A 353 -10.01 -1.50 4.26
C GLN A 353 -10.52 -0.80 5.52
N LYS A 354 -11.63 -1.28 6.07
CA LYS A 354 -12.28 -0.56 7.17
C LYS A 354 -11.57 -0.77 8.52
N TYR A 355 -10.52 -1.59 8.52
CA TYR A 355 -9.74 -1.81 9.73
C TYR A 355 -8.24 -1.59 9.50
N GLN A 356 -7.90 -0.84 8.45
CA GLN A 356 -6.50 -0.48 8.20
C GLN A 356 -5.99 0.40 9.32
N HIS A 357 -6.83 1.34 9.75
CA HIS A 357 -6.46 2.35 10.73
C HIS A 357 -5.99 1.77 12.06
N LEU A 358 -6.29 0.50 12.30
CA LEU A 358 -5.83 -0.17 13.52
C LEU A 358 -4.36 -0.55 13.46
N ILE A 359 -3.77 -0.49 12.26
CA ILE A 359 -2.37 -0.81 12.07
C ILE A 359 -1.51 0.43 12.33
N SER A 360 -0.97 0.53 13.54
CA SER A 360 -0.16 1.67 13.93
C SER A 360 0.53 1.41 15.27
N PRO A 361 1.87 1.50 15.31
CA PRO A 361 2.54 1.19 16.58
C PRO A 361 2.32 2.24 17.67
N VAL A 362 1.61 3.32 17.36
CA VAL A 362 1.39 4.43 18.28
C VAL A 362 -0.05 4.44 18.79
N THR A 363 -0.99 4.59 17.87
CA THR A 363 -2.40 4.66 18.20
C THR A 363 -3.10 3.31 17.99
N GLY A 364 -2.45 2.41 17.27
CA GLY A 364 -3.06 1.18 16.83
C GLY A 364 -2.88 -0.01 17.74
N VAL A 365 -3.54 -1.10 17.38
CA VAL A 365 -3.49 -2.36 18.13
C VAL A 365 -2.62 -3.38 17.41
N VAL A 366 -2.37 -3.12 16.12
CA VAL A 366 -1.47 -3.93 15.31
C VAL A 366 -0.25 -3.08 14.95
N THR A 367 0.93 -3.56 15.31
CA THR A 367 2.16 -2.81 15.08
C THR A 367 2.46 -2.69 13.59
N GLU A 368 2.41 -3.83 12.89
CA GLU A 368 2.69 -3.83 11.47
C GLU A 368 1.99 -4.99 10.77
N LEU A 369 1.88 -4.92 9.45
CA LEU A 369 1.31 -5.99 8.65
C LEU A 369 2.16 -6.19 7.39
N VAL A 370 3.06 -7.17 7.43
CA VAL A 370 4.03 -7.41 6.36
C VAL A 370 3.84 -8.74 5.66
N ARG A 371 3.94 -8.72 4.34
CA ARG A 371 3.95 -9.96 3.55
C ARG A 371 5.31 -10.62 3.66
N ILE A 372 5.38 -11.70 4.43
CA ILE A 372 6.66 -12.35 4.70
C ILE A 372 7.19 -13.14 3.49
N THR A 373 6.28 -13.57 2.63
CA THR A 373 6.64 -14.44 1.50
C THR A 373 6.94 -13.66 0.23
N ASP A 374 7.57 -14.36 -0.72
CA ASP A 374 7.94 -13.79 -2.01
C ASP A 374 6.69 -13.52 -2.84
N PRO A 375 6.55 -12.29 -3.39
CA PRO A 375 5.35 -12.00 -4.18
C PRO A 375 5.29 -12.77 -5.51
N ALA A 376 6.44 -13.20 -6.00
CA ALA A 376 6.50 -13.97 -7.24
C ALA A 376 5.95 -15.39 -7.07
N ASN A 377 5.59 -15.75 -5.84
CA ASN A 377 4.93 -17.01 -5.56
C ASN A 377 3.40 -16.81 -5.58
N PRO A 378 2.69 -17.51 -6.48
CA PRO A 378 1.24 -17.34 -6.56
C PRO A 378 0.46 -18.29 -5.65
N LEU A 379 1.14 -19.26 -5.06
CA LEU A 379 0.49 -20.30 -4.27
C LEU A 379 0.60 -20.05 -2.77
N VAL A 380 1.76 -19.56 -2.33
CA VAL A 380 2.03 -19.34 -0.91
C VAL A 380 1.95 -17.87 -0.56
N HIS A 381 1.05 -17.54 0.37
CA HIS A 381 0.92 -16.17 0.87
C HIS A 381 0.84 -16.15 2.39
N THR A 382 1.91 -15.70 3.04
CA THR A 382 1.96 -15.59 4.50
C THR A 382 2.29 -14.16 4.92
N TYR A 383 1.58 -13.65 5.92
CA TYR A 383 1.79 -12.30 6.42
C TYR A 383 2.28 -12.33 7.88
N ARG A 384 2.83 -11.21 8.34
CA ARG A 384 3.32 -11.07 9.71
C ARG A 384 2.60 -9.91 10.40
N ALA A 385 2.22 -10.10 11.66
CA ALA A 385 1.56 -9.08 12.46
C ALA A 385 2.20 -8.88 13.83
N GLY A 386 1.81 -7.83 14.55
CA GLY A 386 2.51 -7.43 15.77
C GLY A 386 1.77 -7.59 17.08
N HIS A 387 1.48 -6.47 17.75
CA HIS A 387 0.86 -6.47 19.08
C HIS A 387 1.71 -7.20 20.11
N SER A 388 2.18 -6.50 21.14
CA SER A 388 3.12 -7.10 22.08
C SER A 388 2.44 -7.54 23.35
N PHE A 389 1.68 -8.63 23.24
CA PHE A 389 1.05 -9.35 24.36
C PHE A 389 -0.24 -10.04 23.91
N ALA A 392 4.78 -9.37 31.03
CA ALA A 392 6.02 -10.02 31.44
C ALA A 392 6.62 -9.32 32.65
N THR A 393 7.03 -10.10 33.65
CA THR A 393 7.67 -9.58 34.86
C THR A 393 9.18 -9.80 34.85
N SER A 394 9.67 -10.44 33.80
CA SER A 394 11.07 -10.87 33.76
C SER A 394 11.61 -10.85 32.34
N LEU A 395 12.93 -10.89 32.21
CA LEU A 395 13.58 -10.94 30.90
C LEU A 395 13.15 -12.18 30.12
N ARG A 396 13.15 -13.33 30.80
CA ARG A 396 12.73 -14.57 30.17
C ARG A 396 11.23 -14.55 29.85
N GLY A 397 10.45 -13.89 30.71
CA GLY A 397 9.04 -13.65 30.45
C GLY A 397 8.86 -12.68 29.30
N LEU A 398 9.81 -11.75 29.18
CA LEU A 398 9.80 -10.74 28.13
C LEU A 398 10.11 -11.37 26.76
N ARG A 399 11.01 -12.36 26.73
CA ARG A 399 11.45 -12.98 25.48
C ARG A 399 10.32 -13.67 24.72
N ASN A 400 9.43 -14.34 25.45
CA ASN A 400 8.33 -15.09 24.82
C ASN A 400 7.38 -14.18 24.04
N THR A 401 7.00 -13.06 24.65
CA THR A 401 6.38 -11.97 23.90
C THR A 401 7.47 -11.35 23.01
N LEU A 402 7.08 -10.71 21.92
CA LEU A 402 8.02 -10.27 20.86
C LEU A 402 8.38 -11.42 19.93
N LYS A 403 8.13 -12.65 20.35
CA LYS A 403 8.20 -13.83 19.48
C LYS A 403 6.78 -14.25 19.08
N HIS A 404 5.83 -14.02 19.99
CA HIS A 404 4.41 -14.23 19.68
C HIS A 404 3.89 -13.11 18.80
N LYS A 405 4.14 -13.24 17.50
CA LYS A 405 3.58 -12.36 16.50
C LYS A 405 2.53 -13.14 15.72
N SER A 406 1.32 -12.58 15.64
CA SER A 406 0.25 -13.21 14.88
C SER A 406 0.64 -13.27 13.42
N SER A 407 0.08 -14.23 12.69
CA SER A 407 0.46 -14.42 11.29
C SER A 407 -0.73 -14.73 10.41
N GLY A 408 -0.58 -14.41 9.13
CA GLY A 408 -1.67 -14.50 8.17
C GLY A 408 -1.62 -15.76 7.33
N LYS A 409 -2.77 -16.40 7.18
CA LYS A 409 -2.92 -17.59 6.36
C LYS A 409 -3.90 -17.35 5.23
N GLY A 410 -3.56 -17.81 4.03
CA GLY A 410 -4.49 -17.67 2.92
C GLY A 410 -4.11 -18.42 1.67
N LYS A 411 -5.12 -18.64 0.83
CA LYS A 411 -4.91 -19.12 -0.53
C LYS A 411 -4.56 -17.96 -1.45
N THR A 412 -4.89 -16.75 -1.00
CA THR A 412 -4.69 -15.53 -1.76
C THR A 412 -3.94 -14.52 -0.91
N ASP A 413 -3.22 -13.62 -1.56
CA ASP A 413 -2.55 -12.53 -0.84
C ASP A 413 -3.59 -11.71 -0.09
N SER A 414 -4.75 -11.54 -0.71
CA SER A 414 -5.83 -10.77 -0.13
C SER A 414 -6.31 -11.39 1.18
N GLN A 415 -6.48 -12.71 1.18
CA GLN A 415 -6.98 -13.40 2.36
C GLN A 415 -5.92 -13.48 3.45
N SER A 416 -4.69 -13.76 3.05
CA SER A 416 -3.57 -13.84 3.98
C SER A 416 -3.37 -12.51 4.71
N LYS A 417 -3.51 -11.41 3.98
CA LYS A 417 -3.44 -10.06 4.56
C LYS A 417 -4.60 -9.81 5.52
N ALA A 418 -5.79 -10.25 5.13
CA ALA A 418 -6.97 -10.09 5.97
C ALA A 418 -6.89 -10.94 7.22
N SER A 419 -6.33 -12.14 7.10
CA SER A 419 -6.20 -13.03 8.25
C SER A 419 -5.16 -12.49 9.21
N GLY A 420 -4.03 -12.05 8.67
CA GLY A 420 -2.93 -11.53 9.50
C GLY A 420 -3.33 -10.32 10.33
N LEU A 421 -4.11 -9.44 9.73
CA LEU A 421 -4.66 -8.28 10.43
C LEU A 421 -5.66 -8.73 11.49
N CYS A 422 -6.59 -9.61 11.11
CA CYS A 422 -7.70 -9.96 11.97
C CYS A 422 -7.28 -10.86 13.12
N GLU A 423 -6.20 -11.63 12.93
CA GLU A 423 -5.70 -12.43 14.04
C GLU A 423 -5.13 -11.49 15.10
N ALA A 424 -4.47 -10.44 14.66
CA ALA A 424 -3.88 -9.49 15.60
C ALA A 424 -4.96 -8.83 16.44
N VAL A 425 -6.05 -8.43 15.78
CA VAL A 425 -7.17 -7.78 16.45
C VAL A 425 -7.82 -8.76 17.42
N GLU A 426 -7.88 -10.03 16.99
CA GLU A 426 -8.42 -11.08 17.81
C GLU A 426 -7.68 -11.14 19.15
N ARG A 427 -6.36 -11.27 19.11
CA ARG A 427 -5.58 -11.47 20.35
C ARG A 427 -5.77 -10.28 21.27
N TYR A 428 -5.70 -9.08 20.71
CA TYR A 428 -5.85 -7.87 21.50
C TYR A 428 -7.18 -7.85 22.23
N SER A 429 -8.26 -8.12 21.49
CA SER A 429 -9.62 -8.03 22.01
C SER A 429 -9.85 -8.98 23.19
N GLY A 430 -9.04 -10.03 23.27
CA GLY A 430 -9.15 -11.00 24.34
C GLY A 430 -8.40 -10.63 25.62
N ILE A 431 -7.48 -9.69 25.52
CA ILE A 431 -6.68 -9.30 26.68
C ILE A 431 -7.54 -8.62 27.76
N PHE A 432 -7.42 -9.12 28.98
CA PHE A 432 -8.15 -8.61 30.12
C PHE A 432 -7.79 -7.15 30.43
N GLN A 433 -8.74 -6.25 30.18
CA GLN A 433 -8.52 -4.82 30.39
C GLN A 433 -8.91 -4.37 31.79
N GLY A 434 -9.93 -4.98 32.36
CA GLY A 434 -10.41 -4.64 33.69
C GLY A 434 -11.84 -4.14 33.73
N ASP A 435 -12.47 -3.99 32.57
CA ASP A 435 -13.85 -3.53 32.47
C ASP A 435 -14.81 -4.66 32.09
N GLU A 436 -14.27 -5.88 31.99
CA GLU A 436 -15.04 -7.02 31.51
C GLU A 436 -16.15 -7.40 32.49
N PRO A 437 -17.21 -8.06 31.98
CA PRO A 437 -18.35 -8.47 32.81
C PRO A 437 -17.95 -9.50 33.86
N ARG A 438 -18.29 -9.24 35.12
CA ARG A 438 -17.78 -10.03 36.23
C ARG A 438 -18.64 -9.95 37.47
N LYS A 439 -18.54 -10.96 38.32
CA LYS A 439 -19.03 -10.86 39.69
C LYS A 439 -18.33 -11.87 40.58
N ARG A 440 -18.02 -11.45 41.80
CA ARG A 440 -17.29 -12.27 42.75
C ARG A 440 -18.24 -13.23 43.48
N ALA A 441 -17.88 -14.51 43.48
CA ALA A 441 -18.67 -15.52 44.17
C ALA A 441 -17.91 -16.83 44.29
N THR A 442 -18.54 -17.81 44.90
CA THR A 442 -18.00 -19.17 44.99
C THR A 442 -18.82 -20.10 44.11
N LEU A 443 -18.21 -21.21 43.72
CA LEU A 443 -18.88 -22.21 42.91
C LEU A 443 -20.18 -22.66 43.55
N ALA A 444 -20.21 -22.68 44.87
CA ALA A 444 -21.38 -23.11 45.61
C ALA A 444 -22.57 -22.20 45.35
N GLU A 445 -22.41 -20.91 45.61
CA GLU A 445 -23.53 -19.97 45.59
C GLU A 445 -24.02 -19.61 44.19
N LEU A 446 -23.39 -20.16 43.16
CA LEU A 446 -23.88 -20.00 41.80
C LEU A 446 -24.72 -21.21 41.39
N GLY A 447 -24.33 -22.38 41.87
CA GLY A 447 -25.09 -23.60 41.63
C GLY A 447 -24.90 -24.14 40.24
N ASP A 448 -26.01 -24.60 39.65
CA ASP A 448 -25.97 -25.28 38.36
C ASP A 448 -25.61 -24.36 37.21
N LEU A 449 -25.62 -23.06 37.46
CA LEU A 449 -25.28 -22.07 36.44
C LEU A 449 -23.79 -22.00 36.17
N ALA A 450 -23.00 -22.40 37.16
CA ALA A 450 -21.54 -22.31 37.06
C ALA A 450 -20.95 -23.54 36.42
N ILE A 451 -19.76 -23.38 35.84
CA ILE A 451 -19.05 -24.48 35.23
C ILE A 451 -17.64 -24.60 35.82
N HIS A 452 -17.34 -25.76 36.38
CA HIS A 452 -16.05 -25.99 37.03
C HIS A 452 -14.92 -25.96 35.97
N PRO A 453 -13.84 -25.23 36.24
CA PRO A 453 -12.76 -25.10 35.26
C PRO A 453 -12.15 -26.43 34.80
N GLU A 454 -12.24 -27.46 35.64
CA GLU A 454 -11.73 -28.78 35.29
C GLU A 454 -12.52 -29.37 34.13
N GLN A 455 -13.76 -28.95 33.97
CA GLN A 455 -14.58 -29.40 32.86
C GLN A 455 -13.99 -28.91 31.54
N CYS A 456 -13.30 -27.78 31.58
CA CYS A 456 -12.75 -27.17 30.37
C CYS A 456 -11.28 -27.57 30.17
N LEU A 457 -10.52 -27.55 31.25
CA LEU A 457 -9.09 -27.82 31.18
C LEU A 457 -8.82 -29.28 30.87
N CYS A 458 -9.45 -30.16 31.66
CA CYS A 458 -9.29 -31.60 31.49
C CYS A 458 -7.85 -32.05 31.76
N PHE A 459 -7.35 -31.69 32.93
CA PHE A 459 -6.10 -32.28 33.42
C PHE A 459 -6.41 -33.49 34.28
N SER A 460 -5.60 -34.54 34.15
CA SER A 460 -5.76 -35.73 34.98
C SER A 460 -5.35 -35.43 36.40
N ASP A 461 -5.71 -36.32 37.33
CA ASP A 461 -5.38 -36.15 38.74
C ASP A 461 -3.88 -36.32 38.99
N GLY A 462 -3.24 -37.16 38.19
CA GLY A 462 -1.81 -37.40 38.29
C GLY A 462 -0.99 -36.20 37.85
N GLN A 463 -1.45 -35.53 36.81
CA GLN A 463 -0.81 -34.31 36.33
C GLN A 463 -0.83 -33.23 37.41
N TYR A 464 -2.00 -33.03 38.02
CA TYR A 464 -2.16 -32.08 39.11
C TYR A 464 -1.29 -32.44 40.32
N ALA A 465 -1.06 -33.73 40.51
CA ALA A 465 -0.26 -34.19 41.65
C ALA A 465 1.22 -33.91 41.41
N ASN A 466 1.71 -34.28 40.25
CA ASN A 466 3.10 -34.04 39.87
C ASN A 466 3.26 -32.74 39.08
N ARG A 467 2.45 -31.73 39.41
CA ARG A 467 2.56 -30.40 38.80
C ARG A 467 3.99 -29.91 38.65
N GLU A 468 4.60 -29.58 39.78
CA GLU A 468 5.89 -28.91 39.81
C GLU A 468 6.95 -29.70 39.07
N THR A 469 6.98 -31.01 39.31
CA THR A 469 7.93 -31.88 38.65
C THR A 469 7.75 -31.85 37.14
N LEU A 470 6.51 -31.97 36.68
CA LEU A 470 6.23 -31.97 35.25
C LEU A 470 6.51 -30.62 34.60
N ASN A 471 6.06 -29.54 35.23
CA ASN A 471 6.29 -28.20 34.68
C ASN A 471 7.77 -27.80 34.68
N GLU A 472 8.54 -28.44 35.54
CA GLU A 472 9.99 -28.23 35.62
C GLU A 472 10.67 -28.79 34.38
N GLN A 473 10.21 -29.96 33.94
CA GLN A 473 10.70 -30.61 32.73
C GLN A 473 9.80 -30.18 31.58
N ALA A 474 10.16 -29.08 30.94
CA ALA A 474 9.26 -28.37 30.04
C ALA A 474 9.73 -28.39 28.59
N THR A 475 9.52 -29.52 27.92
CA THR A 475 9.78 -29.59 26.48
C THR A 475 9.08 -28.44 25.78
N VAL A 476 7.90 -28.10 26.29
CA VAL A 476 7.04 -27.09 25.70
C VAL A 476 6.37 -26.25 26.80
N ALA A 477 6.22 -24.96 26.55
CA ALA A 477 5.67 -24.03 27.55
C ALA A 477 4.15 -24.12 27.70
N HIS A 478 3.43 -24.35 26.61
CA HIS A 478 1.96 -24.31 26.65
C HIS A 478 1.34 -25.50 27.39
N ASP A 479 2.13 -26.55 27.62
CA ASP A 479 1.68 -27.72 28.39
C ASP A 479 1.73 -27.48 29.89
N TRP A 480 1.82 -26.22 30.31
CA TRP A 480 1.92 -25.87 31.72
C TRP A 480 0.71 -26.36 32.51
N ILE A 481 0.95 -27.04 33.61
CA ILE A 481 -0.11 -27.61 34.45
C ILE A 481 -0.43 -26.68 35.62
N PRO A 482 -1.60 -26.02 35.57
CA PRO A 482 -1.96 -25.08 36.64
C PRO A 482 -2.26 -25.75 37.96
N GLN A 483 -2.28 -24.96 39.03
CA GLN A 483 -2.69 -25.44 40.35
C GLN A 483 -4.13 -25.94 40.32
N ARG A 484 -4.50 -26.75 41.30
CA ARG A 484 -5.88 -27.21 41.38
C ARG A 484 -6.77 -26.02 41.74
N PHE A 485 -7.98 -26.02 41.19
CA PHE A 485 -8.97 -25.02 41.57
C PHE A 485 -9.56 -25.36 42.91
N ASP A 486 -9.47 -24.41 43.83
CA ASP A 486 -9.99 -24.56 45.17
C ASP A 486 -11.42 -24.03 45.23
N ALA A 487 -12.38 -24.94 45.21
CA ALA A 487 -13.81 -24.58 45.18
C ALA A 487 -14.24 -23.68 46.35
N SER A 488 -13.51 -23.75 47.45
CA SER A 488 -13.86 -22.98 48.65
C SER A 488 -13.61 -21.48 48.44
N GLN A 489 -12.60 -21.15 47.64
CA GLN A 489 -12.23 -19.76 47.37
C GLN A 489 -13.29 -19.08 46.52
N ALA A 490 -13.52 -17.80 46.81
CA ALA A 490 -14.40 -16.98 45.99
C ALA A 490 -13.59 -16.37 44.86
N ILE A 491 -14.09 -16.50 43.64
CA ILE A 491 -13.40 -15.97 42.47
C ILE A 491 -14.31 -15.05 41.67
N GLU A 492 -13.79 -14.56 40.55
CA GLU A 492 -14.57 -13.73 39.63
C GLU A 492 -15.12 -14.59 38.48
N TRP A 493 -16.44 -14.54 38.34
CA TRP A 493 -17.14 -15.32 37.31
C TRP A 493 -17.71 -14.38 36.25
N THR A 494 -17.45 -14.71 34.99
CA THR A 494 -17.92 -13.91 33.86
C THR A 494 -19.11 -14.61 33.23
N PRO A 495 -20.20 -13.87 32.99
CA PRO A 495 -21.35 -14.48 32.32
C PRO A 495 -21.06 -14.80 30.86
N VAL A 496 -21.38 -16.02 30.45
CA VAL A 496 -21.26 -16.42 29.05
C VAL A 496 -22.62 -16.87 28.56
N TRP A 497 -22.89 -16.66 27.28
CA TRP A 497 -24.18 -17.05 26.71
C TRP A 497 -24.08 -18.48 26.19
N SER A 498 -25.00 -19.31 26.65
CA SER A 498 -25.14 -20.67 26.16
C SER A 498 -26.12 -20.67 25.00
N LEU A 499 -25.66 -21.08 23.83
CA LEU A 499 -26.52 -21.17 22.67
C LEU A 499 -27.42 -22.39 22.73
N THR A 500 -26.98 -23.46 23.39
CA THR A 500 -27.81 -24.66 23.53
C THR A 500 -29.03 -24.39 24.40
N GLU A 501 -28.79 -23.92 25.61
CA GLU A 501 -29.85 -23.75 26.60
C GLU A 501 -30.40 -22.34 26.59
N GLN A 502 -29.89 -21.52 25.67
CA GLN A 502 -30.41 -20.17 25.47
C GLN A 502 -30.53 -19.38 26.78
N THR A 503 -29.43 -19.30 27.52
CA THR A 503 -29.40 -18.56 28.78
C THR A 503 -27.96 -18.32 29.21
N HIS A 504 -27.80 -17.66 30.36
CA HIS A 504 -26.47 -17.33 30.88
C HIS A 504 -25.88 -18.42 31.78
N LYS A 505 -24.66 -18.84 31.47
CA LYS A 505 -23.85 -19.66 32.36
C LYS A 505 -22.64 -18.84 32.81
N TYR A 506 -21.76 -19.45 33.60
CA TYR A 506 -20.58 -18.75 34.11
C TYR A 506 -19.32 -19.59 34.01
N LEU A 507 -18.24 -18.97 33.55
CA LEU A 507 -16.90 -19.54 33.65
C LEU A 507 -16.09 -18.64 34.56
N PRO A 508 -15.05 -19.20 35.19
CA PRO A 508 -14.13 -18.32 35.87
C PRO A 508 -13.57 -17.32 34.86
N THR A 509 -13.47 -16.06 35.25
CA THR A 509 -12.98 -15.03 34.35
C THR A 509 -11.59 -15.37 33.82
N ALA A 510 -10.77 -16.02 34.65
CA ALA A 510 -9.41 -16.38 34.26
C ALA A 510 -9.33 -17.17 32.93
N LEU A 511 -10.42 -17.82 32.54
CA LEU A 511 -10.42 -18.62 31.31
C LEU A 511 -10.90 -17.82 30.11
N CYS A 512 -11.69 -16.78 30.37
CA CYS A 512 -12.34 -16.02 29.30
C CYS A 512 -11.40 -15.06 28.59
N TYR A 513 -10.46 -14.48 29.32
CA TYR A 513 -9.60 -13.42 28.80
C TYR A 513 -8.12 -13.70 29.05
N TYR A 514 -7.27 -13.13 28.20
CA TYR A 514 -5.84 -13.34 28.34
C TYR A 514 -5.28 -12.56 29.54
N HIS A 515 -4.33 -13.18 30.22
CA HIS A 515 -3.51 -12.51 31.24
C HIS A 515 -4.32 -11.93 32.39
N TYR A 516 -5.39 -12.60 32.77
CA TYR A 516 -6.13 -12.26 33.98
C TYR A 516 -5.21 -12.50 35.19
N PRO A 517 -5.08 -11.51 36.07
CA PRO A 517 -4.16 -11.68 37.20
C PRO A 517 -4.78 -12.53 38.30
N LEU A 518 -4.09 -13.60 38.68
CA LEU A 518 -4.53 -14.45 39.80
C LEU A 518 -3.55 -14.32 40.96
N PRO A 519 -3.98 -14.71 42.18
CA PRO A 519 -3.03 -14.76 43.29
C PRO A 519 -1.98 -15.85 43.07
N PRO A 520 -0.76 -15.65 43.58
CA PRO A 520 0.31 -16.65 43.37
C PRO A 520 0.00 -18.06 43.89
N GLU A 521 -0.96 -18.18 44.81
CA GLU A 521 -1.27 -19.46 45.44
C GLU A 521 -2.60 -20.02 44.98
N HIS A 522 -3.17 -19.43 43.92
CA HIS A 522 -4.38 -19.93 43.32
C HIS A 522 -4.32 -19.72 41.82
N ARG A 523 -3.19 -20.10 41.22
CA ARG A 523 -2.98 -20.00 39.78
C ARG A 523 -3.60 -21.20 39.07
N PHE A 524 -4.93 -21.22 38.98
CA PHE A 524 -5.63 -22.41 38.49
C PHE A 524 -5.90 -22.40 36.99
N ALA A 525 -5.50 -21.35 36.29
CA ALA A 525 -5.74 -21.25 34.86
C ALA A 525 -4.98 -20.13 34.17
N ARG A 526 -4.55 -20.40 32.93
CA ARG A 526 -4.07 -19.37 32.02
C ARG A 526 -4.99 -19.39 30.81
N GLY A 527 -5.72 -18.30 30.59
CA GLY A 527 -6.62 -18.20 29.44
C GLY A 527 -5.88 -18.56 28.16
N ASP A 528 -6.51 -19.37 27.32
CA ASP A 528 -5.89 -19.80 26.07
C ASP A 528 -6.60 -19.17 24.87
N SER A 529 -6.07 -19.42 23.67
CA SER A 529 -6.62 -18.87 22.44
C SER A 529 -7.48 -19.85 21.68
N ASN A 530 -7.82 -20.97 22.31
CA ASN A 530 -8.56 -22.03 21.65
C ASN A 530 -10.04 -21.69 21.56
N GLY A 531 -10.53 -21.49 20.34
CA GLY A 531 -11.92 -21.15 20.11
C GLY A 531 -12.15 -19.65 20.04
N ASN A 532 -11.08 -18.87 20.16
CA ASN A 532 -11.12 -17.43 19.94
C ASN A 532 -11.11 -17.15 18.44
N ALA A 533 -12.00 -16.29 18.00
CA ALA A 533 -12.11 -15.97 16.57
C ALA A 533 -12.72 -14.59 16.34
N ALA A 534 -12.22 -13.91 15.31
CA ALA A 534 -12.73 -12.61 14.93
C ALA A 534 -13.73 -12.76 13.78
N GLY A 535 -14.36 -11.66 13.38
CA GLY A 535 -15.25 -11.69 12.24
C GLY A 535 -15.95 -10.38 11.96
N ASN A 536 -16.45 -10.25 10.73
CA ASN A 536 -17.21 -9.09 10.32
C ASN A 536 -18.58 -9.00 11.00
N THR A 537 -19.03 -10.12 11.56
CA THR A 537 -20.25 -10.17 12.36
C THR A 537 -20.03 -11.19 13.49
N LEU A 538 -20.88 -11.15 14.50
CA LEU A 538 -20.80 -12.12 15.59
C LEU A 538 -20.95 -13.55 15.12
N GLU A 539 -21.97 -13.80 14.31
CA GLU A 539 -22.28 -15.16 13.89
C GLU A 539 -21.13 -15.71 13.06
N GLU A 540 -20.50 -14.85 12.29
CA GLU A 540 -19.37 -15.24 11.46
C GLU A 540 -18.21 -15.69 12.31
N ALA A 541 -17.99 -14.96 13.41
CA ALA A 541 -16.90 -15.25 14.32
C ALA A 541 -17.18 -16.50 15.14
N ILE A 542 -18.39 -16.60 15.67
CA ILE A 542 -18.79 -17.76 16.48
C ILE A 542 -18.57 -19.05 15.70
N LEU A 543 -18.83 -18.99 14.40
CA LEU A 543 -18.68 -20.14 13.53
C LEU A 543 -17.22 -20.57 13.44
N GLN A 544 -16.35 -19.62 13.13
CA GLN A 544 -14.91 -19.90 13.03
C GLN A 544 -14.37 -20.41 14.36
N GLY A 545 -14.87 -19.83 15.45
CA GLY A 545 -14.47 -20.26 16.79
C GLY A 545 -14.83 -21.72 17.02
N PHE A 546 -16.11 -22.01 16.88
CA PHE A 546 -16.61 -23.38 17.03
C PHE A 546 -15.77 -24.34 16.21
N MET A 547 -15.43 -23.95 14.98
CA MET A 547 -14.67 -24.83 14.10
C MET A 547 -13.23 -25.00 14.57
N GLU A 548 -12.68 -23.99 15.23
CA GLU A 548 -11.35 -24.10 15.80
C GLU A 548 -11.35 -25.18 16.87
N LEU A 549 -12.44 -25.28 17.63
CA LEU A 549 -12.54 -26.28 18.70
C LEU A 549 -12.55 -27.69 18.13
N VAL A 550 -13.35 -27.89 17.09
CA VAL A 550 -13.45 -29.19 16.43
C VAL A 550 -12.09 -29.60 15.87
N GLU A 551 -11.38 -28.62 15.32
CA GLU A 551 -10.04 -28.84 14.78
C GLU A 551 -9.13 -29.45 15.85
N ARG A 552 -9.03 -28.76 16.98
CA ARG A 552 -8.12 -29.15 18.05
C ARG A 552 -8.53 -30.49 18.66
N ASP A 553 -9.83 -30.68 18.84
CA ASP A 553 -10.37 -31.91 19.42
C ASP A 553 -9.95 -33.11 18.57
N GLY A 554 -10.18 -33.02 17.27
CA GLY A 554 -9.82 -34.09 16.35
C GLY A 554 -8.34 -34.39 16.35
N VAL A 555 -7.53 -33.33 16.37
CA VAL A 555 -6.09 -33.47 16.45
C VAL A 555 -5.71 -34.16 17.75
N ALA A 556 -6.33 -33.72 18.85
CA ALA A 556 -6.05 -34.28 20.16
C ALA A 556 -6.31 -35.78 20.19
N LEU A 557 -7.46 -36.19 19.68
CA LEU A 557 -7.80 -37.61 19.59
C LEU A 557 -6.71 -38.33 18.79
N TRP A 558 -6.43 -37.81 17.61
CA TRP A 558 -5.50 -38.45 16.69
C TRP A 558 -4.09 -38.50 17.25
N TRP A 559 -3.62 -37.38 17.75
CA TRP A 559 -2.22 -37.22 18.11
C TRP A 559 -1.83 -38.06 19.33
N TYR A 560 -2.66 -38.03 20.36
CA TYR A 560 -2.32 -38.66 21.63
C TYR A 560 -2.66 -40.16 21.66
N ASN A 561 -3.72 -40.55 20.95
CA ASN A 561 -3.99 -41.98 20.76
C ASN A 561 -3.14 -42.53 19.64
N ARG A 562 -2.40 -41.64 18.97
CA ARG A 562 -1.45 -42.01 17.91
C ARG A 562 -2.12 -42.93 16.89
N LEU A 563 -3.32 -42.54 16.47
CA LEU A 563 -4.12 -43.32 15.54
C LEU A 563 -3.55 -43.27 14.14
N ARG A 564 -3.83 -44.30 13.35
CA ARG A 564 -3.51 -44.29 11.93
C ARG A 564 -4.75 -43.80 11.17
N ARG A 565 -4.58 -42.76 10.35
CA ARG A 565 -5.71 -42.17 9.64
C ARG A 565 -5.56 -42.32 8.13
N PRO A 566 -6.69 -42.33 7.39
CA PRO A 566 -6.65 -42.40 5.93
C PRO A 566 -6.25 -41.08 5.28
N ALA A 567 -5.55 -41.15 4.15
CA ALA A 567 -5.19 -39.96 3.40
C ALA A 567 -6.42 -39.47 2.66
N VAL A 568 -6.32 -38.23 2.16
CA VAL A 568 -7.38 -37.64 1.36
C VAL A 568 -6.91 -37.54 -0.08
N ASP A 569 -7.80 -37.85 -1.00
CA ASP A 569 -7.53 -37.68 -2.42
C ASP A 569 -7.82 -36.24 -2.80
N LEU A 570 -6.77 -35.43 -2.85
CA LEU A 570 -6.93 -34.01 -3.08
C LEU A 570 -7.47 -33.72 -4.48
N GLY A 571 -7.15 -34.61 -5.43
CA GLY A 571 -7.59 -34.45 -6.81
C GLY A 571 -9.09 -34.60 -7.00
N SER A 572 -9.73 -35.35 -6.10
CA SER A 572 -11.17 -35.63 -6.20
C SER A 572 -12.02 -34.38 -5.93
N PHE A 573 -11.40 -33.36 -5.33
CA PHE A 573 -12.07 -32.09 -5.08
C PHE A 573 -11.90 -31.17 -6.28
N ASN A 574 -12.93 -30.40 -6.60
CA ASN A 574 -12.86 -29.48 -7.72
C ASN A 574 -12.13 -28.20 -7.31
N GLU A 575 -10.90 -28.37 -6.86
CA GLU A 575 -10.06 -27.26 -6.42
C GLU A 575 -8.62 -27.60 -6.79
N PRO A 576 -8.14 -27.06 -7.92
CA PRO A 576 -6.79 -27.41 -8.37
C PRO A 576 -5.70 -27.05 -7.36
N TYR A 577 -5.89 -25.95 -6.65
CA TYR A 577 -4.90 -25.42 -5.70
C TYR A 577 -4.18 -26.51 -4.90
N PHE A 578 -4.94 -27.50 -4.45
CA PHE A 578 -4.38 -28.60 -3.66
C PHE A 578 -3.23 -29.31 -4.37
N VAL A 579 -3.49 -29.81 -5.57
CA VAL A 579 -2.48 -30.60 -6.28
C VAL A 579 -1.38 -29.74 -6.88
N GLN A 580 -1.67 -28.46 -7.10
CA GLN A 580 -0.64 -27.52 -7.55
C GLN A 580 0.36 -27.28 -6.45
N LEU A 581 -0.17 -27.03 -5.25
CA LEU A 581 0.66 -26.81 -4.07
C LEU A 581 1.48 -28.06 -3.76
N GLN A 582 0.88 -29.23 -3.99
CA GLN A 582 1.61 -30.50 -3.85
C GLN A 582 2.85 -30.48 -4.72
N GLN A 583 2.67 -30.11 -5.98
CA GLN A 583 3.77 -30.08 -6.93
C GLN A 583 4.81 -29.02 -6.55
N PHE A 584 4.37 -27.96 -5.89
CA PHE A 584 5.27 -26.92 -5.44
C PHE A 584 6.17 -27.42 -4.33
N TYR A 585 5.58 -28.11 -3.37
CA TYR A 585 6.34 -28.77 -2.31
C TYR A 585 7.30 -29.79 -2.92
N ARG A 586 6.76 -30.59 -3.85
CA ARG A 586 7.54 -31.61 -4.55
C ARG A 586 8.75 -31.01 -5.26
N GLU A 587 8.60 -29.80 -5.79
CA GLU A 587 9.71 -29.09 -6.44
C GLU A 587 10.58 -28.34 -5.45
N ASN A 588 10.26 -28.45 -4.15
CA ASN A 588 11.05 -27.83 -3.09
C ASN A 588 11.44 -28.85 -2.03
N ASP A 589 11.70 -30.09 -2.47
CA ASP A 589 12.28 -31.12 -1.63
C ASP A 589 11.27 -31.72 -0.63
N ARG A 590 9.99 -31.42 -0.80
CA ARG A 590 8.98 -31.80 0.19
C ARG A 590 7.80 -32.58 -0.40
N ASP A 591 7.36 -33.60 0.32
CA ASP A 591 6.10 -34.26 0.03
C ASP A 591 5.02 -33.61 0.87
N LEU A 592 3.79 -33.71 0.41
CA LEU A 592 2.67 -33.12 1.12
C LEU A 592 1.47 -34.04 1.01
N TRP A 593 0.83 -34.32 2.15
CA TRP A 593 -0.38 -35.12 2.17
C TRP A 593 -1.34 -34.60 3.23
N VAL A 594 -2.53 -35.18 3.28
CA VAL A 594 -3.57 -34.75 4.22
C VAL A 594 -4.29 -35.97 4.83
N LEU A 595 -4.39 -36.00 6.15
CA LEU A 595 -5.11 -37.06 6.85
C LEU A 595 -6.50 -36.58 7.22
N ASP A 596 -7.45 -37.52 7.30
CA ASP A 596 -8.80 -37.19 7.75
C ASP A 596 -8.93 -37.35 9.25
N LEU A 597 -9.29 -36.26 9.94
CA LEU A 597 -9.43 -36.25 11.39
C LEU A 597 -10.88 -36.17 11.84
N THR A 598 -11.82 -36.30 10.90
CA THR A 598 -13.25 -36.21 11.21
C THR A 598 -13.62 -37.23 12.29
N ALA A 599 -14.18 -36.73 13.38
CA ALA A 599 -14.51 -37.58 14.52
C ALA A 599 -16.02 -37.75 14.65
N ASP A 600 -16.53 -37.78 15.88
CA ASP A 600 -17.91 -38.14 16.13
C ASP A 600 -18.89 -36.99 15.91
N LEU A 601 -18.39 -35.80 15.58
CA LEU A 601 -19.26 -34.67 15.25
C LEU A 601 -19.50 -34.62 13.75
N GLY A 602 -18.78 -35.45 13.00
CA GLY A 602 -18.98 -35.56 11.56
C GLY A 602 -18.52 -34.36 10.75
N ILE A 603 -18.02 -33.33 11.42
CA ILE A 603 -17.58 -32.13 10.73
C ILE A 603 -16.24 -32.41 10.07
N PRO A 604 -16.10 -32.10 8.76
CA PRO A 604 -14.82 -32.30 8.09
C PRO A 604 -13.68 -31.61 8.79
N ALA A 605 -12.65 -32.37 9.15
CA ALA A 605 -11.48 -31.83 9.81
C ALA A 605 -10.26 -32.62 9.36
N PHE A 606 -9.18 -31.90 9.08
CA PHE A 606 -8.01 -32.51 8.46
C PHE A 606 -6.71 -32.09 9.11
N ALA A 607 -5.63 -32.74 8.68
CA ALA A 607 -4.29 -32.35 9.08
C ALA A 607 -3.37 -32.48 7.88
N GLY A 608 -2.70 -31.40 7.54
CA GLY A 608 -1.68 -31.42 6.48
C GLY A 608 -0.34 -31.75 7.07
N VAL A 609 0.44 -32.57 6.36
CA VAL A 609 1.75 -33.02 6.83
C VAL A 609 2.76 -32.93 5.71
N SER A 610 3.94 -32.40 6.03
CA SER A 610 5.01 -32.25 5.05
C SER A 610 6.39 -32.50 5.64
N ASN A 611 7.23 -33.18 4.88
CA ASN A 611 8.58 -33.53 5.31
C ASN A 611 9.58 -33.27 4.20
N ARG A 612 10.81 -32.93 4.57
CA ARG A 612 11.89 -32.71 3.61
C ARG A 612 12.58 -34.02 3.28
N LYS A 613 12.59 -34.37 2.00
CA LYS A 613 13.19 -35.62 1.56
C LYS A 613 14.70 -35.60 1.77
N THR A 614 15.36 -34.56 1.27
CA THR A 614 16.82 -34.48 1.32
C THR A 614 17.32 -33.61 2.48
N GLY A 615 18.44 -34.02 3.07
CA GLY A 615 19.13 -33.20 4.05
C GLY A 615 19.19 -33.81 5.42
N SER A 616 19.78 -33.06 6.35
CA SER A 616 20.02 -33.53 7.71
C SER A 616 18.74 -33.84 8.48
N SER A 617 17.74 -32.98 8.30
CA SER A 617 16.50 -33.07 9.09
C SER A 617 15.28 -33.19 8.19
N GLU A 618 14.28 -33.92 8.67
CA GLU A 618 13.04 -34.11 7.92
C GLU A 618 12.23 -32.82 7.93
N ARG A 619 12.37 -32.05 9.01
CA ARG A 619 11.62 -30.79 9.15
C ARG A 619 10.13 -31.03 9.00
N LEU A 620 9.60 -31.96 9.81
CA LEU A 620 8.18 -32.25 9.80
C LEU A 620 7.37 -31.03 10.22
N ILE A 621 6.33 -30.73 9.46
CA ILE A 621 5.50 -29.55 9.72
C ILE A 621 4.02 -29.90 9.53
N LEU A 622 3.18 -29.30 10.37
CA LEU A 622 1.78 -29.70 10.48
C LEU A 622 0.84 -28.52 10.34
N GLY A 623 -0.33 -28.79 9.77
CA GLY A 623 -1.37 -27.77 9.64
C GLY A 623 -2.74 -28.40 9.73
N PHE A 624 -3.62 -27.79 10.51
CA PHE A 624 -4.94 -28.36 10.77
C PHE A 624 -6.04 -27.41 10.35
N GLY A 625 -7.27 -27.90 10.40
CA GLY A 625 -8.43 -27.12 10.03
C GLY A 625 -9.68 -27.94 9.95
N ALA A 626 -10.82 -27.31 10.26
CA ALA A 626 -12.13 -27.94 10.20
C ALA A 626 -13.19 -26.95 9.74
N HIS A 627 -14.15 -27.46 8.98
CA HIS A 627 -15.19 -26.62 8.39
C HIS A 627 -16.27 -27.53 7.82
N LEU A 628 -17.52 -27.07 7.81
CA LEU A 628 -18.61 -27.85 7.21
C LEU A 628 -18.27 -28.15 5.75
N ASP A 629 -17.77 -27.15 5.04
CA ASP A 629 -17.28 -27.35 3.67
C ASP A 629 -15.92 -28.02 3.70
N PRO A 630 -15.86 -29.29 3.25
CA PRO A 630 -14.59 -30.00 3.33
C PRO A 630 -13.52 -29.37 2.46
N THR A 631 -13.94 -28.74 1.37
CA THR A 631 -13.01 -28.02 0.49
C THR A 631 -12.26 -26.95 1.27
N ILE A 632 -13.00 -26.18 2.06
CA ILE A 632 -12.42 -25.10 2.86
C ILE A 632 -11.57 -25.67 3.99
N ALA A 633 -12.07 -26.70 4.65
CA ALA A 633 -11.40 -27.27 5.80
C ALA A 633 -10.01 -27.76 5.41
N ILE A 634 -9.91 -28.45 4.28
CA ILE A 634 -8.61 -28.93 3.80
C ILE A 634 -7.74 -27.73 3.49
N LEU A 635 -8.32 -26.74 2.83
CA LEU A 635 -7.61 -25.52 2.47
C LEU A 635 -7.00 -24.87 3.71
N ARG A 636 -7.77 -24.84 4.78
CA ARG A 636 -7.27 -24.33 6.06
C ARG A 636 -6.06 -25.13 6.52
N ALA A 637 -6.18 -26.45 6.45
CA ALA A 637 -5.11 -27.33 6.90
C ALA A 637 -3.84 -27.10 6.08
N VAL A 638 -3.95 -27.18 4.76
CA VAL A 638 -2.79 -27.06 3.89
C VAL A 638 -2.14 -25.67 3.97
N THR A 639 -2.94 -24.63 4.22
CA THR A 639 -2.35 -23.29 4.41
C THR A 639 -1.61 -23.17 5.75
N GLU A 640 -2.14 -23.81 6.79
CA GLU A 640 -1.44 -23.83 8.06
C GLU A 640 -0.07 -24.48 7.91
N VAL A 641 0.11 -25.31 6.88
CA VAL A 641 1.41 -25.94 6.63
C VAL A 641 2.36 -24.91 6.05
N ASN A 642 1.84 -24.06 5.18
CA ASN A 642 2.67 -23.09 4.47
C ASN A 642 3.30 -22.08 5.41
N GLN A 643 2.48 -21.42 6.21
CA GLN A 643 2.96 -20.34 7.07
C GLN A 643 4.09 -20.83 7.98
N ILE A 644 3.89 -22.00 8.60
CA ILE A 644 4.83 -22.52 9.58
C ILE A 644 6.09 -23.02 8.92
N GLY A 645 5.92 -23.65 7.76
CA GLY A 645 6.95 -24.49 7.21
C GLY A 645 7.92 -23.85 6.26
N LEU A 646 7.42 -23.41 5.11
CA LEU A 646 8.29 -23.09 3.99
C LEU A 646 9.33 -22.02 4.30
N GLU A 647 9.00 -21.09 5.19
CA GLU A 647 9.89 -19.98 5.48
C GLU A 647 11.09 -20.41 6.34
N LEU A 648 10.86 -21.31 7.29
CA LEU A 648 11.93 -21.81 8.15
C LEU A 648 12.87 -22.77 7.39
N ASP A 649 12.44 -23.22 6.22
CA ASP A 649 13.24 -24.14 5.40
C ASP A 649 14.54 -23.52 4.93
N LYS A 650 14.54 -22.20 4.76
CA LYS A 650 15.72 -21.49 4.26
C LYS A 650 16.92 -21.77 5.16
N VAL A 651 16.66 -21.78 6.46
CA VAL A 651 17.70 -21.70 7.49
C VAL A 651 18.54 -22.97 7.57
N PRO A 652 19.86 -22.82 7.85
CA PRO A 652 20.65 -24.02 8.20
C PRO A 652 20.21 -24.57 9.55
N ASP A 653 20.49 -25.84 9.81
CA ASP A 653 19.93 -26.54 10.98
C ASP A 653 20.17 -25.87 12.33
N GLU A 654 21.37 -25.31 12.52
CA GLU A 654 21.78 -24.82 13.83
C GLU A 654 20.97 -23.62 14.32
N ASN A 655 20.58 -22.73 13.42
CA ASN A 655 20.17 -21.38 13.78
C ASN A 655 18.72 -21.23 14.22
N LEU A 656 17.93 -22.28 14.05
CA LEU A 656 16.48 -22.19 14.29
C LEU A 656 16.15 -21.60 15.66
N LYS A 657 15.38 -20.50 15.64
CA LYS A 657 14.95 -19.79 16.85
C LYS A 657 13.54 -20.19 17.27
N SER A 658 12.88 -21.00 16.44
CA SER A 658 11.50 -21.39 16.68
C SER A 658 11.34 -22.10 18.02
N ASP A 659 10.09 -22.22 18.49
CA ASP A 659 9.83 -23.02 19.67
C ASP A 659 9.93 -24.50 19.31
N ALA A 660 9.68 -24.79 18.03
CA ALA A 660 9.65 -26.16 17.52
C ALA A 660 11.03 -26.68 17.09
N THR A 661 12.10 -26.07 17.60
CA THR A 661 13.44 -26.43 17.17
C THR A 661 13.77 -27.90 17.37
N ASP A 662 13.60 -28.37 18.59
CA ASP A 662 13.92 -29.76 18.93
C ASP A 662 13.06 -30.74 18.13
N TRP A 663 11.86 -30.31 17.76
CA TRP A 663 10.99 -31.11 16.89
C TRP A 663 11.53 -31.13 15.46
N LEU A 664 11.72 -29.95 14.89
CA LEU A 664 12.10 -29.82 13.49
C LEU A 664 13.44 -30.45 13.15
N ILE A 665 14.39 -30.40 14.09
CA ILE A 665 15.74 -30.89 13.85
C ILE A 665 15.87 -32.40 14.07
N THR A 666 15.35 -32.88 15.19
CA THR A 666 15.55 -34.27 15.62
C THR A 666 14.54 -35.24 15.02
N GLU A 667 13.25 -34.94 15.19
CA GLU A 667 12.19 -35.92 14.98
C GLU A 667 12.06 -36.42 13.54
N LYS A 668 11.60 -37.66 13.41
CA LYS A 668 11.47 -38.36 12.14
C LYS A 668 10.05 -38.74 11.81
N LEU A 669 9.78 -38.94 10.53
CA LEU A 669 8.49 -39.45 10.08
C LEU A 669 8.36 -40.92 10.51
N ALA A 670 9.49 -41.63 10.51
CA ALA A 670 9.51 -43.04 10.89
C ALA A 670 9.31 -43.26 12.38
N ASP A 671 9.63 -42.24 13.18
CA ASP A 671 9.36 -42.28 14.62
C ASP A 671 7.92 -41.97 14.95
N HIS A 672 7.19 -41.45 13.98
CA HIS A 672 5.83 -41.01 14.20
C HIS A 672 4.94 -41.54 13.07
N PRO A 673 4.87 -42.88 12.94
CA PRO A 673 4.12 -43.52 11.85
C PRO A 673 2.65 -43.08 11.76
N TYR A 674 2.11 -42.54 12.84
CA TYR A 674 0.76 -42.01 12.83
C TYR A 674 0.63 -40.76 11.95
N LEU A 675 1.77 -40.20 11.53
CA LEU A 675 1.80 -38.98 10.70
C LEU A 675 1.55 -39.30 9.24
N LEU A 676 2.15 -40.38 8.76
CA LEU A 676 1.99 -40.77 7.36
C LEU A 676 0.70 -41.58 7.24
N PRO A 677 0.11 -41.60 6.04
CA PRO A 677 -1.23 -42.14 5.89
C PRO A 677 -1.31 -43.64 5.97
N ASP A 678 -2.47 -44.14 6.37
CA ASP A 678 -2.71 -45.58 6.48
C ASP A 678 -3.05 -46.17 5.12
N THR A 679 -2.17 -47.02 4.58
CA THR A 679 -2.42 -47.65 3.28
C THR A 679 -3.36 -48.85 3.42
N THR A 680 -3.77 -49.14 4.65
CA THR A 680 -4.77 -50.17 4.90
C THR A 680 -6.15 -49.70 4.48
N GLN A 681 -6.43 -48.42 4.71
CA GLN A 681 -7.73 -47.85 4.42
C GLN A 681 -7.74 -47.23 3.04
N PRO A 682 -8.94 -47.00 2.47
CA PRO A 682 -9.00 -46.36 1.16
C PRO A 682 -8.87 -44.84 1.28
N LEU A 683 -8.44 -44.19 0.20
CA LEU A 683 -8.34 -42.75 0.19
C LEU A 683 -9.72 -42.14 0.39
N LYS A 684 -9.78 -41.07 1.16
CA LYS A 684 -11.00 -40.28 1.30
C LYS A 684 -11.17 -39.40 0.06
N THR A 685 -12.42 -39.15 -0.31
CA THR A 685 -12.71 -38.30 -1.47
C THR A 685 -13.81 -37.30 -1.13
N ALA A 686 -14.10 -36.41 -2.07
CA ALA A 686 -15.07 -35.34 -1.86
C ALA A 686 -16.48 -35.88 -1.58
N GLN A 687 -16.76 -37.09 -2.02
CA GLN A 687 -18.06 -37.70 -1.83
C GLN A 687 -18.23 -38.30 -0.43
N ASP A 688 -17.13 -38.45 0.29
CA ASP A 688 -17.17 -38.97 1.66
C ASP A 688 -17.52 -37.90 2.70
N TYR A 689 -17.65 -36.65 2.26
CA TYR A 689 -17.92 -35.53 3.17
C TYR A 689 -19.23 -34.82 2.81
N PRO A 690 -20.35 -35.26 3.42
CA PRO A 690 -21.66 -34.68 3.13
C PRO A 690 -21.75 -33.19 3.42
N LYS A 691 -22.73 -32.55 2.81
CA LYS A 691 -22.93 -31.11 2.95
C LYS A 691 -23.93 -30.84 4.07
N ARG A 692 -23.57 -29.93 4.97
CA ARG A 692 -24.48 -29.49 6.03
C ARG A 692 -24.46 -27.98 6.22
N TRP A 693 -23.89 -27.27 5.26
CA TRP A 693 -23.87 -25.81 5.29
C TRP A 693 -25.05 -25.27 4.50
N SER A 694 -25.42 -24.02 4.76
CA SER A 694 -26.52 -23.38 4.06
C SER A 694 -26.05 -22.07 3.44
N ASP A 695 -26.99 -21.22 3.03
CA ASP A 695 -26.68 -19.89 2.51
C ASP A 695 -26.69 -18.85 3.62
N ASP A 696 -26.77 -19.30 4.88
CA ASP A 696 -26.87 -18.41 6.02
C ASP A 696 -25.90 -18.83 7.11
N ILE A 697 -25.10 -17.88 7.60
CA ILE A 697 -24.10 -18.17 8.63
C ILE A 697 -24.79 -18.44 9.95
N TYR A 698 -25.91 -17.76 10.21
CA TYR A 698 -26.66 -17.98 11.44
C TYR A 698 -27.22 -19.39 11.50
N THR A 699 -27.65 -19.93 10.36
CA THR A 699 -28.18 -21.28 10.31
C THR A 699 -27.04 -22.27 10.54
N ASP A 700 -25.88 -21.97 9.99
CA ASP A 700 -24.70 -22.80 10.21
C ASP A 700 -24.32 -22.86 11.69
N VAL A 701 -24.41 -21.72 12.37
CA VAL A 701 -24.09 -21.68 13.79
C VAL A 701 -25.08 -22.55 14.55
N MET A 702 -26.36 -22.34 14.32
CA MET A 702 -27.38 -23.10 15.04
C MET A 702 -27.30 -24.59 14.68
N THR A 703 -26.76 -24.89 13.51
CA THR A 703 -26.51 -26.27 13.11
C THR A 703 -25.37 -26.85 13.93
N CYS A 704 -24.36 -26.04 14.20
CA CYS A 704 -23.21 -26.45 14.99
C CYS A 704 -23.62 -26.75 16.42
N VAL A 705 -24.32 -25.81 17.05
CA VAL A 705 -24.73 -25.98 18.43
C VAL A 705 -25.51 -27.28 18.61
N ASN A 706 -26.30 -27.64 17.60
CA ASN A 706 -27.07 -28.89 17.64
C ASN A 706 -26.20 -30.14 17.56
N ILE A 707 -25.17 -30.09 16.72
CA ILE A 707 -24.22 -31.19 16.62
C ILE A 707 -23.56 -31.43 17.96
N ALA A 708 -23.18 -30.34 18.63
CA ALA A 708 -22.64 -30.41 19.98
C ALA A 708 -23.64 -31.02 20.94
N GLN A 709 -24.90 -30.65 20.78
CA GLN A 709 -25.99 -31.15 21.63
C GLN A 709 -26.15 -32.66 21.49
N GLN A 710 -26.14 -33.12 20.24
CA GLN A 710 -26.21 -34.55 19.93
C GLN A 710 -25.10 -35.35 20.61
N ALA A 711 -23.95 -34.70 20.81
CA ALA A 711 -22.83 -35.31 21.50
C ALA A 711 -22.81 -34.93 22.98
N GLY A 712 -23.93 -34.44 23.49
CA GLY A 712 -24.03 -34.06 24.90
C GLY A 712 -23.00 -33.01 25.31
N LEU A 713 -22.81 -32.01 24.46
CA LEU A 713 -21.92 -30.90 24.74
C LEU A 713 -22.71 -29.59 24.71
N GLU A 714 -22.32 -28.66 25.59
CA GLU A 714 -22.95 -27.34 25.66
C GLU A 714 -22.08 -26.30 24.98
N THR A 715 -22.67 -25.42 24.17
CA THR A 715 -21.92 -24.44 23.39
C THR A 715 -22.06 -23.04 24.02
N LEU A 716 -20.94 -22.51 24.48
CA LEU A 716 -20.95 -21.23 25.21
C LEU A 716 -20.18 -20.18 24.44
N VAL A 717 -20.64 -18.93 24.57
CA VAL A 717 -20.03 -17.82 23.86
C VAL A 717 -19.81 -16.64 24.79
N ILE A 718 -18.59 -16.13 24.79
CA ILE A 718 -18.29 -14.86 25.46
C ILE A 718 -17.89 -13.88 24.38
N ASP A 719 -18.53 -12.71 24.38
CA ASP A 719 -18.29 -11.72 23.37
C ASP A 719 -17.17 -10.78 23.81
N GLN A 720 -16.02 -10.91 23.16
CA GLN A 720 -14.84 -10.12 23.49
C GLN A 720 -14.75 -8.84 22.67
N THR A 721 -15.80 -8.56 21.90
CA THR A 721 -15.79 -7.41 21.00
C THR A 721 -15.58 -6.14 21.82
N ARG A 722 -14.73 -5.25 21.29
CA ARG A 722 -14.42 -3.96 21.92
C ARG A 722 -14.98 -2.82 21.07
N PRO A 723 -15.80 -1.94 21.68
CA PRO A 723 -16.45 -0.88 20.89
C PRO A 723 -15.48 -0.06 20.04
N ASP A 724 -14.35 0.33 20.62
CA ASP A 724 -13.36 1.13 19.90
C ASP A 724 -12.71 0.38 18.73
N ILE A 725 -12.81 -0.95 18.74
CA ILE A 725 -12.22 -1.79 17.70
C ILE A 725 -13.20 -2.07 16.57
N GLY A 726 -14.45 -2.37 16.92
CA GLY A 726 -15.48 -2.59 15.92
C GLY A 726 -15.55 -4.02 15.44
N LEU A 727 -14.44 -4.53 14.92
CA LEU A 727 -14.38 -5.92 14.45
C LEU A 727 -14.80 -6.84 15.56
N ASN A 728 -15.72 -7.75 15.26
CA ASN A 728 -16.26 -8.67 16.27
C ASN A 728 -15.28 -9.77 16.61
N VAL A 729 -15.08 -9.99 17.91
CA VAL A 729 -14.22 -11.07 18.39
C VAL A 729 -14.94 -11.79 19.52
N VAL A 730 -14.84 -13.11 19.52
CA VAL A 730 -15.43 -13.93 20.57
C VAL A 730 -14.54 -15.10 20.95
N LYS A 731 -14.81 -15.67 22.11
CA LYS A 731 -14.20 -16.94 22.52
C LYS A 731 -15.32 -17.96 22.66
N VAL A 732 -15.28 -19.00 21.83
CA VAL A 732 -16.24 -20.10 21.92
C VAL A 732 -15.67 -21.16 22.85
N THR A 733 -16.53 -21.72 23.70
CA THR A 733 -16.11 -22.79 24.61
C THR A 733 -17.17 -23.91 24.65
N VAL A 734 -16.69 -25.14 24.53
CA VAL A 734 -17.55 -26.32 24.57
C VAL A 734 -16.98 -27.29 25.58
N PRO A 735 -17.33 -27.11 26.88
CA PRO A 735 -16.73 -27.90 27.95
C PRO A 735 -16.73 -29.39 27.66
N GLY A 736 -15.55 -30.00 27.68
CA GLY A 736 -15.42 -31.42 27.39
C GLY A 736 -14.65 -31.65 26.12
N MET A 737 -14.80 -30.76 25.16
CA MET A 737 -14.04 -30.86 23.93
C MET A 737 -12.57 -30.64 24.21
N ARG A 738 -11.74 -31.41 23.52
CA ARG A 738 -10.34 -31.55 23.85
C ARG A 738 -9.45 -30.55 23.15
N HIS A 739 -8.51 -30.03 23.89
CA HIS A 739 -7.48 -29.18 23.33
C HIS A 739 -6.33 -30.10 22.92
N PHE A 740 -5.54 -29.69 21.92
CA PHE A 740 -4.44 -30.54 21.44
C PHE A 740 -3.14 -30.35 22.22
N TRP A 741 -3.25 -29.89 23.45
CA TRP A 741 -2.12 -29.80 24.37
C TRP A 741 -2.13 -31.00 25.31
N SER A 742 -1.01 -31.22 25.99
CA SER A 742 -0.84 -32.43 26.82
C SER A 742 -1.74 -32.44 28.04
N ARG A 743 -3.02 -32.74 27.81
CA ARG A 743 -4.02 -32.75 28.86
C ARG A 743 -4.75 -34.08 28.83
N PHE A 744 -4.60 -34.86 29.90
CA PHE A 744 -4.97 -36.26 29.89
C PHE A 744 -6.04 -36.64 30.91
N GLY A 745 -6.86 -35.67 31.32
CA GLY A 745 -8.00 -35.96 32.16
C GLY A 745 -8.98 -36.91 31.49
N GLU A 746 -9.88 -37.51 32.26
CA GLU A 746 -10.86 -38.43 31.71
C GLU A 746 -11.86 -37.71 30.81
N GLY A 747 -12.28 -38.37 29.74
CA GLY A 747 -13.27 -37.81 28.84
C GLY A 747 -13.13 -38.24 27.38
N ARG A 748 -13.38 -37.29 26.49
CA ARG A 748 -13.42 -37.55 25.05
C ARG A 748 -12.12 -38.09 24.48
N LEU A 749 -11.01 -37.74 25.10
CA LEU A 749 -9.70 -38.14 24.60
C LEU A 749 -9.55 -39.66 24.63
N TYR A 750 -10.28 -40.28 25.54
CA TYR A 750 -10.23 -41.73 25.71
C TYR A 750 -11.42 -42.44 25.06
N ASP A 751 -12.60 -41.85 25.18
CA ASP A 751 -13.84 -42.54 24.86
C ASP A 751 -14.20 -42.48 23.38
N VAL A 752 -14.06 -41.31 22.78
CA VAL A 752 -14.49 -41.09 21.40
C VAL A 752 -13.88 -42.08 20.40
N PRO A 753 -12.59 -42.41 20.54
CA PRO A 753 -12.02 -43.40 19.62
C PRO A 753 -12.66 -44.78 19.75
N VAL A 754 -12.95 -45.21 20.97
CA VAL A 754 -13.62 -46.49 21.20
C VAL A 754 -15.05 -46.42 20.70
N LYS A 755 -15.69 -45.28 20.89
CA LYS A 755 -17.04 -45.05 20.41
C LYS A 755 -17.09 -45.10 18.88
N LEU A 756 -15.98 -44.79 18.23
CA LEU A 756 -15.90 -44.80 16.77
C LEU A 756 -15.34 -46.10 16.23
N GLY A 757 -14.91 -46.98 17.12
CA GLY A 757 -14.34 -48.26 16.70
C GLY A 757 -12.92 -48.13 16.21
N TRP A 758 -12.40 -46.91 16.23
CA TRP A 758 -11.00 -46.64 15.95
C TRP A 758 -10.09 -47.39 16.91
N LEU A 759 -10.61 -47.66 18.11
CA LEU A 759 -9.94 -48.51 19.09
C LEU A 759 -10.94 -49.48 19.69
N ASP A 760 -10.46 -50.67 20.02
CA ASP A 760 -11.32 -51.68 20.60
C ASP A 760 -11.45 -51.48 22.09
N GLU A 761 -10.48 -50.79 22.67
CA GLU A 761 -10.52 -50.46 24.09
C GLU A 761 -9.74 -49.18 24.38
N PRO A 762 -10.15 -48.44 25.43
CA PRO A 762 -9.48 -47.16 25.69
C PRO A 762 -8.02 -47.34 26.08
N LEU A 763 -7.18 -46.42 25.64
CA LEU A 763 -5.80 -46.40 26.08
C LEU A 763 -5.74 -45.88 27.50
N THR A 764 -4.60 -46.10 28.16
CA THR A 764 -4.38 -45.57 29.49
C THR A 764 -3.58 -44.29 29.41
N GLU A 765 -3.72 -43.45 30.43
CA GLU A 765 -3.02 -42.16 30.48
C GLU A 765 -1.54 -42.35 30.18
N ALA A 766 -0.95 -43.40 30.74
CA ALA A 766 0.45 -43.73 30.52
C ALA A 766 0.75 -43.99 29.04
N GLN A 767 -0.20 -44.61 28.35
CA GLN A 767 -0.01 -44.98 26.95
C GLN A 767 -0.17 -43.80 26.00
N MET A 768 -0.67 -42.68 26.51
CA MET A 768 -0.87 -41.50 25.66
C MET A 768 0.45 -41.06 25.08
N ASN A 769 0.39 -40.36 23.96
CA ASN A 769 1.59 -39.93 23.27
C ASN A 769 2.44 -39.06 24.18
N PRO A 770 3.64 -39.53 24.52
CA PRO A 770 4.50 -38.74 25.40
C PRO A 770 5.08 -37.50 24.71
N THR A 771 5.19 -37.53 23.40
CA THR A 771 5.70 -36.38 22.64
C THR A 771 4.59 -35.34 22.44
N PRO A 772 4.78 -34.09 22.94
CA PRO A 772 3.75 -33.07 22.78
C PRO A 772 3.58 -32.54 21.36
N MET A 773 2.34 -32.14 21.04
CA MET A 773 2.02 -31.46 19.78
C MET A 773 2.77 -30.12 19.76
N PRO A 774 3.78 -29.99 18.90
CA PRO A 774 4.68 -28.84 19.05
C PRO A 774 4.18 -27.51 18.46
N PHE A 775 3.07 -27.53 17.73
CA PHE A 775 2.51 -26.33 17.12
C PHE A 775 1.19 -25.93 17.77
N PRO B 5 40.73 7.65 26.10
CA PRO B 5 40.37 8.06 27.45
C PRO B 5 38.95 7.69 27.86
N LEU B 6 38.19 8.66 28.36
CA LEU B 6 36.97 8.40 29.11
C LEU B 6 35.96 7.51 28.39
N LEU B 7 35.29 6.66 29.17
CA LEU B 7 34.42 5.61 28.64
C LEU B 7 32.96 5.71 29.10
N GLN B 8 32.06 5.50 28.15
CA GLN B 8 30.62 5.48 28.39
C GLN B 8 29.91 4.45 27.52
N ILE B 9 28.73 4.04 27.97
CA ILE B 9 27.83 3.24 27.14
C ILE B 9 27.11 4.21 26.22
N GLN B 10 26.64 3.71 25.07
CA GLN B 10 26.08 4.55 24.02
C GLN B 10 25.10 5.58 24.61
N PRO B 11 25.30 6.87 24.30
CA PRO B 11 24.57 7.88 25.09
C PRO B 11 23.10 8.03 24.73
N HIS B 12 22.63 7.39 23.67
CA HIS B 12 21.21 7.46 23.32
C HIS B 12 20.38 6.43 24.07
N PHE B 13 21.05 5.63 24.89
CA PHE B 13 20.40 4.66 25.75
C PHE B 13 20.21 5.24 27.14
N HIS B 14 18.97 5.29 27.59
CA HIS B 14 18.70 5.42 29.01
C HIS B 14 19.07 4.09 29.64
N VAL B 15 19.85 4.14 30.72
CA VAL B 15 20.35 2.93 31.36
C VAL B 15 19.59 2.64 32.65
N GLU B 16 18.87 1.53 32.68
CA GLU B 16 18.14 1.13 33.87
C GLU B 16 18.66 -0.17 34.43
N VAL B 17 18.81 -0.20 35.76
CA VAL B 17 19.41 -1.32 36.46
C VAL B 17 18.38 -2.00 37.35
N ILE B 18 18.12 -3.28 37.09
CA ILE B 18 17.28 -4.10 37.96
C ILE B 18 18.22 -4.98 38.78
N GLU B 19 18.14 -4.82 40.10
CA GLU B 19 19.24 -5.12 41.03
C GLU B 19 19.98 -6.46 40.90
N PRO B 20 19.24 -7.58 40.82
CA PRO B 20 19.99 -8.83 40.96
C PRO B 20 20.99 -9.09 39.83
N LYS B 21 20.52 -9.17 38.59
CA LYS B 21 21.42 -9.45 37.45
C LYS B 21 21.00 -8.78 36.16
N GLN B 22 20.05 -7.85 36.21
CA GLN B 22 19.45 -7.29 34.99
C GLN B 22 19.71 -5.80 34.81
N VAL B 23 20.21 -5.44 33.63
CA VAL B 23 20.32 -4.03 33.24
C VAL B 23 19.63 -3.80 31.89
N TYR B 24 18.68 -2.89 31.86
CA TYR B 24 17.93 -2.61 30.64
C TYR B 24 18.44 -1.34 29.97
N LEU B 25 18.78 -1.46 28.69
CA LEU B 25 19.21 -0.32 27.90
C LEU B 25 18.08 0.10 26.99
N LEU B 26 17.58 1.30 27.21
CA LEU B 26 16.36 1.76 26.58
C LEU B 26 16.63 2.86 25.60
N GLY B 27 16.33 2.59 24.33
CA GLY B 27 16.45 3.60 23.28
C GLY B 27 15.08 3.95 22.74
N GLU B 28 15.03 5.03 21.97
CA GLU B 28 13.79 5.45 21.33
C GLU B 28 13.46 4.53 20.16
N GLN B 29 14.48 4.10 19.44
CA GLN B 29 14.32 3.24 18.28
C GLN B 29 14.55 1.76 18.60
N ALA B 30 15.08 1.48 19.77
CA ALA B 30 15.48 0.11 20.12
C ALA B 30 15.62 -0.05 21.62
N ASN B 31 15.63 -1.30 22.06
CA ASN B 31 15.78 -1.62 23.47
C ASN B 31 16.63 -2.88 23.63
N HIS B 32 17.32 -2.97 24.77
CA HIS B 32 18.25 -4.07 25.02
C HIS B 32 18.25 -4.46 26.48
N ALA B 33 18.52 -5.74 26.73
CA ALA B 33 18.60 -6.27 28.09
C ALA B 33 19.97 -6.86 28.32
N LEU B 34 20.60 -6.46 29.41
CA LEU B 34 21.90 -7.01 29.80
C LEU B 34 21.73 -7.93 30.99
N THR B 35 22.30 -9.12 30.87
CA THR B 35 22.27 -10.13 31.93
C THR B 35 23.62 -10.24 32.60
N GLY B 36 23.61 -10.26 33.93
CA GLY B 36 24.84 -10.40 34.69
C GLY B 36 24.82 -9.51 35.91
N GLN B 37 25.34 -10.02 37.02
CA GLN B 37 25.40 -9.25 38.26
C GLN B 37 26.42 -8.12 38.14
N LEU B 38 27.55 -8.41 37.51
CA LEU B 38 28.60 -7.39 37.36
C LEU B 38 28.15 -6.20 36.53
N TYR B 39 27.27 -6.46 35.57
CA TYR B 39 26.74 -5.38 34.73
C TYR B 39 26.09 -4.31 35.59
N CYS B 40 25.35 -4.74 36.60
CA CYS B 40 24.71 -3.80 37.52
C CYS B 40 25.74 -2.98 38.28
N GLN B 41 26.85 -3.62 38.62
CA GLN B 41 27.91 -2.98 39.38
C GLN B 41 28.69 -1.96 38.54
N ILE B 42 28.96 -2.31 37.27
CA ILE B 42 29.82 -1.50 36.42
C ILE B 42 29.08 -0.41 35.67
N LEU B 43 27.95 -0.75 35.06
CA LEU B 43 27.31 0.15 34.10
C LEU B 43 26.94 1.55 34.61
N PRO B 44 26.62 1.69 35.91
CA PRO B 44 26.39 3.06 36.38
C PRO B 44 27.65 3.91 36.34
N LEU B 45 28.80 3.29 36.08
CA LEU B 45 30.06 3.99 35.90
C LEU B 45 30.41 4.12 34.42
N LEU B 46 29.43 3.89 33.55
CA LEU B 46 29.62 4.00 32.11
C LEU B 46 28.73 5.12 31.56
N ASN B 47 28.43 6.09 32.41
CA ASN B 47 27.63 7.26 32.06
C ASN B 47 28.42 8.27 31.23
N GLY B 48 29.74 8.09 31.18
CA GLY B 48 30.62 9.05 30.54
C GLY B 48 31.18 10.06 31.51
N GLN B 49 31.28 9.66 32.77
CA GLN B 49 31.79 10.52 33.84
C GLN B 49 33.00 9.89 34.55
N TYR B 50 33.49 8.77 34.02
CA TYR B 50 34.54 8.00 34.69
C TYR B 50 35.58 7.42 33.74
N THR B 51 36.80 7.24 34.25
CA THR B 51 37.91 6.66 33.49
C THR B 51 38.26 5.29 34.08
N LEU B 52 38.86 4.41 33.26
CA LEU B 52 39.23 3.06 33.71
C LEU B 52 39.85 3.04 35.09
N GLU B 53 40.82 3.92 35.28
CA GLU B 53 41.60 3.95 36.51
C GLU B 53 40.76 4.40 37.69
N GLN B 54 39.77 5.25 37.42
CA GLN B 54 38.83 5.71 38.45
C GLN B 54 37.74 4.67 38.62
N ILE B 55 37.43 3.98 37.53
CA ILE B 55 36.51 2.85 37.56
C ILE B 55 37.07 1.80 38.53
N VAL B 56 38.30 1.36 38.28
CA VAL B 56 38.91 0.30 39.08
C VAL B 56 39.12 0.69 40.54
N GLU B 57 39.32 1.98 40.80
CA GLU B 57 39.51 2.47 42.17
C GLU B 57 38.22 2.42 42.97
N LYS B 58 37.12 2.80 42.34
CA LYS B 58 35.83 2.88 43.03
C LYS B 58 35.40 1.53 43.58
N LEU B 59 35.69 0.48 42.82
CA LEU B 59 35.31 -0.88 43.18
C LEU B 59 36.38 -1.65 43.96
N ASP B 60 37.52 -1.02 44.22
CA ASP B 60 38.57 -1.71 44.96
C ASP B 60 37.99 -2.32 46.23
N GLY B 61 38.05 -3.66 46.30
CA GLY B 61 37.35 -4.40 47.34
C GLY B 61 35.91 -4.70 46.99
N GLU B 62 35.58 -4.63 45.70
CA GLU B 62 34.24 -4.99 45.21
C GLU B 62 34.32 -5.97 44.03
N VAL B 63 35.06 -5.59 43.00
CA VAL B 63 35.21 -6.41 41.79
C VAL B 63 36.71 -6.59 41.47
N PRO B 64 37.07 -7.70 40.80
CA PRO B 64 38.46 -7.76 40.36
C PRO B 64 38.65 -6.90 39.12
N PRO B 65 39.69 -6.04 39.10
CA PRO B 65 39.86 -5.24 37.87
C PRO B 65 40.18 -6.08 36.64
N GLU B 66 40.79 -7.25 36.85
CA GLU B 66 41.08 -8.18 35.76
C GLU B 66 39.79 -8.61 35.06
N TYR B 67 38.76 -8.88 35.88
CA TYR B 67 37.42 -9.19 35.37
C TYR B 67 36.84 -8.07 34.54
N ILE B 68 37.01 -6.84 35.03
CA ILE B 68 36.34 -5.68 34.44
C ILE B 68 36.62 -5.55 32.98
N ASP B 69 37.88 -5.67 32.61
CA ASP B 69 38.27 -5.62 31.22
C ASP B 69 37.42 -6.61 30.45
N TYR B 70 37.18 -7.80 31.02
CA TYR B 70 36.37 -8.80 30.34
C TYR B 70 34.95 -8.31 30.04
N VAL B 71 34.39 -7.53 30.95
CA VAL B 71 33.09 -6.89 30.72
C VAL B 71 33.25 -5.85 29.62
N LEU B 72 34.13 -4.89 29.86
CA LEU B 72 34.40 -3.81 28.93
C LEU B 72 34.68 -4.33 27.53
N GLU B 73 35.57 -5.31 27.44
CA GLU B 73 35.92 -5.92 26.16
C GLU B 73 34.67 -6.45 25.47
N ARG B 74 33.87 -7.23 26.20
CA ARG B 74 32.68 -7.85 25.63
C ARG B 74 31.60 -6.83 25.25
N LEU B 75 31.46 -5.78 26.05
CA LEU B 75 30.55 -4.68 25.72
C LEU B 75 31.04 -3.97 24.46
N ALA B 76 32.36 -3.78 24.37
CA ALA B 76 32.99 -3.20 23.19
C ALA B 76 32.88 -4.17 22.00
N GLU B 77 33.06 -5.46 22.27
CA GLU B 77 32.93 -6.49 21.23
C GLU B 77 31.53 -6.46 20.61
N LYS B 78 30.52 -6.30 21.45
CA LYS B 78 29.13 -6.33 21.03
C LYS B 78 28.68 -4.96 20.52
N GLY B 79 29.48 -3.94 20.76
CA GLY B 79 29.22 -2.62 20.23
C GLY B 79 28.15 -1.84 20.98
N TYR B 80 28.15 -1.94 22.30
CA TYR B 80 27.35 -1.07 23.15
C TYR B 80 28.23 -0.01 23.73
N LEU B 81 29.48 0.02 23.31
CA LEU B 81 30.46 0.85 23.95
C LEU B 81 31.20 1.78 23.01
N THR B 82 31.40 3.02 23.47
CA THR B 82 32.18 4.00 22.73
C THR B 82 32.94 4.94 23.65
N GLU B 83 33.92 5.62 23.07
CA GLU B 83 34.64 6.69 23.73
C GLU B 83 33.76 7.94 23.61
N ALA B 84 33.50 8.61 24.72
CA ALA B 84 32.70 9.83 24.68
C ALA B 84 33.50 10.94 24.00
N ALA B 85 32.80 11.85 23.33
CA ALA B 85 33.45 12.99 22.66
C ALA B 85 33.19 14.27 23.45
N PRO B 86 34.24 14.99 23.83
CA PRO B 86 34.01 16.19 24.66
C PRO B 86 33.38 17.32 23.85
N GLU B 87 33.63 17.32 22.54
CA GLU B 87 33.19 18.40 21.65
C GLU B 87 31.67 18.59 21.66
N LEU B 88 30.94 17.49 21.78
CA LEU B 88 29.50 17.50 21.55
C LEU B 88 28.70 17.39 22.84
N SER B 89 27.47 17.87 22.81
CA SER B 89 26.55 17.71 23.94
C SER B 89 26.04 16.28 23.93
N SER B 90 25.41 15.87 25.02
CA SER B 90 24.90 14.50 25.14
C SER B 90 23.85 14.22 24.07
N GLU B 91 22.99 15.20 23.82
CA GLU B 91 21.94 15.06 22.84
C GLU B 91 22.49 14.82 21.44
N VAL B 92 23.46 15.63 21.05
CA VAL B 92 24.05 15.53 19.72
C VAL B 92 24.77 14.20 19.61
N ALA B 93 25.50 13.85 20.66
CA ALA B 93 26.20 12.57 20.70
C ALA B 93 25.22 11.43 20.51
N ALA B 94 24.11 11.50 21.23
CA ALA B 94 23.07 10.48 21.21
C ALA B 94 22.51 10.28 19.80
N PHE B 95 22.30 11.38 19.08
CA PHE B 95 21.74 11.31 17.73
C PHE B 95 22.59 10.42 16.83
N TRP B 96 23.89 10.66 16.81
CA TRP B 96 24.79 9.95 15.89
C TRP B 96 25.02 8.50 16.30
N SER B 97 25.00 8.24 17.60
CA SER B 97 25.15 6.89 18.11
C SER B 97 23.91 6.05 17.76
N GLU B 98 22.74 6.70 17.71
CA GLU B 98 21.49 6.02 17.37
C GLU B 98 21.50 5.63 15.90
N LEU B 99 22.27 6.36 15.10
CA LEU B 99 22.51 5.98 13.70
C LEU B 99 23.64 4.95 13.61
N GLY B 100 24.27 4.65 14.74
CA GLY B 100 25.35 3.68 14.80
C GLY B 100 26.69 4.29 14.46
N ILE B 101 26.90 5.54 14.89
CA ILE B 101 28.15 6.26 14.63
C ILE B 101 28.73 6.81 15.91
N ALA B 102 30.01 6.49 16.15
CA ALA B 102 30.71 6.88 17.37
C ALA B 102 30.84 8.39 17.47
N PRO B 103 30.75 8.94 18.70
CA PRO B 103 30.86 10.39 18.88
C PRO B 103 32.17 11.02 18.35
N PRO B 104 33.33 10.39 18.61
CA PRO B 104 34.55 11.03 18.11
C PRO B 104 34.60 11.11 16.59
N VAL B 105 33.99 10.15 15.91
CA VAL B 105 33.95 10.14 14.45
C VAL B 105 33.03 11.23 13.94
N ALA B 106 31.88 11.38 14.58
CA ALA B 106 30.90 12.37 14.17
C ALA B 106 31.55 13.75 14.21
N ALA B 107 32.12 14.07 15.36
CA ALA B 107 32.79 15.34 15.59
C ALA B 107 33.81 15.65 14.50
N GLU B 108 34.60 14.65 14.12
CA GLU B 108 35.61 14.81 13.08
C GLU B 108 34.95 15.04 11.71
N ALA B 109 33.83 14.36 11.49
CA ALA B 109 33.13 14.45 10.22
C ALA B 109 32.48 15.82 10.03
N LEU B 110 31.92 16.37 11.10
CA LEU B 110 31.18 17.63 11.02
C LEU B 110 32.10 18.81 10.82
N ARG B 111 33.38 18.63 11.07
CA ARG B 111 34.38 19.67 10.85
C ARG B 111 34.46 20.06 9.37
N GLN B 112 33.99 19.17 8.50
CA GLN B 112 34.00 19.39 7.06
C GLN B 112 33.17 20.62 6.72
N PRO B 113 33.54 21.34 5.64
CA PRO B 113 32.77 22.52 5.25
C PRO B 113 31.95 22.29 3.98
N VAL B 114 31.00 23.19 3.72
CA VAL B 114 30.09 23.06 2.58
C VAL B 114 29.95 24.41 1.87
N THR B 115 29.45 24.38 0.64
CA THR B 115 29.09 25.61 -0.08
C THR B 115 27.58 25.68 -0.29
N LEU B 116 27.04 26.90 -0.21
CA LEU B 116 25.63 27.15 -0.51
C LEU B 116 25.52 28.10 -1.70
N THR B 117 24.77 27.67 -2.71
CA THR B 117 24.60 28.44 -3.93
C THR B 117 23.11 28.67 -4.17
N PRO B 118 22.64 29.92 -4.05
CA PRO B 118 21.23 30.14 -4.38
C PRO B 118 21.04 30.22 -5.89
N VAL B 119 19.82 29.93 -6.33
CA VAL B 119 19.45 30.08 -7.73
C VAL B 119 18.01 30.57 -7.76
N GLY B 120 17.65 31.28 -8.84
CA GLY B 120 16.31 31.85 -8.93
C GLY B 120 16.14 33.01 -7.96
N ASN B 121 15.02 33.04 -7.26
CA ASN B 121 14.66 34.17 -6.41
C ASN B 121 14.86 33.92 -4.92
N ILE B 122 15.80 33.05 -4.58
CA ILE B 122 16.11 32.76 -3.17
C ILE B 122 16.88 33.92 -2.55
N SER B 123 16.40 34.39 -1.40
CA SER B 123 16.97 35.56 -0.75
C SER B 123 18.35 35.26 -0.20
N GLU B 124 19.18 36.29 -0.07
CA GLU B 124 20.48 36.15 0.59
C GLU B 124 20.27 35.86 2.08
N VAL B 125 19.18 36.41 2.62
CA VAL B 125 18.77 36.17 4.00
C VAL B 125 18.38 34.70 4.20
N THR B 126 17.70 34.14 3.21
CA THR B 126 17.34 32.74 3.25
C THR B 126 18.63 31.90 3.35
N VAL B 127 19.64 32.25 2.55
CA VAL B 127 20.92 31.54 2.57
C VAL B 127 21.61 31.73 3.92
N ALA B 128 21.50 32.94 4.47
CA ALA B 128 22.03 33.20 5.81
C ALA B 128 21.36 32.28 6.85
N ALA B 129 20.05 32.07 6.72
CA ALA B 129 19.30 31.28 7.68
C ALA B 129 19.75 29.82 7.65
N LEU B 130 19.96 29.30 6.45
CA LEU B 130 20.44 27.92 6.30
C LEU B 130 21.83 27.78 6.88
N THR B 131 22.68 28.75 6.53
CA THR B 131 24.05 28.82 7.02
C THR B 131 24.05 28.79 8.55
N THR B 132 23.13 29.54 9.13
CA THR B 132 22.98 29.60 10.57
C THR B 132 22.51 28.24 11.12
N ALA B 133 21.49 27.66 10.47
CA ALA B 133 20.97 26.36 10.90
C ALA B 133 22.06 25.29 10.90
N LEU B 134 22.94 25.37 9.90
CA LEU B 134 24.09 24.46 9.80
C LEU B 134 25.09 24.72 10.92
N ARG B 135 25.36 25.99 11.17
CA ARG B 135 26.27 26.39 12.24
C ARG B 135 25.81 25.80 13.56
N ASP B 136 24.54 25.94 13.87
CA ASP B 136 24.02 25.52 15.16
C ASP B 136 24.14 24.02 15.41
N ILE B 137 24.43 23.25 14.37
CA ILE B 137 24.70 21.81 14.54
C ILE B 137 26.16 21.51 14.24
N GLY B 138 26.96 22.56 14.09
CA GLY B 138 28.40 22.42 13.98
C GLY B 138 28.93 22.23 12.56
N ILE B 139 28.19 22.72 11.58
CA ILE B 139 28.65 22.71 10.19
C ILE B 139 28.96 24.12 9.69
N SER B 140 30.05 24.25 8.97
CA SER B 140 30.55 25.55 8.52
C SER B 140 30.47 25.68 7.00
N VAL B 141 30.44 26.91 6.52
CA VAL B 141 30.28 27.20 5.09
C VAL B 141 31.47 27.97 4.53
N GLN B 142 32.00 27.50 3.40
CA GLN B 142 33.12 28.13 2.73
C GLN B 142 32.63 29.20 1.76
N THR B 143 33.06 30.44 1.99
CA THR B 143 32.65 31.57 1.15
C THR B 143 33.82 32.13 0.34
N THR B 151 35.29 21.52 -2.06
CA THR B 151 34.43 21.07 -0.99
C THR B 151 33.92 19.67 -1.22
N ALA B 152 33.35 19.09 -0.16
CA ALA B 152 32.84 17.72 -0.20
C ALA B 152 31.37 17.71 -0.61
N LEU B 153 30.74 18.87 -0.62
CA LEU B 153 29.33 18.96 -0.94
C LEU B 153 28.94 20.40 -1.30
N ASN B 154 28.10 20.55 -2.31
CA ASN B 154 27.55 21.83 -2.69
C ASN B 154 26.04 21.78 -2.56
N VAL B 155 25.47 22.76 -1.86
CA VAL B 155 24.02 22.80 -1.64
C VAL B 155 23.42 23.91 -2.47
N VAL B 156 22.51 23.54 -3.36
CA VAL B 156 21.86 24.49 -4.24
C VAL B 156 20.46 24.79 -3.72
N LEU B 157 20.17 26.07 -3.52
CA LEU B 157 18.83 26.48 -3.15
C LEU B 157 18.10 27.04 -4.36
N THR B 158 16.94 26.48 -4.68
CA THR B 158 16.15 26.93 -5.81
C THR B 158 14.72 27.22 -5.39
N ASP B 159 13.98 27.89 -6.28
CA ASP B 159 12.53 28.05 -6.13
C ASP B 159 11.81 27.15 -7.15
N ASP B 160 12.57 26.38 -7.92
CA ASP B 160 12.01 25.48 -8.91
C ASP B 160 13.10 24.56 -9.43
N TYR B 161 12.81 23.27 -9.52
CA TYR B 161 13.81 22.29 -9.93
C TYR B 161 14.16 22.36 -11.42
N LEU B 162 13.40 23.15 -12.19
CA LEU B 162 13.67 23.32 -13.63
C LEU B 162 14.21 24.70 -13.99
N GLN B 163 14.75 25.42 -13.00
CA GLN B 163 15.40 26.71 -13.25
C GLN B 163 16.63 26.53 -14.16
N PRO B 164 16.63 27.15 -15.36
CA PRO B 164 17.65 26.85 -16.37
C PRO B 164 19.10 26.92 -15.89
N GLU B 165 19.38 27.73 -14.88
CA GLU B 165 20.74 27.85 -14.35
C GLU B 165 21.26 26.52 -13.78
N LEU B 166 20.34 25.63 -13.41
CA LEU B 166 20.72 24.33 -12.88
C LEU B 166 21.41 23.45 -13.91
N ALA B 167 21.10 23.66 -15.18
CA ALA B 167 21.69 22.86 -16.25
C ALA B 167 23.20 23.07 -16.26
N LYS B 168 23.61 24.32 -16.03
CA LYS B 168 25.02 24.70 -16.08
C LYS B 168 25.77 24.24 -14.84
N ILE B 169 25.12 24.36 -13.68
CA ILE B 169 25.69 23.88 -12.43
C ILE B 169 25.90 22.36 -12.51
N ASN B 170 25.02 21.69 -13.23
CA ASN B 170 25.09 20.24 -13.39
C ASN B 170 26.28 19.81 -14.23
N LYS B 171 26.45 20.44 -15.40
CA LYS B 171 27.53 20.07 -16.31
C LYS B 171 28.87 20.27 -15.63
N GLN B 172 29.02 21.40 -14.94
CA GLN B 172 30.24 21.71 -14.20
C GLN B 172 30.48 20.67 -13.12
N ALA B 173 29.42 20.33 -12.39
CA ALA B 173 29.53 19.34 -11.32
C ALA B 173 29.97 17.98 -11.88
N LEU B 174 29.52 17.66 -13.09
CA LEU B 174 29.89 16.41 -13.73
C LEU B 174 31.35 16.40 -14.14
N GLU B 175 31.80 17.52 -14.71
CA GLU B 175 33.19 17.66 -15.13
C GLU B 175 34.11 17.85 -13.93
N SER B 176 33.59 18.47 -12.89
CA SER B 176 34.33 18.70 -11.64
C SER B 176 34.23 17.53 -10.67
N GLN B 177 33.30 16.62 -10.92
CA GLN B 177 33.06 15.48 -10.03
C GLN B 177 32.63 15.97 -8.64
N GLN B 178 31.97 17.12 -8.62
CA GLN B 178 31.50 17.74 -7.39
C GLN B 178 30.17 17.11 -6.96
N THR B 179 30.17 16.48 -5.78
CA THR B 179 28.93 16.00 -5.19
C THR B 179 28.13 17.20 -4.71
N TRP B 180 26.82 17.21 -4.97
CA TRP B 180 25.98 18.35 -4.60
C TRP B 180 24.54 17.98 -4.28
N LEU B 181 23.88 18.87 -3.55
CA LEU B 181 22.52 18.66 -3.05
C LEU B 181 21.60 19.77 -3.53
N LEU B 182 20.34 19.41 -3.82
CA LEU B 182 19.34 20.36 -4.27
C LEU B 182 18.21 20.47 -3.24
N VAL B 183 17.73 21.69 -3.02
CA VAL B 183 16.64 21.92 -2.07
C VAL B 183 15.75 23.07 -2.52
N LYS B 184 14.44 22.86 -2.38
CA LYS B 184 13.45 23.91 -2.59
C LYS B 184 12.64 24.10 -1.31
N PRO B 185 13.02 25.09 -0.47
CA PRO B 185 12.33 25.31 0.81
C PRO B 185 11.18 26.31 0.73
N VAL B 186 11.14 27.09 -0.35
CA VAL B 186 10.02 27.99 -0.60
C VAL B 186 8.87 27.22 -1.27
N GLY B 187 7.66 27.74 -1.11
CA GLY B 187 6.48 27.10 -1.68
C GLY B 187 5.81 26.18 -0.68
N SER B 188 4.56 25.83 -0.96
CA SER B 188 3.75 25.01 -0.06
C SER B 188 4.25 23.57 0.03
N VAL B 189 5.20 23.19 -0.82
CA VAL B 189 5.74 21.84 -0.86
C VAL B 189 7.25 21.83 -0.84
N LEU B 190 7.82 21.39 0.28
CA LEU B 190 9.26 21.29 0.41
C LEU B 190 9.81 20.16 -0.44
N TRP B 191 10.68 20.49 -1.39
CA TRP B 191 11.45 19.46 -2.08
C TRP B 191 12.84 19.42 -1.47
N LEU B 192 13.31 18.21 -1.21
CA LEU B 192 14.58 18.00 -0.53
C LEU B 192 15.29 16.83 -1.19
N GLY B 193 16.45 17.12 -1.78
CA GLY B 193 17.23 16.12 -2.50
C GLY B 193 17.05 16.30 -4.00
N PRO B 194 17.74 15.47 -4.79
CA PRO B 194 18.66 14.45 -4.31
C PRO B 194 20.06 14.98 -4.10
N VAL B 195 20.92 14.15 -3.53
CA VAL B 195 22.34 14.40 -3.54
C VAL B 195 22.87 13.77 -4.83
N PHE B 196 23.34 14.60 -5.74
CA PHE B 196 23.95 14.11 -6.97
C PHE B 196 25.41 13.78 -6.73
N VAL B 197 25.79 12.57 -7.15
CA VAL B 197 27.16 12.09 -7.05
C VAL B 197 27.59 11.66 -8.44
N PRO B 198 28.28 12.55 -9.18
CA PRO B 198 28.62 12.30 -10.59
C PRO B 198 29.21 10.92 -10.84
N GLY B 199 28.68 10.23 -11.84
CA GLY B 199 29.17 8.90 -12.20
C GLY B 199 28.53 7.78 -11.40
N LYS B 200 27.72 8.15 -10.41
CA LYS B 200 27.04 7.18 -9.56
C LYS B 200 25.53 7.42 -9.57
N THR B 201 25.15 8.69 -9.46
CA THR B 201 23.78 9.08 -9.23
C THR B 201 23.05 9.35 -10.54
N GLY B 202 21.73 9.42 -10.45
CA GLY B 202 20.96 10.02 -11.50
C GLY B 202 21.45 11.43 -11.77
N CYS B 203 21.24 11.88 -12.99
CA CYS B 203 21.68 13.18 -13.47
C CYS B 203 20.63 14.20 -13.12
N TRP B 204 21.00 15.48 -13.03
CA TRP B 204 19.96 16.49 -12.88
C TRP B 204 19.12 16.56 -14.15
N ASP B 205 19.78 16.45 -15.30
CA ASP B 205 19.07 16.48 -16.57
C ASP B 205 18.18 15.25 -16.71
N CYS B 206 18.63 14.13 -16.13
CA CYS B 206 17.86 12.89 -16.18
C CYS B 206 16.67 12.93 -15.20
N LEU B 207 16.80 13.73 -14.14
CA LEU B 207 15.65 14.08 -13.31
C LEU B 207 14.73 14.98 -14.10
N ALA B 208 15.33 16.00 -14.72
CA ALA B 208 14.57 17.04 -15.40
C ALA B 208 13.72 16.45 -16.52
N HIS B 209 14.29 15.49 -17.25
CA HIS B 209 13.58 14.83 -18.34
C HIS B 209 12.23 14.33 -17.84
N ARG B 210 12.23 13.71 -16.66
CA ARG B 210 11.01 13.20 -16.06
C ARG B 210 10.06 14.34 -15.70
N LEU B 211 10.61 15.40 -15.13
CA LEU B 211 9.79 16.51 -14.63
C LEU B 211 9.05 17.28 -15.73
N ARG B 212 9.69 17.50 -16.87
CA ARG B 212 9.07 18.27 -17.96
C ARG B 212 7.78 17.59 -18.38
N GLY B 213 7.84 16.26 -18.47
CA GLY B 213 6.70 15.46 -18.83
C GLY B 213 5.59 15.52 -17.80
N ASN B 214 5.97 15.54 -16.53
CA ASN B 214 4.97 15.52 -15.46
C ASN B 214 4.19 16.82 -15.35
N ARG B 215 4.82 17.92 -15.73
CA ARG B 215 4.15 19.22 -15.79
C ARG B 215 3.81 19.59 -17.22
N GLU B 216 2.82 18.92 -17.82
CA GLU B 216 2.47 19.18 -19.22
C GLU B 216 1.77 20.53 -19.36
N VAL B 217 0.86 20.81 -18.44
CA VAL B 217 0.18 22.09 -18.41
C VAL B 217 1.17 23.26 -18.41
N GLU B 218 2.14 23.22 -17.51
CA GLU B 218 3.16 24.26 -17.43
C GLU B 218 4.02 24.25 -18.70
N ALA B 219 4.40 23.06 -19.12
CA ALA B 219 5.21 22.90 -20.33
C ALA B 219 4.46 23.43 -21.55
N SER B 220 3.15 23.19 -21.59
CA SER B 220 2.33 23.66 -22.70
C SER B 220 2.28 25.18 -22.77
N VAL B 221 2.08 25.82 -21.63
CA VAL B 221 1.93 27.28 -21.59
C VAL B 221 3.11 27.98 -22.23
N LEU B 222 4.33 27.49 -21.99
CA LEU B 222 5.52 28.09 -22.59
C LEU B 222 5.51 27.96 -24.11
N ARG B 223 5.06 26.81 -24.61
CA ARG B 223 4.92 26.61 -26.05
C ARG B 223 3.96 27.63 -26.64
N GLN B 224 2.82 27.81 -25.98
CA GLN B 224 1.84 28.82 -26.39
C GLN B 224 2.45 30.21 -26.33
N LYS B 225 3.29 30.42 -25.31
CA LYS B 225 3.92 31.72 -25.07
C LYS B 225 4.90 32.07 -26.18
N GLN B 226 5.66 31.09 -26.64
CA GLN B 226 6.67 31.31 -27.68
C GLN B 226 6.02 31.59 -29.04
N ALA B 227 4.86 30.97 -29.28
CA ALA B 227 4.11 31.19 -30.52
C ALA B 227 3.71 32.65 -30.67
N GLN B 228 3.21 33.25 -29.60
CA GLN B 228 2.90 34.67 -29.60
C GLN B 228 4.17 35.50 -29.78
N GLN B 229 5.28 34.97 -29.29
CA GLN B 229 6.59 35.58 -29.51
C GLN B 229 7.04 35.36 -30.95
N GLY B 240 12.42 29.29 -18.99
CA GLY B 240 12.19 27.85 -19.07
C GLY B 240 11.37 27.26 -17.93
N CYS B 241 11.00 28.10 -16.96
CA CYS B 241 10.16 27.66 -15.85
C CYS B 241 9.37 28.86 -15.33
N LEU B 242 8.29 28.56 -14.63
CA LEU B 242 7.41 29.60 -14.10
C LEU B 242 7.41 29.53 -12.57
N PRO B 243 7.46 30.69 -11.90
CA PRO B 243 7.60 30.67 -10.45
C PRO B 243 6.24 30.51 -9.76
N THR B 244 5.96 29.29 -9.33
CA THR B 244 4.71 28.98 -8.63
C THR B 244 4.93 28.90 -7.11
N ALA B 245 6.19 28.96 -6.69
CA ALA B 245 6.53 28.86 -5.27
C ALA B 245 6.24 30.15 -4.52
N ARG B 246 4.97 30.53 -4.46
CA ARG B 246 4.55 31.80 -3.86
C ARG B 246 4.02 31.60 -2.44
N ALA B 247 3.33 30.49 -2.21
CA ALA B 247 2.77 30.20 -0.89
C ALA B 247 3.85 29.74 0.07
N THR B 248 4.24 30.62 0.97
CA THR B 248 5.36 30.33 1.89
C THR B 248 5.19 31.02 3.24
N LEU B 249 5.02 30.23 4.29
CA LEU B 249 5.07 30.77 5.65
C LEU B 249 6.51 30.78 6.12
N PRO B 250 6.86 31.73 7.00
CA PRO B 250 8.21 31.68 7.58
C PRO B 250 8.45 30.42 8.40
N SER B 251 7.38 29.73 8.79
CA SER B 251 7.50 28.48 9.51
C SER B 251 7.75 27.31 8.57
N THR B 252 7.15 27.33 7.38
CA THR B 252 7.40 26.28 6.39
C THR B 252 8.81 26.43 5.82
N LEU B 253 9.21 27.68 5.58
CA LEU B 253 10.53 27.98 5.07
C LEU B 253 11.57 27.46 6.02
N GLN B 254 11.43 27.84 7.29
CA GLN B 254 12.38 27.42 8.31
C GLN B 254 12.32 25.90 8.52
N THR B 255 11.11 25.32 8.40
CA THR B 255 10.93 23.89 8.50
C THR B 255 11.73 23.16 7.42
N GLY B 256 11.91 23.81 6.28
CA GLY B 256 12.61 23.19 5.15
C GLY B 256 14.11 23.37 5.20
N LEU B 257 14.55 24.54 5.64
CA LEU B 257 15.97 24.82 5.79
C LEU B 257 16.56 23.92 6.86
N GLN B 258 15.87 23.86 8.00
CA GLN B 258 16.33 23.10 9.15
C GLN B 258 16.35 21.60 8.89
N PHE B 259 15.27 21.13 8.29
CA PHE B 259 15.15 19.75 7.87
C PHE B 259 16.30 19.42 6.92
N ALA B 260 16.56 20.30 5.97
CA ALA B 260 17.64 20.10 5.01
C ALA B 260 18.97 20.02 5.74
N ALA B 261 19.16 20.91 6.70
CA ALA B 261 20.41 20.96 7.47
C ALA B 261 20.68 19.63 8.18
N THR B 262 19.63 18.99 8.68
CA THR B 262 19.76 17.70 9.33
C THR B 262 20.22 16.66 8.33
N GLU B 263 19.66 16.70 7.12
CA GLU B 263 19.99 15.73 6.09
C GLU B 263 21.37 15.99 5.51
N ILE B 264 21.75 17.26 5.41
CA ILE B 264 23.09 17.65 4.98
C ILE B 264 24.12 17.02 5.92
N ALA B 265 23.96 17.27 7.21
CA ALA B 265 24.84 16.67 8.20
C ALA B 265 24.93 15.17 7.98
N LYS B 266 23.77 14.51 7.89
CA LYS B 266 23.72 13.05 7.72
C LYS B 266 24.56 12.57 6.54
N TRP B 267 24.53 13.31 5.43
CA TRP B 267 25.33 12.95 4.27
C TRP B 267 26.80 13.12 4.55
N ILE B 268 27.18 14.27 5.11
CA ILE B 268 28.55 14.58 5.45
C ILE B 268 29.13 13.47 6.33
N VAL B 269 28.40 13.14 7.38
CA VAL B 269 28.85 12.14 8.33
C VAL B 269 28.98 10.79 7.63
N LYS B 270 28.01 10.44 6.81
CA LYS B 270 28.03 9.16 6.10
C LYS B 270 29.18 9.10 5.12
N TYR B 271 29.41 10.21 4.43
CA TYR B 271 30.50 10.33 3.47
C TYR B 271 31.88 10.18 4.13
N HIS B 272 32.09 10.93 5.21
CA HIS B 272 33.36 10.90 5.94
C HIS B 272 33.77 9.47 6.28
N VAL B 273 32.87 8.76 6.95
CA VAL B 273 33.15 7.40 7.41
C VAL B 273 33.39 6.46 6.23
N ASN B 274 32.59 6.62 5.17
CA ASN B 274 32.67 5.74 4.01
C ASN B 274 34.03 5.74 3.34
N ALA B 275 34.74 6.87 3.42
CA ALA B 275 36.09 6.94 2.88
C ALA B 275 37.02 5.98 3.63
N THR B 276 36.97 6.06 4.96
CA THR B 276 37.81 5.23 5.82
C THR B 276 37.42 3.76 5.80
N ALA B 277 36.13 3.49 5.87
CA ALA B 277 35.62 2.12 5.98
C ALA B 277 34.48 1.88 4.99
N PRO B 278 34.80 1.83 3.69
CA PRO B 278 33.81 1.71 2.63
C PRO B 278 32.69 0.70 2.89
N GLY B 279 31.45 1.12 2.67
CA GLY B 279 30.29 0.27 2.82
C GLY B 279 29.95 -0.10 4.25
N THR B 280 30.48 0.65 5.22
CA THR B 280 30.30 0.31 6.63
C THR B 280 29.06 0.94 7.26
N VAL B 281 28.50 1.96 6.62
CA VAL B 281 27.32 2.66 7.16
C VAL B 281 26.12 2.45 6.25
N PHE B 282 24.95 2.31 6.85
CA PHE B 282 23.77 1.86 6.12
C PHE B 282 22.59 2.81 6.14
N PHE B 283 22.51 3.70 7.13
CA PHE B 283 21.34 4.58 7.23
C PHE B 283 21.18 5.41 5.97
N PRO B 284 19.93 5.60 5.51
CA PRO B 284 19.71 6.20 4.21
C PRO B 284 20.08 7.69 4.13
N THR B 285 20.49 8.11 2.94
CA THR B 285 20.75 9.52 2.65
C THR B 285 19.90 9.93 1.46
N LEU B 286 19.93 11.21 1.10
CA LEU B 286 19.16 11.68 -0.04
C LEU B 286 19.84 11.35 -1.38
N ASP B 287 20.88 10.52 -1.35
CA ASP B 287 21.56 10.12 -2.57
C ASP B 287 20.61 9.36 -3.49
N GLY B 288 20.20 10.02 -4.57
CA GLY B 288 19.31 9.43 -5.56
C GLY B 288 17.84 9.42 -5.14
N LYS B 289 17.52 10.10 -4.04
CA LYS B 289 16.13 10.22 -3.59
C LYS B 289 15.68 11.68 -3.58
N ILE B 290 14.42 11.93 -3.89
CA ILE B 290 13.81 13.24 -3.68
C ILE B 290 12.66 13.09 -2.70
N ILE B 291 12.71 13.86 -1.61
CA ILE B 291 11.65 13.87 -0.62
C ILE B 291 10.75 15.08 -0.81
N THR B 292 9.45 14.85 -0.89
CA THR B 292 8.49 15.95 -0.97
C THR B 292 7.58 15.94 0.24
N LEU B 293 7.65 17.01 1.02
CA LEU B 293 6.78 17.20 2.17
C LEU B 293 5.78 18.29 1.83
N ASN B 294 4.54 17.90 1.58
CA ASN B 294 3.48 18.85 1.32
C ASN B 294 3.05 19.46 2.65
N HIS B 295 3.15 20.78 2.77
CA HIS B 295 2.85 21.45 4.03
C HIS B 295 1.35 21.64 4.21
N SER B 296 0.64 21.83 3.11
CA SER B 296 -0.79 22.15 3.13
C SER B 296 -1.66 20.95 3.46
N ILE B 297 -1.52 19.88 2.70
CA ILE B 297 -2.28 18.66 2.93
C ILE B 297 -1.56 17.72 3.89
N LEU B 298 -0.28 17.96 4.12
CA LEU B 298 0.51 17.16 5.04
C LEU B 298 0.70 15.73 4.53
N ASP B 299 1.80 15.52 3.83
CA ASP B 299 2.18 14.20 3.35
C ASP B 299 3.63 14.24 2.89
N LEU B 300 4.38 13.21 3.26
CA LEU B 300 5.80 13.10 2.91
C LEU B 300 6.00 11.88 2.05
N LYS B 301 6.53 12.07 0.84
CA LYS B 301 6.77 10.97 -0.07
C LYS B 301 8.22 10.91 -0.51
N SER B 302 8.71 9.68 -0.71
CA SER B 302 10.09 9.46 -1.15
C SER B 302 10.09 9.08 -2.63
N HIS B 303 10.82 9.85 -3.43
CA HIS B 303 10.83 9.71 -4.87
C HIS B 303 12.21 9.23 -5.35
N ILE B 304 12.25 8.07 -5.98
CA ILE B 304 13.52 7.46 -6.42
C ILE B 304 13.92 7.94 -7.80
N LEU B 305 15.10 8.58 -7.88
CA LEU B 305 15.68 9.02 -9.15
C LEU B 305 16.50 7.93 -9.84
N ILE B 306 16.13 7.58 -11.07
CA ILE B 306 16.87 6.59 -11.84
C ILE B 306 17.92 7.27 -12.71
N LYS B 307 19.14 6.75 -12.67
CA LYS B 307 20.19 7.17 -13.60
C LYS B 307 19.85 6.65 -14.98
N ARG B 308 19.63 7.56 -15.91
CA ARG B 308 19.30 7.19 -17.28
C ARG B 308 20.57 6.91 -18.06
N SER B 309 20.70 5.67 -18.54
CA SER B 309 21.85 5.24 -19.33
C SER B 309 22.04 6.05 -20.60
N GLN B 310 20.99 6.73 -21.04
CA GLN B 310 20.99 7.47 -22.30
C GLN B 310 21.02 8.98 -22.10
N CYS B 311 21.23 9.42 -20.86
CA CYS B 311 21.23 10.84 -20.54
C CYS B 311 22.31 11.57 -21.33
N PRO B 312 21.91 12.49 -22.23
CA PRO B 312 22.93 13.21 -23.02
C PRO B 312 24.01 13.86 -22.16
N THR B 313 23.61 14.40 -21.02
CA THR B 313 24.53 15.10 -20.13
C THR B 313 25.54 14.17 -19.45
N CYS B 314 25.11 12.96 -19.07
CA CYS B 314 26.00 12.03 -18.36
C CYS B 314 25.99 10.61 -18.91
N GLY B 315 24.92 10.23 -19.60
CA GLY B 315 24.82 8.91 -20.21
C GLY B 315 25.37 8.89 -21.61
N ASP B 316 24.87 7.95 -22.41
CA ASP B 316 25.22 7.81 -23.81
C ASP B 316 23.92 7.73 -24.64
N PRO B 317 23.40 8.87 -25.10
CA PRO B 317 22.12 8.87 -25.81
C PRO B 317 22.13 8.04 -27.10
N LYS B 318 23.31 7.72 -27.58
CA LYS B 318 23.48 7.01 -28.85
C LYS B 318 23.11 5.54 -28.77
N ILE B 319 22.80 5.04 -27.59
CA ILE B 319 22.44 3.63 -27.40
C ILE B 319 21.27 3.18 -28.28
N LEU B 320 20.11 3.80 -28.08
CA LEU B 320 18.88 3.35 -28.72
C LEU B 320 19.00 3.22 -30.23
N GLN B 321 19.91 4.00 -30.80
CA GLN B 321 20.20 3.91 -32.21
C GLN B 321 20.81 2.54 -32.56
N HIS B 322 21.87 2.18 -31.85
CA HIS B 322 22.54 0.90 -32.06
C HIS B 322 21.56 -0.24 -31.99
N ARG B 323 20.86 -0.34 -30.84
CA ARG B 323 19.95 -1.44 -30.58
C ARG B 323 18.89 -1.61 -31.66
N GLY B 324 18.46 -0.50 -32.26
CA GLY B 324 17.49 -0.54 -33.34
C GLY B 324 18.05 -1.24 -34.56
N PHE B 325 19.33 -1.02 -34.83
CA PHE B 325 20.00 -1.59 -36.00
C PHE B 325 20.74 -2.87 -35.70
N GLU B 326 20.56 -3.40 -34.50
CA GLU B 326 21.04 -4.73 -34.14
C GLU B 326 19.88 -5.71 -34.27
N PRO B 327 20.18 -6.99 -34.51
CA PRO B 327 19.09 -7.94 -34.70
C PRO B 327 18.29 -8.14 -33.41
N LEU B 328 17.06 -8.65 -33.54
CA LEU B 328 16.24 -8.95 -32.38
C LEU B 328 16.48 -10.39 -31.94
N LYS B 329 17.06 -10.57 -30.77
CA LYS B 329 17.33 -11.91 -30.24
C LYS B 329 16.25 -12.31 -29.25
N LEU B 330 15.42 -13.26 -29.65
CA LEU B 330 14.43 -13.83 -28.76
C LEU B 330 14.99 -15.10 -28.15
N GLU B 331 14.62 -15.37 -26.90
CA GLU B 331 15.02 -16.60 -26.24
C GLU B 331 13.88 -17.09 -25.34
N SER B 332 13.65 -18.41 -25.36
CA SER B 332 12.46 -19.01 -24.75
C SER B 332 12.25 -18.66 -23.29
N ARG B 333 10.98 -18.51 -22.92
CA ARG B 333 10.55 -18.29 -21.54
C ARG B 333 9.46 -19.30 -21.19
N PRO B 334 9.75 -20.26 -20.30
CA PRO B 334 8.71 -21.25 -19.96
C PRO B 334 7.50 -20.66 -19.23
N GLY B 342 -3.74 -15.78 -18.78
CA GLY B 342 -2.89 -15.43 -17.65
C GLY B 342 -1.50 -16.04 -17.76
N HIS B 343 -1.07 -16.31 -18.99
CA HIS B 343 0.24 -16.93 -19.25
C HIS B 343 1.41 -16.10 -18.73
N ARG B 344 1.13 -14.86 -18.38
CA ARG B 344 2.16 -13.90 -17.99
C ARG B 344 3.20 -14.50 -17.04
N GLY B 345 4.46 -14.39 -17.45
CA GLY B 345 5.57 -15.15 -16.87
C GLY B 345 5.71 -15.11 -15.37
N THR B 346 5.29 -14.02 -14.74
CA THR B 346 5.40 -13.88 -13.30
C THR B 346 4.17 -13.19 -12.74
N THR B 347 4.03 -13.25 -11.42
CA THR B 347 2.80 -12.79 -10.78
C THR B 347 2.60 -11.30 -11.02
N PRO B 348 1.33 -10.85 -11.06
CA PRO B 348 1.11 -9.40 -11.12
C PRO B 348 1.71 -8.69 -9.91
N GLU B 349 1.61 -9.28 -8.73
CA GLU B 349 2.12 -8.67 -7.51
C GLU B 349 3.63 -8.45 -7.61
N GLN B 350 4.34 -9.41 -8.20
CA GLN B 350 5.79 -9.30 -8.39
C GLN B 350 6.14 -8.24 -9.41
N THR B 351 5.36 -8.18 -10.49
CA THR B 351 5.60 -7.19 -11.54
C THR B 351 5.36 -5.78 -11.02
N VAL B 352 4.32 -5.61 -10.20
CA VAL B 352 4.04 -4.32 -9.58
C VAL B 352 5.19 -3.92 -8.70
N GLN B 353 5.56 -4.80 -7.77
CA GLN B 353 6.59 -4.50 -6.77
C GLN B 353 7.84 -3.87 -7.38
N LYS B 354 8.40 -4.53 -8.38
CA LYS B 354 9.69 -4.10 -8.91
C LYS B 354 9.59 -2.81 -9.73
N TYR B 355 8.41 -2.54 -10.29
CA TYR B 355 8.20 -1.37 -11.14
C TYR B 355 7.35 -0.30 -10.47
N GLN B 356 7.17 -0.43 -9.16
CA GLN B 356 6.44 0.57 -8.37
C GLN B 356 7.09 1.94 -8.43
N HIS B 357 8.42 1.97 -8.50
CA HIS B 357 9.16 3.21 -8.37
C HIS B 357 8.89 4.21 -9.50
N LEU B 358 8.24 3.75 -10.55
CA LEU B 358 7.87 4.63 -11.66
C LEU B 358 6.61 5.39 -11.32
N ILE B 359 5.94 5.02 -10.23
CA ILE B 359 4.72 5.71 -9.83
C ILE B 359 5.10 6.87 -8.91
N SER B 360 5.53 7.96 -9.54
CA SER B 360 5.79 9.21 -8.82
C SER B 360 5.45 10.36 -9.76
N PRO B 361 4.83 11.43 -9.22
CA PRO B 361 4.54 12.57 -10.10
C PRO B 361 5.74 13.50 -10.27
N VAL B 362 6.88 13.12 -9.69
CA VAL B 362 8.11 13.92 -9.76
C VAL B 362 9.17 13.18 -10.57
N THR B 363 9.70 12.12 -9.99
CA THR B 363 10.75 11.35 -10.64
C THR B 363 10.15 10.29 -11.55
N GLY B 364 8.86 10.06 -11.40
CA GLY B 364 8.22 8.94 -12.06
C GLY B 364 7.72 9.21 -13.47
N VAL B 365 6.94 8.26 -13.96
CA VAL B 365 6.40 8.28 -15.30
C VAL B 365 4.89 8.07 -15.22
N VAL B 366 4.48 7.22 -14.29
CA VAL B 366 3.08 7.08 -13.96
C VAL B 366 2.79 8.01 -12.79
N THR B 367 1.71 8.79 -12.88
CA THR B 367 1.40 9.77 -11.85
C THR B 367 0.79 9.11 -10.62
N GLU B 368 -0.17 8.23 -10.83
CA GLU B 368 -0.76 7.45 -9.72
C GLU B 368 -1.32 6.12 -10.20
N LEU B 369 -1.78 5.31 -9.26
CA LEU B 369 -2.42 4.04 -9.54
C LEU B 369 -3.47 3.81 -8.46
N VAL B 370 -4.73 4.12 -8.78
CA VAL B 370 -5.81 4.16 -7.78
C VAL B 370 -6.97 3.22 -8.12
N ARG B 371 -7.45 2.49 -7.13
CA ARG B 371 -8.62 1.62 -7.33
C ARG B 371 -9.88 2.47 -7.45
N ILE B 372 -10.53 2.36 -8.59
CA ILE B 372 -11.70 3.17 -8.90
C ILE B 372 -12.97 2.48 -8.43
N THR B 373 -12.97 1.15 -8.44
CA THR B 373 -14.14 0.36 -8.06
C THR B 373 -14.13 0.06 -6.57
N ASP B 374 -15.27 -0.37 -6.07
CA ASP B 374 -15.42 -0.70 -4.65
C ASP B 374 -14.72 -2.02 -4.33
N PRO B 375 -13.90 -2.06 -3.26
CA PRO B 375 -13.20 -3.32 -2.99
C PRO B 375 -14.15 -4.44 -2.61
N ALA B 376 -15.30 -4.08 -2.05
CA ALA B 376 -16.29 -5.07 -1.63
C ALA B 376 -16.88 -5.85 -2.80
N ASN B 377 -16.55 -5.43 -4.03
CA ASN B 377 -16.93 -6.16 -5.22
C ASN B 377 -15.83 -7.12 -5.66
N PRO B 378 -16.04 -8.44 -5.48
CA PRO B 378 -14.98 -9.39 -5.81
C PRO B 378 -14.94 -9.76 -7.29
N LEU B 379 -15.82 -9.16 -8.09
CA LEU B 379 -15.90 -9.47 -9.51
C LEU B 379 -15.31 -8.36 -10.38
N VAL B 380 -15.68 -7.11 -10.07
CA VAL B 380 -15.29 -5.96 -10.88
C VAL B 380 -14.07 -5.22 -10.32
N HIS B 381 -12.97 -5.26 -11.05
CA HIS B 381 -11.73 -4.62 -10.62
C HIS B 381 -11.23 -3.67 -11.70
N THR B 382 -11.25 -2.36 -11.40
CA THR B 382 -10.78 -1.35 -12.33
C THR B 382 -9.90 -0.31 -11.64
N TYR B 383 -8.71 -0.12 -12.17
CA TYR B 383 -7.73 0.83 -11.65
C TYR B 383 -7.57 2.00 -12.62
N ARG B 384 -7.51 3.22 -12.08
CA ARG B 384 -7.15 4.40 -12.87
C ARG B 384 -5.66 4.65 -12.71
N ALA B 385 -4.97 4.89 -13.81
CA ALA B 385 -3.58 5.28 -13.73
C ALA B 385 -3.31 6.61 -14.40
N GLY B 386 -2.80 7.56 -13.63
CA GLY B 386 -2.47 8.89 -14.13
C GLY B 386 -1.40 8.81 -15.20
N HIS B 387 -1.49 9.71 -16.17
CA HIS B 387 -0.72 9.56 -17.38
C HIS B 387 -0.25 10.88 -17.92
N SER B 388 0.95 10.88 -18.50
CA SER B 388 1.62 12.11 -18.85
C SER B 388 2.20 12.20 -20.27
N PHE B 389 1.32 12.26 -21.26
CA PHE B 389 1.77 12.70 -22.58
C PHE B 389 0.81 13.71 -23.18
N GLY B 390 1.39 14.80 -23.66
CA GLY B 390 0.62 15.88 -24.22
C GLY B 390 1.53 16.96 -24.76
N SER B 391 1.33 17.30 -26.02
CA SER B 391 2.09 18.37 -26.67
C SER B 391 1.16 19.54 -27.02
N ALA B 392 -0.04 19.52 -26.44
CA ALA B 392 -1.11 20.42 -26.83
C ALA B 392 -0.70 21.89 -26.86
N THR B 393 -0.95 22.52 -28.01
CA THR B 393 -0.54 23.91 -28.24
C THR B 393 -1.71 24.87 -27.98
N SER B 394 -2.85 24.34 -27.57
CA SER B 394 -4.03 25.14 -27.28
C SER B 394 -4.73 24.58 -26.04
N LEU B 395 -5.57 25.41 -25.41
CA LEU B 395 -6.31 24.97 -24.22
C LEU B 395 -7.15 23.75 -24.53
N ARG B 396 -7.90 23.81 -25.62
CA ARG B 396 -8.72 22.70 -26.11
C ARG B 396 -7.92 21.40 -26.21
N GLY B 397 -6.71 21.48 -26.76
CA GLY B 397 -5.81 20.35 -26.81
C GLY B 397 -5.36 19.94 -25.41
N LEU B 398 -5.25 20.93 -24.53
CA LEU B 398 -4.83 20.68 -23.15
C LEU B 398 -5.93 20.01 -22.34
N ARG B 399 -7.19 20.30 -22.69
CA ARG B 399 -8.31 19.61 -22.09
C ARG B 399 -8.29 18.13 -22.40
N ASN B 400 -7.91 17.78 -23.63
CA ASN B 400 -7.92 16.38 -24.09
C ASN B 400 -6.81 15.55 -23.48
N THR B 401 -5.61 16.10 -23.37
CA THR B 401 -4.62 15.53 -22.47
C THR B 401 -5.16 15.78 -21.07
N LEU B 402 -4.66 15.06 -20.07
CA LEU B 402 -5.22 15.12 -18.71
C LEU B 402 -6.53 14.33 -18.65
N LYS B 403 -7.41 14.56 -19.63
CA LYS B 403 -8.65 13.79 -19.73
C LYS B 403 -8.33 12.31 -19.92
N HIS B 404 -7.52 12.01 -20.93
CA HIS B 404 -7.28 10.63 -21.33
C HIS B 404 -6.19 9.97 -20.50
N LYS B 405 -6.59 8.98 -19.73
CA LYS B 405 -5.71 8.29 -18.81
C LYS B 405 -5.79 6.79 -19.08
N SER B 406 -4.65 6.11 -18.94
CA SER B 406 -4.61 4.65 -19.09
C SER B 406 -5.40 4.04 -17.95
N SER B 407 -5.70 2.75 -18.05
CA SER B 407 -6.57 2.10 -17.09
C SER B 407 -6.21 0.63 -16.85
N GLY B 408 -6.68 0.10 -15.72
CA GLY B 408 -6.35 -1.26 -15.30
C GLY B 408 -7.52 -2.21 -15.52
N LYS B 409 -7.21 -3.38 -16.04
CA LYS B 409 -8.21 -4.42 -16.31
C LYS B 409 -7.78 -5.74 -15.73
N GLY B 410 -8.67 -6.39 -14.99
CA GLY B 410 -8.35 -7.67 -14.39
C GLY B 410 -9.55 -8.44 -13.87
N LYS B 411 -9.39 -9.76 -13.85
CA LYS B 411 -10.35 -10.64 -13.21
C LYS B 411 -10.22 -10.49 -11.69
N THR B 412 -9.02 -10.18 -11.24
CA THR B 412 -8.72 -10.01 -9.81
C THR B 412 -8.20 -8.61 -9.54
N ASP B 413 -8.13 -8.26 -8.26
CA ASP B 413 -7.58 -6.98 -7.85
C ASP B 413 -6.12 -6.84 -8.27
N SER B 414 -5.36 -7.90 -8.02
CA SER B 414 -3.92 -7.90 -8.30
C SER B 414 -3.62 -7.75 -9.78
N GLN B 415 -4.41 -8.38 -10.63
CA GLN B 415 -4.18 -8.36 -12.07
C GLN B 415 -4.47 -6.97 -12.65
N SER B 416 -5.52 -6.34 -12.13
CA SER B 416 -5.92 -5.02 -12.60
C SER B 416 -4.83 -4.01 -12.29
N LYS B 417 -4.25 -4.11 -11.09
CA LYS B 417 -3.19 -3.21 -10.64
C LYS B 417 -2.00 -3.22 -11.60
N ALA B 418 -1.57 -4.42 -11.99
CA ALA B 418 -0.44 -4.57 -12.91
C ALA B 418 -0.78 -4.03 -14.30
N SER B 419 -2.02 -4.25 -14.73
CA SER B 419 -2.46 -3.77 -16.03
C SER B 419 -2.37 -2.24 -16.10
N GLY B 420 -2.94 -1.57 -15.11
CA GLY B 420 -2.92 -0.12 -15.06
C GLY B 420 -1.51 0.45 -15.03
N LEU B 421 -0.67 -0.15 -14.18
CA LEU B 421 0.72 0.24 -14.09
C LEU B 421 1.45 0.00 -15.41
N CYS B 422 1.34 -1.21 -15.93
CA CYS B 422 2.04 -1.58 -17.16
C CYS B 422 1.51 -0.85 -18.40
N GLU B 423 0.23 -0.49 -18.40
CA GLU B 423 -0.32 0.24 -19.54
C GLU B 423 0.21 1.67 -19.54
N ALA B 424 0.29 2.29 -18.37
CA ALA B 424 0.84 3.63 -18.26
C ALA B 424 2.28 3.65 -18.77
N VAL B 425 3.09 2.70 -18.33
CA VAL B 425 4.47 2.57 -18.80
C VAL B 425 4.51 2.24 -20.29
N GLU B 426 3.50 1.50 -20.75
CA GLU B 426 3.41 1.16 -22.17
C GLU B 426 3.36 2.43 -23.02
N ARG B 427 2.50 3.38 -22.65
CA ARG B 427 2.30 4.55 -23.48
C ARG B 427 3.54 5.42 -23.46
N TYR B 428 4.07 5.67 -22.26
CA TYR B 428 5.26 6.51 -22.11
C TYR B 428 6.44 6.04 -22.96
N SER B 429 6.76 4.76 -22.84
CA SER B 429 7.85 4.15 -23.62
C SER B 429 7.67 4.39 -25.13
N GLY B 430 6.43 4.61 -25.55
CA GLY B 430 6.13 4.88 -26.96
C GLY B 430 6.34 6.32 -27.39
N ILE B 431 6.36 7.25 -26.43
CA ILE B 431 6.50 8.67 -26.75
C ILE B 431 7.88 8.97 -27.35
N PHE B 432 7.87 9.51 -28.56
CA PHE B 432 9.10 9.92 -29.25
C PHE B 432 9.90 10.93 -28.44
N GLN B 433 11.06 10.49 -27.97
CA GLN B 433 11.93 11.35 -27.16
C GLN B 433 12.90 12.13 -28.04
N GLY B 434 13.39 11.51 -29.11
CA GLY B 434 14.34 12.13 -30.02
C GLY B 434 15.66 11.39 -30.14
N ASP B 435 15.75 10.21 -29.52
CA ASP B 435 16.94 9.37 -29.61
C ASP B 435 16.58 7.99 -30.16
N GLU B 436 15.45 7.92 -30.85
CA GLU B 436 14.95 6.65 -31.38
C GLU B 436 15.77 6.24 -32.60
N PRO B 437 15.76 4.94 -32.93
CA PRO B 437 16.49 4.52 -34.12
C PRO B 437 15.86 5.07 -35.41
N ARG B 438 16.66 5.80 -36.18
CA ARG B 438 16.19 6.48 -37.38
C ARG B 438 17.23 6.54 -38.48
N LYS B 439 16.77 6.86 -39.69
CA LYS B 439 17.65 7.37 -40.74
C LYS B 439 16.82 8.07 -41.82
N ARG B 440 17.32 9.22 -42.28
CA ARG B 440 16.60 10.04 -43.25
C ARG B 440 16.79 9.48 -44.66
N ALA B 441 15.67 9.18 -45.33
CA ALA B 441 15.71 8.67 -46.71
C ALA B 441 14.33 8.73 -47.35
N THR B 442 14.26 8.40 -48.64
CA THR B 442 12.99 8.29 -49.36
C THR B 442 12.72 6.85 -49.76
N LEU B 443 11.46 6.56 -50.07
CA LEU B 443 11.02 5.19 -50.36
C LEU B 443 11.84 4.55 -51.48
N ALA B 444 12.08 5.30 -52.54
CA ALA B 444 12.77 4.77 -53.72
C ALA B 444 14.17 4.25 -53.38
N GLU B 445 14.91 5.00 -52.56
CA GLU B 445 16.30 4.63 -52.24
C GLU B 445 16.38 3.48 -51.22
N LEU B 446 15.37 3.37 -50.36
CA LEU B 446 15.29 2.23 -49.45
C LEU B 446 14.76 1.01 -50.18
N GLY B 447 13.69 1.20 -50.96
CA GLY B 447 13.16 0.19 -51.86
C GLY B 447 12.50 -0.98 -51.19
N ASP B 448 13.07 -2.17 -51.39
CA ASP B 448 12.46 -3.44 -51.01
C ASP B 448 12.16 -3.50 -49.50
N LEU B 449 13.14 -3.13 -48.71
CA LEU B 449 13.02 -3.19 -47.25
C LEU B 449 12.04 -2.14 -46.73
N ALA B 450 11.88 -1.05 -47.47
CA ALA B 450 10.94 0.01 -47.08
C ALA B 450 9.49 -0.45 -47.20
N ILE B 451 8.65 0.09 -46.34
CA ILE B 451 7.23 -0.25 -46.31
C ILE B 451 6.40 1.03 -46.32
N HIS B 452 5.41 1.06 -47.20
CA HIS B 452 4.67 2.26 -47.51
C HIS B 452 3.53 2.44 -46.51
N PRO B 453 3.42 3.63 -45.88
CA PRO B 453 2.47 3.84 -44.78
C PRO B 453 0.99 3.57 -45.12
N GLU B 454 0.63 3.55 -46.39
CA GLU B 454 -0.74 3.26 -46.81
C GLU B 454 -1.04 1.77 -46.74
N GLN B 455 0.01 0.97 -46.64
CA GLN B 455 -0.14 -0.46 -46.39
C GLN B 455 -0.62 -0.72 -44.96
N CYS B 456 -0.22 0.17 -44.04
CA CYS B 456 -0.58 0.05 -42.64
C CYS B 456 -1.91 0.74 -42.32
N LEU B 457 -2.01 1.99 -42.76
CA LEU B 457 -3.18 2.84 -42.47
C LEU B 457 -4.44 2.31 -43.15
N CYS B 458 -4.32 1.99 -44.44
CA CYS B 458 -5.42 1.43 -45.21
C CYS B 458 -6.63 2.38 -45.27
N PHE B 459 -6.39 3.62 -45.65
CA PHE B 459 -7.47 4.57 -45.94
C PHE B 459 -7.86 4.46 -47.41
N SER B 460 -9.11 4.79 -47.73
CA SER B 460 -9.57 4.78 -49.11
C SER B 460 -9.15 6.06 -49.83
N ASP B 461 -9.09 6.01 -51.16
CA ASP B 461 -8.74 7.20 -51.94
C ASP B 461 -9.84 8.25 -51.86
N GLY B 462 -11.05 7.83 -51.53
CA GLY B 462 -12.16 8.74 -51.31
C GLY B 462 -11.99 9.50 -50.01
N GLN B 463 -11.57 8.80 -48.98
CA GLN B 463 -11.29 9.41 -47.68
C GLN B 463 -10.18 10.46 -47.79
N TYR B 464 -9.08 10.07 -48.42
CA TYR B 464 -7.96 10.97 -48.64
C TYR B 464 -8.34 12.21 -49.47
N ALA B 465 -9.37 12.07 -50.32
CA ALA B 465 -9.78 13.17 -51.18
C ALA B 465 -10.71 14.13 -50.45
N ASN B 466 -11.45 13.60 -49.48
CA ASN B 466 -12.41 14.38 -48.71
C ASN B 466 -11.99 14.55 -47.26
N ARG B 467 -10.68 14.63 -47.01
CA ARG B 467 -10.17 14.77 -45.66
C ARG B 467 -10.85 15.88 -44.91
N GLU B 468 -10.66 17.09 -45.42
CA GLU B 468 -11.05 18.30 -44.72
C GLU B 468 -12.53 18.30 -44.39
N THR B 469 -13.36 17.87 -45.33
CA THR B 469 -14.80 17.81 -45.08
C THR B 469 -15.19 16.69 -44.11
N LEU B 470 -14.55 15.53 -44.24
CA LEU B 470 -14.85 14.40 -43.37
C LEU B 470 -14.32 14.66 -41.97
N ASN B 471 -13.03 14.96 -41.85
CA ASN B 471 -12.41 15.28 -40.58
C ASN B 471 -13.11 16.41 -39.83
N GLU B 472 -13.63 17.38 -40.58
CA GLU B 472 -14.31 18.53 -39.99
C GLU B 472 -15.58 18.14 -39.23
N GLN B 473 -16.33 17.20 -39.79
CA GLN B 473 -17.53 16.68 -39.13
C GLN B 473 -17.33 15.24 -38.72
N ALA B 474 -17.02 15.03 -37.44
CA ALA B 474 -16.83 13.70 -36.91
C ALA B 474 -17.27 13.66 -35.45
N THR B 475 -17.85 12.54 -35.05
CA THR B 475 -18.25 12.34 -33.66
C THR B 475 -17.12 11.72 -32.85
N VAL B 476 -16.06 11.28 -33.53
CA VAL B 476 -14.96 10.56 -32.89
C VAL B 476 -13.61 11.05 -33.43
N ALA B 477 -12.68 11.32 -32.51
CA ALA B 477 -11.41 11.96 -32.86
C ALA B 477 -10.41 11.02 -33.53
N HIS B 478 -10.41 9.75 -33.15
CA HIS B 478 -9.43 8.80 -33.69
C HIS B 478 -9.71 8.45 -35.17
N ASP B 479 -10.88 8.87 -35.67
CA ASP B 479 -11.24 8.68 -37.07
C ASP B 479 -10.62 9.75 -37.97
N TRP B 480 -9.59 10.43 -37.47
CA TRP B 480 -8.89 11.45 -38.25
C TRP B 480 -8.18 10.82 -39.46
N ILE B 481 -8.22 11.54 -40.58
CA ILE B 481 -7.60 11.08 -41.83
C ILE B 481 -6.35 11.92 -42.16
N PRO B 482 -5.17 11.29 -42.20
CA PRO B 482 -3.99 12.08 -42.49
C PRO B 482 -3.92 12.55 -43.92
N GLN B 483 -3.13 13.59 -44.17
CA GLN B 483 -2.75 13.98 -45.51
C GLN B 483 -2.10 12.81 -46.20
N ARG B 484 -2.22 12.74 -47.52
CA ARG B 484 -1.64 11.62 -48.25
C ARG B 484 -0.14 11.62 -48.12
N PHE B 485 0.45 10.43 -48.24
CA PHE B 485 1.89 10.30 -48.21
C PHE B 485 2.46 10.86 -49.51
N ASP B 486 3.55 11.62 -49.39
CA ASP B 486 4.23 12.20 -50.53
C ASP B 486 5.57 11.49 -50.67
N ALA B 487 5.60 10.46 -51.49
CA ALA B 487 6.76 9.57 -51.61
C ALA B 487 8.03 10.28 -52.04
N SER B 488 7.89 11.48 -52.60
CA SER B 488 9.04 12.27 -53.05
C SER B 488 9.85 12.84 -51.88
N GLN B 489 9.17 13.09 -50.75
CA GLN B 489 9.82 13.72 -49.60
C GLN B 489 10.65 12.73 -48.80
N ALA B 490 11.87 13.14 -48.49
CA ALA B 490 12.70 12.39 -47.54
C ALA B 490 12.02 12.41 -46.19
N ILE B 491 12.04 11.28 -45.51
CA ILE B 491 11.50 11.19 -44.16
C ILE B 491 12.43 10.32 -43.32
N GLU B 492 12.20 10.30 -42.01
CA GLU B 492 12.97 9.43 -41.14
C GLU B 492 12.30 8.07 -41.03
N TRP B 493 13.05 7.02 -41.35
CA TRP B 493 12.56 5.65 -41.24
C TRP B 493 13.23 4.97 -40.06
N THR B 494 12.46 4.14 -39.36
CA THR B 494 12.96 3.38 -38.20
C THR B 494 13.09 1.90 -38.54
N PRO B 495 14.23 1.29 -38.20
CA PRO B 495 14.41 -0.13 -38.49
C PRO B 495 13.56 -1.01 -37.58
N VAL B 496 12.64 -1.75 -38.19
CA VAL B 496 11.83 -2.72 -37.46
C VAL B 496 12.32 -4.12 -37.80
N TRP B 497 12.07 -5.07 -36.89
CA TRP B 497 12.49 -6.45 -37.08
C TRP B 497 11.34 -7.28 -37.64
N SER B 498 11.61 -8.01 -38.72
CA SER B 498 10.63 -8.93 -39.30
C SER B 498 10.86 -10.35 -38.77
N LEU B 499 9.89 -10.88 -38.03
CA LEU B 499 10.00 -12.24 -37.50
C LEU B 499 9.78 -13.30 -38.58
N THR B 500 8.96 -12.98 -39.58
CA THR B 500 8.70 -13.92 -40.67
C THR B 500 9.96 -14.12 -41.52
N GLU B 501 10.54 -13.02 -41.97
CA GLU B 501 11.69 -13.07 -42.89
C GLU B 501 13.03 -12.89 -42.17
N GLN B 502 12.98 -12.71 -40.85
CA GLN B 502 14.17 -12.69 -40.01
C GLN B 502 15.22 -11.66 -40.46
N THR B 503 14.78 -10.45 -40.78
CA THR B 503 15.68 -9.38 -41.20
C THR B 503 15.03 -8.02 -40.94
N HIS B 504 15.80 -6.95 -41.14
CA HIS B 504 15.32 -5.59 -40.90
C HIS B 504 14.47 -5.09 -42.06
N LYS B 505 13.33 -4.50 -41.73
CA LYS B 505 12.51 -3.74 -42.67
C LYS B 505 12.45 -2.30 -42.15
N TYR B 506 11.64 -1.45 -42.79
CA TYR B 506 11.55 -0.03 -42.39
C TYR B 506 10.14 0.54 -42.51
N LEU B 507 9.68 1.17 -41.43
CA LEU B 507 8.45 1.96 -41.45
C LEU B 507 8.79 3.42 -41.19
N PRO B 508 7.92 4.34 -41.63
CA PRO B 508 8.13 5.73 -41.27
C PRO B 508 8.04 5.91 -39.76
N THR B 509 9.06 6.55 -39.18
CA THR B 509 9.16 6.72 -37.74
C THR B 509 7.87 7.27 -37.15
N ALA B 510 7.14 8.04 -37.95
CA ALA B 510 5.90 8.66 -37.50
C ALA B 510 4.86 7.64 -37.03
N LEU B 511 4.97 6.41 -37.47
CA LEU B 511 4.05 5.34 -37.07
C LEU B 511 4.57 4.52 -35.89
N CYS B 512 5.87 4.64 -35.61
CA CYS B 512 6.53 3.80 -34.60
C CYS B 512 6.56 4.42 -33.20
N TYR B 513 6.26 5.70 -33.09
CA TYR B 513 6.29 6.38 -31.80
C TYR B 513 5.20 7.44 -31.72
N TYR B 514 4.76 7.76 -30.52
CA TYR B 514 3.72 8.77 -30.33
C TYR B 514 4.29 10.17 -30.48
N HIS B 515 3.52 11.04 -31.11
CA HIS B 515 3.82 12.47 -31.20
C HIS B 515 5.12 12.81 -31.93
N TYR B 516 5.34 12.12 -33.04
CA TYR B 516 6.47 12.44 -33.90
C TYR B 516 6.14 13.74 -34.64
N PRO B 517 7.01 14.77 -34.51
CA PRO B 517 6.67 16.07 -35.11
C PRO B 517 6.86 16.08 -36.62
N LEU B 518 5.77 16.27 -37.35
CA LEU B 518 5.81 16.32 -38.81
C LEU B 518 5.52 17.73 -39.30
N PRO B 519 6.04 18.09 -40.49
CA PRO B 519 5.74 19.41 -41.07
C PRO B 519 4.24 19.63 -41.27
N PRO B 520 3.76 20.87 -41.10
CA PRO B 520 2.32 21.16 -41.24
C PRO B 520 1.74 20.80 -42.62
N GLU B 521 2.60 20.62 -43.61
CA GLU B 521 2.17 20.28 -44.96
C GLU B 521 2.45 18.82 -45.32
N HIS B 522 2.80 18.01 -44.32
CA HIS B 522 3.08 16.60 -44.53
C HIS B 522 2.76 15.77 -43.30
N ARG B 523 1.58 16.00 -42.73
CA ARG B 523 1.10 15.24 -41.58
C ARG B 523 0.41 13.98 -42.08
N PHE B 524 1.22 13.02 -42.55
CA PHE B 524 0.68 11.83 -43.19
C PHE B 524 0.34 10.71 -42.20
N ALA B 525 0.50 10.96 -40.90
CA ALA B 525 0.18 9.95 -39.89
C ALA B 525 0.18 10.46 -38.46
N ARG B 526 -0.55 9.75 -37.60
CA ARG B 526 -0.45 9.89 -36.15
C ARG B 526 -0.25 8.51 -35.55
N GLY B 527 0.88 8.30 -34.92
CA GLY B 527 1.18 7.00 -34.30
C GLY B 527 0.07 6.58 -33.36
N ASP B 528 -0.49 5.40 -33.60
CA ASP B 528 -1.56 4.88 -32.74
C ASP B 528 -1.04 3.83 -31.76
N SER B 529 -1.94 3.36 -30.90
CA SER B 529 -1.60 2.42 -29.83
C SER B 529 -1.89 0.98 -30.20
N ASN B 530 -2.45 0.77 -31.38
CA ASN B 530 -2.74 -0.58 -31.83
C ASN B 530 -1.46 -1.38 -32.06
N GLY B 531 -1.36 -2.51 -31.37
CA GLY B 531 -0.19 -3.38 -31.48
C GLY B 531 0.81 -3.12 -30.37
N ASN B 532 0.61 -2.03 -29.64
CA ASN B 532 1.48 -1.68 -28.54
C ASN B 532 1.16 -2.50 -27.31
N ALA B 533 2.19 -2.94 -26.60
CA ALA B 533 2.01 -3.73 -25.39
C ALA B 533 3.29 -3.78 -24.56
N ALA B 534 3.13 -3.91 -23.25
CA ALA B 534 4.25 -4.06 -22.33
C ALA B 534 4.36 -5.52 -21.87
N GLY B 535 5.47 -5.88 -21.23
CA GLY B 535 5.65 -7.22 -20.74
C GLY B 535 6.92 -7.36 -19.91
N ASN B 536 6.98 -8.39 -19.07
CA ASN B 536 8.16 -8.66 -18.26
C ASN B 536 9.32 -9.19 -19.11
N THR B 537 8.99 -9.62 -20.33
CA THR B 537 9.99 -10.08 -21.29
C THR B 537 9.52 -9.65 -22.69
N LEU B 538 10.44 -9.58 -23.64
CA LEU B 538 10.12 -9.17 -25.01
C LEU B 538 9.04 -10.05 -25.61
N GLU B 539 9.26 -11.35 -25.50
CA GLU B 539 8.40 -12.36 -26.09
C GLU B 539 6.98 -12.21 -25.55
N GLU B 540 6.89 -11.94 -24.25
CA GLU B 540 5.62 -11.71 -23.60
C GLU B 540 4.90 -10.50 -24.21
N ALA B 541 5.63 -9.41 -24.40
CA ALA B 541 5.06 -8.17 -24.93
C ALA B 541 4.66 -8.33 -26.40
N ILE B 542 5.54 -8.95 -27.20
CA ILE B 542 5.25 -9.19 -28.61
C ILE B 542 4.00 -10.04 -28.76
N LEU B 543 3.85 -11.02 -27.88
CA LEU B 543 2.70 -11.90 -27.93
C LEU B 543 1.42 -11.13 -27.70
N GLN B 544 1.40 -10.30 -26.67
CA GLN B 544 0.21 -9.51 -26.36
C GLN B 544 -0.08 -8.53 -27.50
N GLY B 545 0.97 -7.99 -28.10
CA GLY B 545 0.82 -7.05 -29.19
C GLY B 545 0.19 -7.66 -30.42
N PHE B 546 0.63 -8.86 -30.77
CA PHE B 546 0.07 -9.59 -31.90
C PHE B 546 -1.41 -9.83 -31.68
N MET B 547 -1.77 -10.22 -30.46
CA MET B 547 -3.16 -10.48 -30.15
C MET B 547 -3.99 -9.21 -30.20
N GLU B 548 -3.42 -8.11 -29.73
CA GLU B 548 -4.09 -6.82 -29.83
C GLU B 548 -4.44 -6.60 -31.29
N LEU B 549 -3.51 -6.85 -32.20
CA LEU B 549 -3.77 -6.68 -33.64
C LEU B 549 -4.91 -7.57 -34.12
N VAL B 550 -4.90 -8.83 -33.72
CA VAL B 550 -5.94 -9.77 -34.12
C VAL B 550 -7.31 -9.32 -33.59
N GLU B 551 -7.33 -8.89 -32.33
CA GLU B 551 -8.54 -8.32 -31.73
C GLU B 551 -9.15 -7.27 -32.63
N ARG B 552 -8.35 -6.24 -32.95
CA ARG B 552 -8.82 -5.10 -33.74
C ARG B 552 -9.24 -5.54 -35.14
N ASP B 553 -8.42 -6.37 -35.74
CA ASP B 553 -8.71 -6.89 -37.07
C ASP B 553 -10.06 -7.60 -37.05
N GLY B 554 -10.28 -8.42 -36.04
CA GLY B 554 -11.54 -9.13 -35.89
C GLY B 554 -12.72 -8.18 -35.74
N VAL B 555 -12.57 -7.18 -34.88
CA VAL B 555 -13.64 -6.23 -34.63
C VAL B 555 -13.98 -5.44 -35.90
N ALA B 556 -12.95 -5.11 -36.67
CA ALA B 556 -13.13 -4.34 -37.89
C ALA B 556 -13.98 -5.11 -38.90
N LEU B 557 -13.63 -6.37 -39.13
CA LEU B 557 -14.38 -7.22 -40.05
C LEU B 557 -15.83 -7.36 -39.62
N TRP B 558 -16.06 -7.37 -38.31
CA TRP B 558 -17.39 -7.56 -37.76
C TRP B 558 -18.21 -6.27 -37.81
N TRP B 559 -17.61 -5.17 -37.35
CA TRP B 559 -18.33 -3.91 -37.18
C TRP B 559 -18.72 -3.23 -38.50
N TYR B 560 -17.73 -3.06 -39.37
CA TYR B 560 -17.93 -2.24 -40.56
C TYR B 560 -18.62 -3.00 -41.69
N ASN B 561 -18.64 -4.32 -41.61
CA ASN B 561 -19.49 -5.13 -42.49
C ASN B 561 -20.85 -5.39 -41.85
N ARG B 562 -20.97 -5.11 -40.55
CA ARG B 562 -22.20 -5.32 -39.79
C ARG B 562 -22.65 -6.77 -39.90
N LEU B 563 -21.72 -7.68 -39.63
CA LEU B 563 -22.02 -9.11 -39.68
C LEU B 563 -22.82 -9.53 -38.45
N ARG B 564 -23.62 -10.58 -38.63
CA ARG B 564 -24.36 -11.19 -37.53
C ARG B 564 -23.56 -12.37 -37.01
N ARG B 565 -23.13 -12.28 -35.76
CA ARG B 565 -22.26 -13.29 -35.19
C ARG B 565 -22.99 -14.19 -34.19
N PRO B 566 -22.43 -15.37 -33.92
CA PRO B 566 -23.00 -16.27 -32.91
C PRO B 566 -22.58 -15.84 -31.50
N ALA B 567 -23.41 -16.16 -30.52
CA ALA B 567 -23.05 -15.92 -29.12
C ALA B 567 -22.18 -17.06 -28.58
N VAL B 568 -21.59 -16.83 -27.41
CA VAL B 568 -20.72 -17.82 -26.77
C VAL B 568 -21.37 -18.32 -25.48
N ASP B 569 -21.59 -19.63 -25.41
CA ASP B 569 -22.10 -20.26 -24.20
C ASP B 569 -21.02 -20.16 -23.13
N LEU B 570 -21.13 -19.14 -22.29
CA LEU B 570 -20.10 -18.87 -21.28
C LEU B 570 -20.06 -19.91 -20.14
N GLY B 571 -21.03 -20.82 -20.13
CA GLY B 571 -21.05 -21.90 -19.16
C GLY B 571 -20.24 -23.10 -19.63
N SER B 572 -20.04 -23.22 -20.94
CA SER B 572 -19.30 -24.32 -21.53
C SER B 572 -17.80 -24.25 -21.25
N PHE B 573 -17.36 -23.11 -20.72
CA PHE B 573 -15.97 -22.94 -20.32
C PHE B 573 -15.86 -23.15 -18.81
N ASN B 574 -14.87 -23.93 -18.40
CA ASN B 574 -14.67 -24.23 -16.98
C ASN B 574 -14.15 -23.00 -16.23
N GLU B 575 -15.01 -21.98 -16.15
CA GLU B 575 -14.68 -20.73 -15.47
C GLU B 575 -15.98 -20.05 -15.06
N PRO B 576 -16.23 -19.92 -13.74
CA PRO B 576 -17.52 -19.37 -13.36
C PRO B 576 -17.63 -17.86 -13.51
N TYR B 577 -16.49 -17.16 -13.51
CA TYR B 577 -16.49 -15.69 -13.47
C TYR B 577 -17.46 -15.09 -14.47
N PHE B 578 -17.57 -15.72 -15.63
CA PHE B 578 -18.47 -15.24 -16.66
C PHE B 578 -19.89 -15.27 -16.13
N VAL B 579 -20.32 -16.43 -15.67
CA VAL B 579 -21.69 -16.63 -15.25
C VAL B 579 -22.03 -15.76 -14.04
N GLN B 580 -21.14 -15.69 -13.07
CA GLN B 580 -21.38 -14.84 -11.89
C GLN B 580 -21.49 -13.40 -12.35
N LEU B 581 -20.59 -13.01 -13.24
CA LEU B 581 -20.54 -11.65 -13.75
C LEU B 581 -21.85 -11.30 -14.45
N GLN B 582 -22.37 -12.23 -15.25
CA GLN B 582 -23.64 -11.99 -15.94
C GLN B 582 -24.71 -11.63 -14.92
N GLN B 583 -24.81 -12.44 -13.86
CA GLN B 583 -25.78 -12.20 -12.78
C GLN B 583 -25.58 -10.84 -12.13
N PHE B 584 -24.32 -10.42 -12.00
CA PHE B 584 -24.02 -9.11 -11.44
C PHE B 584 -24.77 -8.06 -12.25
N TYR B 585 -24.59 -8.09 -13.56
CA TYR B 585 -25.22 -7.11 -14.45
C TYR B 585 -26.74 -7.08 -14.30
N ARG B 586 -27.37 -8.24 -14.17
CA ARG B 586 -28.83 -8.31 -14.03
C ARG B 586 -29.28 -7.59 -12.77
N GLU B 587 -28.53 -7.80 -11.69
CA GLU B 587 -28.81 -7.12 -10.43
C GLU B 587 -28.55 -5.62 -10.57
N ASN B 588 -27.70 -5.25 -11.53
CA ASN B 588 -27.41 -3.86 -11.82
C ASN B 588 -28.06 -3.38 -13.11
N ASP B 589 -29.16 -4.03 -13.49
CA ASP B 589 -29.98 -3.54 -14.59
C ASP B 589 -29.28 -3.65 -15.94
N ARG B 590 -28.74 -4.83 -16.25
CA ARG B 590 -28.05 -5.04 -17.52
C ARG B 590 -28.06 -6.50 -17.99
N ASP B 591 -27.86 -6.68 -19.30
CA ASP B 591 -27.56 -7.99 -19.88
C ASP B 591 -26.13 -7.97 -20.40
N LEU B 592 -25.44 -9.08 -20.27
CA LEU B 592 -24.09 -9.22 -20.79
C LEU B 592 -23.98 -10.51 -21.59
N TRP B 593 -23.63 -10.38 -22.86
CA TRP B 593 -23.39 -11.55 -23.71
C TRP B 593 -22.08 -11.38 -24.46
N VAL B 594 -21.63 -12.44 -25.12
CA VAL B 594 -20.35 -12.43 -25.84
C VAL B 594 -20.51 -12.98 -27.24
N LEU B 595 -19.91 -12.30 -28.22
CA LEU B 595 -19.93 -12.75 -29.62
C LEU B 595 -18.58 -13.30 -30.05
N ASP B 596 -18.60 -14.14 -31.07
CA ASP B 596 -17.37 -14.73 -31.62
C ASP B 596 -16.88 -13.92 -32.82
N LEU B 597 -15.67 -13.39 -32.71
CA LEU B 597 -15.07 -12.60 -33.78
C LEU B 597 -13.87 -13.29 -34.43
N THR B 598 -13.75 -14.60 -34.19
CA THR B 598 -12.63 -15.35 -34.72
C THR B 598 -12.70 -15.37 -36.26
N ALA B 599 -11.67 -14.84 -36.90
CA ALA B 599 -11.65 -14.70 -38.35
C ALA B 599 -10.71 -15.74 -39.00
N ASP B 600 -10.14 -15.40 -40.15
CA ASP B 600 -9.40 -16.35 -40.97
C ASP B 600 -8.11 -16.86 -40.34
N LEU B 601 -7.61 -16.17 -39.31
CA LEU B 601 -6.42 -16.63 -38.60
C LEU B 601 -6.75 -17.76 -37.64
N GLY B 602 -8.01 -17.83 -37.24
CA GLY B 602 -8.49 -18.88 -36.37
C GLY B 602 -8.09 -18.72 -34.92
N ILE B 603 -7.70 -17.49 -34.56
CA ILE B 603 -7.32 -17.17 -33.18
C ILE B 603 -8.54 -16.67 -32.42
N PRO B 604 -8.87 -17.32 -31.29
CA PRO B 604 -10.09 -16.95 -30.54
C PRO B 604 -10.19 -15.46 -30.25
N ALA B 605 -11.22 -14.82 -30.80
CA ALA B 605 -11.45 -13.39 -30.60
C ALA B 605 -12.93 -13.13 -30.33
N PHE B 606 -13.22 -12.29 -29.34
CA PHE B 606 -14.59 -12.11 -28.86
C PHE B 606 -14.93 -10.66 -28.57
N ALA B 607 -16.23 -10.36 -28.60
CA ALA B 607 -16.74 -9.05 -28.21
C ALA B 607 -17.75 -9.18 -27.08
N GLY B 608 -17.46 -8.53 -25.97
CA GLY B 608 -18.40 -8.44 -24.87
C GLY B 608 -19.32 -7.27 -25.13
N VAL B 609 -20.62 -7.49 -25.00
CA VAL B 609 -21.62 -6.46 -25.25
C VAL B 609 -22.60 -6.39 -24.09
N SER B 610 -23.07 -5.17 -23.78
CA SER B 610 -24.02 -4.99 -22.67
C SER B 610 -24.90 -3.77 -22.85
N ASN B 611 -26.19 -3.93 -22.54
CA ASN B 611 -27.15 -2.84 -22.61
C ASN B 611 -27.93 -2.73 -21.30
N ARG B 612 -28.26 -1.51 -20.91
CA ARG B 612 -29.09 -1.26 -19.74
C ARG B 612 -30.57 -1.48 -20.06
N LYS B 613 -31.27 -2.12 -19.13
CA LYS B 613 -32.67 -2.51 -19.33
C LYS B 613 -33.65 -1.39 -18.96
N THR B 614 -33.17 -0.40 -18.19
CA THR B 614 -33.97 0.76 -17.83
C THR B 614 -33.11 2.01 -17.88
N GLY B 615 -33.63 3.10 -17.34
CA GLY B 615 -32.93 4.38 -17.30
C GLY B 615 -33.38 5.30 -18.42
N SER B 616 -32.67 6.40 -18.59
CA SER B 616 -32.96 7.35 -19.65
C SER B 616 -32.43 6.87 -21.00
N SER B 617 -31.26 6.24 -20.98
CA SER B 617 -30.61 5.70 -22.19
C SER B 617 -30.27 4.23 -22.02
N GLU B 618 -29.89 3.58 -23.11
CA GLU B 618 -29.55 2.16 -23.07
C GLU B 618 -28.10 1.90 -22.70
N ARG B 619 -27.24 2.90 -22.94
CA ARG B 619 -25.84 2.82 -22.53
C ARG B 619 -25.14 1.57 -23.06
N LEU B 620 -25.13 1.42 -24.37
CA LEU B 620 -24.44 0.30 -25.02
C LEU B 620 -22.94 0.40 -24.80
N ILE B 621 -22.33 -0.70 -24.37
CA ILE B 621 -20.90 -0.73 -24.06
C ILE B 621 -20.26 -2.00 -24.63
N LEU B 622 -19.01 -1.87 -25.05
CA LEU B 622 -18.31 -2.93 -25.77
C LEU B 622 -16.92 -3.20 -25.20
N GLY B 623 -16.46 -4.44 -25.38
CA GLY B 623 -15.13 -4.85 -24.98
C GLY B 623 -14.66 -5.95 -25.92
N PHE B 624 -13.37 -5.96 -26.23
CA PHE B 624 -12.82 -6.91 -27.20
C PHE B 624 -11.58 -7.58 -26.64
N GLY B 625 -11.28 -8.77 -27.14
CA GLY B 625 -10.14 -9.54 -26.63
C GLY B 625 -9.82 -10.74 -27.49
N ALA B 626 -8.53 -11.00 -27.66
CA ALA B 626 -8.06 -12.15 -28.45
C ALA B 626 -6.91 -12.84 -27.74
N HIS B 627 -6.87 -14.17 -27.88
CA HIS B 627 -5.85 -14.98 -27.22
C HIS B 627 -5.94 -16.40 -27.76
N LEU B 628 -4.82 -17.12 -27.78
CA LEU B 628 -4.80 -18.52 -28.20
C LEU B 628 -5.72 -19.36 -27.32
N ASP B 629 -5.70 -19.05 -26.03
CA ASP B 629 -6.65 -19.62 -25.07
C ASP B 629 -7.96 -18.84 -25.14
N PRO B 630 -9.04 -19.47 -25.64
CA PRO B 630 -10.30 -18.74 -25.77
C PRO B 630 -10.89 -18.29 -24.44
N THR B 631 -10.56 -18.99 -23.36
CA THR B 631 -11.00 -18.60 -22.02
C THR B 631 -10.41 -17.23 -21.66
N ILE B 632 -9.12 -17.06 -21.95
CA ILE B 632 -8.43 -15.80 -21.70
C ILE B 632 -9.02 -14.72 -22.60
N ALA B 633 -9.31 -15.08 -23.85
CA ALA B 633 -9.84 -14.14 -24.83
C ALA B 633 -11.18 -13.55 -24.38
N ILE B 634 -12.10 -14.41 -23.96
CA ILE B 634 -13.39 -13.97 -23.48
C ILE B 634 -13.20 -13.10 -22.23
N LEU B 635 -12.30 -13.54 -21.36
CA LEU B 635 -12.04 -12.82 -20.11
C LEU B 635 -11.56 -11.39 -20.40
N ARG B 636 -10.68 -11.26 -21.39
CA ARG B 636 -10.20 -9.96 -21.82
C ARG B 636 -11.37 -9.09 -22.25
N ALA B 637 -12.26 -9.65 -23.05
CA ALA B 637 -13.38 -8.91 -23.58
C ALA B 637 -14.27 -8.40 -22.46
N VAL B 638 -14.76 -9.33 -21.64
CA VAL B 638 -15.73 -8.97 -20.61
C VAL B 638 -15.15 -7.98 -19.60
N THR B 639 -13.87 -8.10 -19.28
CA THR B 639 -13.24 -7.18 -18.33
C THR B 639 -13.10 -5.78 -18.93
N GLU B 640 -12.94 -5.70 -20.25
CA GLU B 640 -12.86 -4.43 -20.95
C GLU B 640 -14.26 -3.78 -21.06
N VAL B 641 -15.32 -4.55 -20.79
CA VAL B 641 -16.66 -4.01 -20.70
C VAL B 641 -16.88 -3.39 -19.33
N ASN B 642 -16.28 -4.00 -18.32
CA ASN B 642 -16.30 -3.44 -16.97
C ASN B 642 -15.52 -2.15 -16.93
N GLN B 643 -14.35 -2.18 -17.53
CA GLN B 643 -13.44 -1.04 -17.56
C GLN B 643 -14.10 0.22 -18.08
N ILE B 644 -14.98 0.05 -19.07
CA ILE B 644 -15.51 1.18 -19.82
C ILE B 644 -16.86 1.65 -19.30
N GLY B 645 -17.82 0.73 -19.21
CA GLY B 645 -19.20 1.11 -19.03
C GLY B 645 -19.71 1.27 -17.61
N LEU B 646 -19.24 0.42 -16.70
CA LEU B 646 -19.89 0.27 -15.41
C LEU B 646 -19.84 1.53 -14.53
N GLU B 647 -18.69 2.19 -14.50
CA GLU B 647 -18.56 3.38 -13.66
C GLU B 647 -19.50 4.50 -14.08
N LEU B 648 -19.91 4.50 -15.34
CA LEU B 648 -20.65 5.63 -15.91
C LEU B 648 -22.15 5.58 -15.58
N ASP B 649 -22.67 4.38 -15.33
CA ASP B 649 -24.10 4.22 -15.03
C ASP B 649 -24.50 4.97 -13.76
N LYS B 650 -23.53 5.17 -12.87
CA LYS B 650 -23.71 5.99 -11.67
C LYS B 650 -24.00 7.45 -12.00
N VAL B 651 -23.66 7.86 -13.22
CA VAL B 651 -23.76 9.25 -13.65
C VAL B 651 -25.06 9.51 -14.40
N PRO B 652 -25.77 10.60 -14.07
CA PRO B 652 -26.91 10.97 -14.91
C PRO B 652 -26.45 11.37 -16.31
N ASP B 653 -27.29 11.17 -17.31
CA ASP B 653 -26.91 11.37 -18.72
C ASP B 653 -26.41 12.77 -19.04
N GLU B 654 -26.70 13.74 -18.18
CA GLU B 654 -26.34 15.13 -18.41
C GLU B 654 -24.91 15.47 -17.97
N ASN B 655 -24.24 14.54 -17.31
CA ASN B 655 -22.87 14.78 -16.82
C ASN B 655 -21.79 14.06 -17.62
N LEU B 656 -22.19 13.28 -18.62
CA LEU B 656 -21.24 12.49 -19.40
C LEU B 656 -20.33 13.38 -20.24
N LYS B 657 -19.02 13.30 -19.97
CA LYS B 657 -18.01 13.99 -20.77
C LYS B 657 -17.10 12.97 -21.47
N SER B 658 -17.58 11.74 -21.57
CA SER B 658 -16.87 10.69 -22.29
C SER B 658 -16.85 11.01 -23.79
N ASP B 659 -15.85 10.51 -24.50
CA ASP B 659 -15.78 10.68 -25.96
C ASP B 659 -16.93 9.97 -26.65
N ALA B 660 -17.42 8.91 -26.04
CA ALA B 660 -18.53 8.13 -26.57
C ALA B 660 -19.87 8.57 -25.95
N THR B 661 -19.98 9.84 -25.61
CA THR B 661 -21.18 10.36 -24.96
C THR B 661 -22.42 10.16 -25.82
N ASP B 662 -22.38 10.69 -27.04
CA ASP B 662 -23.53 10.63 -27.95
C ASP B 662 -24.00 9.19 -28.14
N TRP B 663 -23.04 8.30 -28.39
CA TRP B 663 -23.34 6.88 -28.54
C TRP B 663 -24.14 6.39 -27.34
N LEU B 664 -23.56 6.50 -26.16
CA LEU B 664 -24.16 6.01 -24.92
C LEU B 664 -25.60 6.47 -24.69
N ILE B 665 -25.90 7.72 -25.04
CA ILE B 665 -27.18 8.33 -24.70
C ILE B 665 -28.28 8.03 -25.73
N THR B 666 -27.96 8.16 -27.01
CA THR B 666 -28.99 8.09 -28.05
C THR B 666 -29.12 6.72 -28.71
N GLU B 667 -28.01 6.01 -28.87
CA GLU B 667 -28.01 4.78 -29.64
C GLU B 667 -28.80 3.65 -28.99
N LYS B 668 -29.22 2.72 -29.82
CA LYS B 668 -30.13 1.65 -29.41
C LYS B 668 -29.81 0.30 -30.00
N LEU B 669 -30.25 -0.73 -29.30
CA LEU B 669 -29.97 -2.09 -29.67
C LEU B 669 -30.64 -2.42 -31.01
N ALA B 670 -31.90 -2.01 -31.14
CA ALA B 670 -32.67 -2.26 -32.36
C ALA B 670 -32.01 -1.70 -33.61
N ASP B 671 -31.43 -0.50 -33.48
CA ASP B 671 -30.79 0.16 -34.60
C ASP B 671 -29.49 -0.51 -35.01
N HIS B 672 -28.95 -1.36 -34.13
CA HIS B 672 -27.70 -2.07 -34.39
C HIS B 672 -27.88 -3.55 -34.11
N PRO B 673 -28.55 -4.26 -35.03
CA PRO B 673 -28.81 -5.69 -34.87
C PRO B 673 -27.55 -6.56 -34.92
N TYR B 674 -26.47 -6.00 -35.45
CA TYR B 674 -25.20 -6.71 -35.51
C TYR B 674 -24.54 -6.80 -34.14
N LEU B 675 -25.17 -6.24 -33.12
CA LEU B 675 -24.67 -6.27 -31.75
C LEU B 675 -25.17 -7.46 -30.97
N LEU B 676 -26.44 -7.82 -31.18
CA LEU B 676 -27.04 -8.95 -30.48
C LEU B 676 -26.81 -10.22 -31.30
N PRO B 677 -26.79 -11.38 -30.63
CA PRO B 677 -26.35 -12.61 -31.29
C PRO B 677 -27.36 -13.13 -32.30
N ASP B 678 -26.84 -13.81 -33.32
CA ASP B 678 -27.67 -14.39 -34.36
C ASP B 678 -28.25 -15.71 -33.88
N THR B 679 -29.55 -15.72 -33.60
CA THR B 679 -30.22 -16.95 -33.15
C THR B 679 -30.31 -17.99 -34.27
N THR B 680 -30.01 -17.57 -35.50
CA THR B 680 -29.93 -18.48 -36.63
C THR B 680 -28.78 -19.48 -36.44
N GLN B 681 -27.70 -19.02 -35.81
CA GLN B 681 -26.52 -19.86 -35.62
C GLN B 681 -26.50 -20.41 -34.18
N PRO B 682 -25.80 -21.54 -33.98
CA PRO B 682 -25.72 -22.15 -32.65
C PRO B 682 -24.68 -21.50 -31.76
N LEU B 683 -24.86 -21.60 -30.45
CA LEU B 683 -23.90 -21.03 -29.50
C LEU B 683 -22.55 -21.72 -29.62
N LYS B 684 -21.49 -20.93 -29.57
CA LYS B 684 -20.13 -21.46 -29.56
C LYS B 684 -19.81 -22.08 -28.20
N THR B 685 -18.92 -23.06 -28.19
CA THR B 685 -18.50 -23.73 -26.95
C THR B 685 -16.99 -23.90 -26.91
N ALA B 686 -16.50 -24.32 -25.75
CA ALA B 686 -15.05 -24.48 -25.53
C ALA B 686 -14.43 -25.49 -26.48
N GLN B 687 -15.23 -26.43 -26.97
CA GLN B 687 -14.72 -27.49 -27.83
C GLN B 687 -14.63 -27.04 -29.30
N ASP B 688 -15.15 -25.86 -29.59
CA ASP B 688 -15.11 -25.32 -30.95
C ASP B 688 -13.79 -24.58 -31.22
N TYR B 689 -13.00 -24.37 -30.17
CA TYR B 689 -11.76 -23.61 -30.27
C TYR B 689 -10.54 -24.50 -29.99
N PRO B 690 -9.83 -24.93 -31.05
CA PRO B 690 -8.68 -25.83 -30.88
C PRO B 690 -7.53 -25.20 -30.07
N LYS B 691 -6.83 -26.03 -29.30
CA LYS B 691 -5.65 -25.58 -28.56
C LYS B 691 -4.44 -25.49 -29.48
N ARG B 692 -3.83 -24.31 -29.54
CA ARG B 692 -2.61 -24.11 -30.33
C ARG B 692 -1.48 -23.48 -29.53
N TRP B 693 -1.68 -23.35 -28.21
CA TRP B 693 -0.65 -22.80 -27.33
C TRP B 693 0.18 -23.93 -26.71
N SER B 694 1.34 -23.56 -26.17
CA SER B 694 2.28 -24.52 -25.61
C SER B 694 2.61 -24.15 -24.17
N ASP B 695 3.75 -24.62 -23.68
CA ASP B 695 4.26 -24.26 -22.36
C ASP B 695 5.29 -23.15 -22.46
N ASP B 696 5.46 -22.59 -23.65
CA ASP B 696 6.48 -21.60 -23.92
C ASP B 696 5.88 -20.39 -24.61
N ILE B 697 6.25 -19.20 -24.14
CA ILE B 697 5.78 -17.95 -24.72
C ILE B 697 6.47 -17.68 -26.05
N TYR B 698 7.75 -18.03 -26.15
CA TYR B 698 8.48 -17.89 -27.40
C TYR B 698 7.85 -18.76 -28.49
N THR B 699 7.46 -19.98 -28.13
CA THR B 699 6.81 -20.89 -29.07
C THR B 699 5.46 -20.33 -29.50
N ASP B 700 4.76 -19.68 -28.56
CA ASP B 700 3.48 -19.06 -28.87
C ASP B 700 3.63 -17.95 -29.91
N VAL B 701 4.63 -17.10 -29.72
CA VAL B 701 4.91 -16.02 -30.67
C VAL B 701 5.23 -16.60 -32.04
N MET B 702 6.11 -17.59 -32.08
CA MET B 702 6.52 -18.20 -33.35
C MET B 702 5.32 -18.87 -34.04
N THR B 703 4.33 -19.26 -33.26
CA THR B 703 3.10 -19.82 -33.81
C THR B 703 2.30 -18.69 -34.47
N CYS B 704 2.20 -17.57 -33.77
CA CYS B 704 1.43 -16.43 -34.27
C CYS B 704 1.99 -15.91 -35.58
N VAL B 705 3.31 -15.79 -35.66
CA VAL B 705 3.96 -15.26 -36.86
C VAL B 705 3.73 -16.16 -38.07
N ASN B 706 3.66 -17.47 -37.84
CA ASN B 706 3.45 -18.43 -38.91
C ASN B 706 1.97 -18.56 -39.31
N ILE B 707 1.07 -18.36 -38.35
CA ILE B 707 -0.34 -18.27 -38.65
C ILE B 707 -0.58 -17.05 -39.55
N ALA B 708 0.12 -15.96 -39.26
CA ALA B 708 0.03 -14.74 -40.06
C ALA B 708 0.63 -14.95 -41.44
N GLN B 709 1.69 -15.74 -41.52
CA GLN B 709 2.39 -15.98 -42.78
C GLN B 709 1.52 -16.77 -43.76
N GLN B 710 0.85 -17.81 -43.26
CA GLN B 710 -0.04 -18.63 -44.08
C GLN B 710 -1.20 -17.81 -44.65
N ALA B 711 -1.46 -16.66 -44.04
CA ALA B 711 -2.46 -15.72 -44.53
C ALA B 711 -1.84 -14.67 -45.47
N GLY B 712 -0.52 -14.71 -45.61
CA GLY B 712 0.21 -13.81 -46.50
C GLY B 712 0.64 -12.52 -45.82
N LEU B 713 0.75 -12.56 -44.49
CA LEU B 713 1.03 -11.37 -43.71
C LEU B 713 2.41 -11.44 -43.06
N GLU B 714 3.12 -10.31 -43.12
CA GLU B 714 4.42 -10.18 -42.48
C GLU B 714 4.25 -9.61 -41.07
N THR B 715 5.09 -10.07 -40.14
CA THR B 715 5.01 -9.68 -38.74
C THR B 715 6.25 -8.89 -38.32
N LEU B 716 6.04 -7.64 -37.91
CA LEU B 716 7.13 -6.72 -37.61
C LEU B 716 7.10 -6.27 -36.15
N VAL B 717 8.28 -6.04 -35.59
CA VAL B 717 8.41 -5.66 -34.18
C VAL B 717 9.44 -4.56 -34.03
N ILE B 718 9.08 -3.53 -33.26
CA ILE B 718 10.00 -2.49 -32.85
C ILE B 718 10.09 -2.47 -31.33
N ASP B 719 11.31 -2.50 -30.82
CA ASP B 719 11.55 -2.52 -29.39
C ASP B 719 11.54 -1.11 -28.80
N GLN B 720 10.41 -0.75 -28.21
CA GLN B 720 10.23 0.56 -27.59
C GLN B 720 10.76 0.62 -26.15
N THR B 721 11.32 -0.49 -25.67
CA THR B 721 11.83 -0.58 -24.29
C THR B 721 12.78 0.57 -23.97
N ARG B 722 12.74 1.06 -22.74
CA ARG B 722 13.64 2.14 -22.33
C ARG B 722 14.55 1.65 -21.20
N PRO B 723 15.88 1.80 -21.36
CA PRO B 723 16.80 1.34 -20.31
C PRO B 723 16.51 1.92 -18.92
N ASP B 724 16.10 3.18 -18.87
CA ASP B 724 15.76 3.83 -17.61
C ASP B 724 14.40 3.39 -17.04
N ILE B 725 13.68 2.56 -17.79
CA ILE B 725 12.41 2.00 -17.33
C ILE B 725 12.58 0.54 -16.94
N GLY B 726 13.03 -0.28 -17.88
CA GLY B 726 13.27 -1.69 -17.63
C GLY B 726 12.21 -2.60 -18.24
N LEU B 727 10.95 -2.32 -17.90
CA LEU B 727 9.83 -3.11 -18.41
C LEU B 727 9.79 -3.04 -19.92
N ASN B 728 9.90 -4.21 -20.56
CA ASN B 728 9.85 -4.30 -22.01
C ASN B 728 8.58 -3.69 -22.59
N VAL B 729 8.74 -2.97 -23.69
CA VAL B 729 7.60 -2.41 -24.42
C VAL B 729 7.91 -2.49 -25.91
N VAL B 730 6.96 -3.00 -26.68
CA VAL B 730 7.11 -3.14 -28.12
C VAL B 730 5.86 -2.70 -28.84
N LYS B 731 6.02 -2.34 -30.11
CA LYS B 731 4.91 -2.17 -31.01
C LYS B 731 5.03 -3.24 -32.08
N VAL B 732 4.03 -4.11 -32.15
CA VAL B 732 3.94 -5.09 -33.21
C VAL B 732 3.11 -4.51 -34.34
N THR B 733 3.51 -4.75 -35.58
CA THR B 733 2.77 -4.31 -36.76
C THR B 733 2.68 -5.44 -37.78
N VAL B 734 1.48 -5.63 -38.33
CA VAL B 734 1.24 -6.65 -39.36
C VAL B 734 0.52 -6.00 -40.55
N PRO B 735 1.30 -5.38 -41.45
CA PRO B 735 0.74 -4.61 -42.57
C PRO B 735 -0.37 -5.37 -43.29
N GLY B 736 -1.51 -4.73 -43.46
CA GLY B 736 -2.67 -5.35 -44.09
C GLY B 736 -3.79 -5.55 -43.09
N MET B 737 -3.44 -5.93 -41.87
CA MET B 737 -4.44 -6.17 -40.84
C MET B 737 -5.11 -4.86 -40.43
N ARG B 738 -6.41 -4.95 -40.21
CA ARG B 738 -7.26 -3.77 -40.04
C ARG B 738 -7.33 -3.27 -38.61
N HIS B 739 -7.46 -1.94 -38.50
CA HIS B 739 -7.78 -1.28 -37.26
C HIS B 739 -9.31 -1.21 -37.20
N PHE B 740 -9.86 -1.18 -35.99
CA PHE B 740 -11.31 -1.10 -35.82
C PHE B 740 -11.83 0.34 -35.94
N TRP B 741 -10.98 1.27 -36.37
CA TRP B 741 -11.41 2.63 -36.69
C TRP B 741 -11.93 2.68 -38.12
N SER B 742 -12.50 3.82 -38.51
CA SER B 742 -13.12 3.96 -39.84
C SER B 742 -12.05 4.15 -40.91
N ARG B 743 -11.48 3.04 -41.38
CA ARG B 743 -10.46 3.08 -42.42
C ARG B 743 -10.81 2.09 -43.52
N PHE B 744 -11.43 2.63 -44.58
CA PHE B 744 -12.09 1.82 -45.60
C PHE B 744 -11.23 1.62 -46.85
N GLY B 745 -9.92 1.49 -46.67
CA GLY B 745 -9.05 1.14 -47.77
C GLY B 745 -9.34 -0.26 -48.26
N GLU B 746 -8.90 -0.59 -49.47
CA GLU B 746 -9.09 -1.92 -50.03
C GLU B 746 -8.22 -2.96 -49.30
N GLY B 747 -8.76 -4.15 -49.10
CA GLY B 747 -8.01 -5.23 -48.47
C GLY B 747 -8.85 -6.26 -47.73
N ARG B 748 -8.47 -6.56 -46.50
CA ARG B 748 -9.12 -7.60 -45.71
C ARG B 748 -10.53 -7.21 -45.28
N LEU B 749 -10.75 -5.93 -45.00
CA LEU B 749 -12.06 -5.47 -44.55
C LEU B 749 -13.15 -5.88 -45.54
N TYR B 750 -12.78 -5.96 -46.81
CA TYR B 750 -13.70 -6.31 -47.87
C TYR B 750 -13.64 -7.80 -48.20
N ASP B 751 -12.42 -8.34 -48.22
CA ASP B 751 -12.16 -9.67 -48.77
C ASP B 751 -12.34 -10.81 -47.78
N VAL B 752 -11.84 -10.64 -46.56
CA VAL B 752 -11.84 -11.72 -45.57
C VAL B 752 -13.24 -12.25 -45.28
N PRO B 753 -14.25 -11.36 -45.14
CA PRO B 753 -15.61 -11.85 -44.91
C PRO B 753 -16.10 -12.79 -46.02
N VAL B 754 -15.64 -12.57 -47.25
CA VAL B 754 -16.05 -13.40 -48.39
C VAL B 754 -15.32 -14.74 -48.39
N LYS B 755 -14.01 -14.70 -48.14
CA LYS B 755 -13.17 -15.88 -48.11
C LYS B 755 -13.65 -16.91 -47.06
N LEU B 756 -14.32 -16.42 -46.03
CA LEU B 756 -14.84 -17.27 -44.95
C LEU B 756 -16.29 -17.70 -45.19
N GLY B 757 -16.94 -17.08 -46.16
CA GLY B 757 -18.33 -17.38 -46.47
C GLY B 757 -19.33 -16.66 -45.56
N TRP B 758 -18.85 -15.63 -44.87
CA TRP B 758 -19.71 -14.78 -44.06
C TRP B 758 -20.55 -13.89 -44.97
N LEU B 759 -20.01 -13.60 -46.15
CA LEU B 759 -20.74 -12.90 -47.19
C LEU B 759 -20.56 -13.64 -48.50
N ASP B 760 -21.52 -13.49 -49.40
CA ASP B 760 -21.43 -14.08 -50.72
C ASP B 760 -20.59 -13.18 -51.64
N GLU B 761 -20.67 -11.87 -51.40
CA GLU B 761 -19.96 -10.89 -52.21
C GLU B 761 -19.49 -9.72 -51.34
N PRO B 762 -18.32 -9.12 -51.67
CA PRO B 762 -17.81 -8.01 -50.86
C PRO B 762 -18.73 -6.81 -50.83
N LEU B 763 -18.80 -6.12 -49.70
CA LEU B 763 -19.55 -4.88 -49.62
C LEU B 763 -18.77 -3.79 -50.35
N THR B 764 -19.46 -2.71 -50.67
CA THR B 764 -18.82 -1.52 -51.22
C THR B 764 -18.40 -0.61 -50.08
N GLU B 765 -17.53 0.36 -50.38
CA GLU B 765 -17.13 1.35 -49.39
C GLU B 765 -18.37 2.09 -48.88
N ALA B 766 -19.29 2.36 -49.80
CA ALA B 766 -20.51 3.09 -49.46
C ALA B 766 -21.45 2.28 -48.57
N GLN B 767 -21.19 0.98 -48.43
CA GLN B 767 -22.03 0.09 -47.64
C GLN B 767 -21.45 -0.18 -46.26
N MET B 768 -20.22 0.28 -46.01
CA MET B 768 -19.60 0.08 -44.71
C MET B 768 -20.36 0.86 -43.63
N ASN B 769 -20.19 0.45 -42.38
CA ASN B 769 -20.95 1.01 -41.27
C ASN B 769 -20.72 2.52 -41.10
N PRO B 770 -21.78 3.33 -41.32
CA PRO B 770 -21.60 4.78 -41.24
C PRO B 770 -21.30 5.27 -39.83
N THR B 771 -21.66 4.45 -38.83
CA THR B 771 -21.45 4.80 -37.44
C THR B 771 -20.09 4.31 -36.96
N PRO B 772 -19.19 5.23 -36.56
CA PRO B 772 -17.87 4.78 -36.10
C PRO B 772 -17.95 3.94 -34.83
N MET B 773 -17.03 2.98 -34.72
CA MET B 773 -16.82 2.27 -33.47
C MET B 773 -16.41 3.31 -32.42
N PRO B 774 -17.22 3.47 -31.36
CA PRO B 774 -17.04 4.66 -30.51
C PRO B 774 -15.95 4.54 -29.44
N PHE B 775 -15.50 3.32 -29.14
CA PHE B 775 -14.53 3.10 -28.08
C PHE B 775 -13.14 2.80 -28.65
N LEU C 22 -26.48 38.90 -24.06
CA LEU C 22 -25.49 39.97 -23.81
C LEU C 22 -24.37 39.92 -24.82
N SER C 23 -23.37 40.77 -24.63
CA SER C 23 -22.25 40.80 -25.53
C SER C 23 -21.65 39.42 -25.56
N SER C 24 -21.16 38.99 -26.71
CA SER C 24 -20.55 37.68 -26.81
C SER C 24 -19.34 37.63 -25.91
N GLN C 25 -18.74 38.79 -25.68
CA GLN C 25 -17.58 38.87 -24.79
C GLN C 25 -17.94 38.45 -23.39
N LEU C 26 -19.17 38.69 -22.97
CA LEU C 26 -19.63 38.25 -21.65
C LEU C 26 -20.13 36.81 -21.67
N ALA C 27 -20.63 36.38 -22.82
CA ALA C 27 -21.13 35.02 -22.99
C ALA C 27 -20.00 34.01 -23.09
N GLU C 28 -18.90 34.41 -23.72
CA GLU C 28 -17.76 33.51 -23.92
C GLU C 28 -16.99 33.22 -22.64
N LEU C 29 -17.19 34.06 -21.62
CA LEU C 29 -16.45 33.92 -20.37
C LEU C 29 -16.61 32.51 -19.83
N SER C 30 -15.51 31.89 -19.47
CA SER C 30 -15.55 30.57 -18.84
C SER C 30 -14.30 30.35 -17.99
N GLU C 31 -14.50 29.83 -16.79
CA GLU C 31 -13.44 29.54 -15.85
C GLU C 31 -13.52 28.07 -15.50
N GLU C 32 -12.45 27.33 -15.78
CA GLU C 32 -12.43 25.90 -15.53
C GLU C 32 -11.13 25.53 -14.82
N ALA C 33 -11.18 24.45 -14.03
CA ALA C 33 -10.00 23.95 -13.35
C ALA C 33 -9.47 22.72 -14.10
N LEU C 34 -8.22 22.37 -13.85
CA LEU C 34 -7.50 21.42 -14.72
C LEU C 34 -7.20 20.06 -14.07
N GLY C 35 -8.09 19.60 -13.19
CA GLY C 35 -8.01 18.24 -12.64
C GLY C 35 -8.12 18.21 -11.14
N LEU D 22 37.19 -20.59 34.17
CA LEU D 22 36.42 -19.67 33.29
C LEU D 22 35.59 -18.66 34.10
N SER D 23 35.18 -19.07 35.31
CA SER D 23 34.50 -18.20 36.28
C SER D 23 32.99 -18.15 36.09
N SER D 24 32.26 -17.95 37.19
CA SER D 24 30.80 -17.91 37.17
C SER D 24 30.28 -16.48 36.97
N GLN D 25 30.68 -15.57 37.86
CA GLN D 25 30.28 -14.16 37.77
C GLN D 25 30.43 -13.63 36.35
N LEU D 26 31.46 -14.08 35.65
CA LEU D 26 31.73 -13.65 34.28
C LEU D 26 31.00 -14.47 33.23
N ALA D 27 30.62 -15.70 33.57
CA ALA D 27 29.97 -16.58 32.62
C ALA D 27 28.53 -16.17 32.38
N GLU D 28 27.80 -15.90 33.45
CA GLU D 28 26.38 -15.57 33.36
C GLU D 28 26.11 -14.35 32.49
N LEU D 29 27.17 -13.59 32.19
CA LEU D 29 27.05 -12.39 31.36
C LEU D 29 26.58 -12.71 29.95
N SER D 30 25.41 -12.18 29.59
CA SER D 30 24.90 -12.27 28.22
C SER D 30 24.28 -10.93 27.81
N GLU D 31 24.18 -10.70 26.51
CA GLU D 31 23.65 -9.46 25.97
C GLU D 31 22.76 -9.79 24.78
N GLU D 32 21.63 -9.11 24.68
CA GLU D 32 20.63 -9.43 23.67
C GLU D 32 19.77 -8.23 23.33
N ALA D 33 19.33 -8.18 22.07
CA ALA D 33 18.50 -7.09 21.60
C ALA D 33 17.03 -7.47 21.60
N LEU D 34 16.23 -6.72 22.35
CA LEU D 34 14.80 -6.94 22.43
C LEU D 34 14.12 -6.44 21.15
#